data_4TUI
#
_entry.id   4TUI
#
_cell.length_a   90.468
_cell.length_b   183.966
_cell.length_c   106.538
_cell.angle_alpha   90.00
_cell.angle_beta   99.46
_cell.angle_gamma   90.00
#
_symmetry.space_group_name_H-M   'P 1 21 1'
#
loop_
_entity.id
_entity.type
_entity.pdbx_description
1 polymer 'DNA double-strand break repair protein Mre11'
2 polymer "DNA (5'-D(P*TP*GP*GP*CP*AP*CP*GP*TP*AP*GP*GP*AP*C)-3')"
3 polymer "DNA (5'-D(P*TP*CP*CP*TP*AP*CP*GP*TP*GP*CP*CP*AP*G)-3')"
#
loop_
_entity_poly.entity_id
_entity_poly.type
_entity_poly.pdbx_seq_one_letter_code
_entity_poly.pdbx_strand_id
1 'polypeptide(L)'
;RGSHMMFVHIADNHLGYRQYNLDDREKDIYDSFKLCIKKILEIKPDVVLHSGDLFNDLRPPVKALRIAMQAFKKLHENNI
KVYIVAGNHEMPRRLGEESPLALLKDYVKILDGKDVINVNGEEIFICGTYYHKKSKREEMLDKLKNFESEAKNYKKKILM
LHQGINPYIPLDYELEHFDLPKFSYYALGHIHKRILERFNDGILAYSGSTEIIYRNEYEDYKKEGKGFYLVDFSGNDLDI
SDIEKIDIECREFVEVNIKDKKSFNEAVNKIERCKNKPVVFGKIKREFKPWFDTLKDKILINKAIIVDDEFIDMPDNVDI
ESLNIKELLVDYANRQG
;
C,A,B,D,E,F
2 'polydeoxyribonucleotide' (DT)(DG)(DG)(DC)(DA)(DC)(DG)(DT)(DA)(DG)(DG)(DA)(DC) G
3 'polydeoxyribonucleotide' (DT)(DC)(DC)(DT)(DA)(DC)(DG)(DT)(DG)(DC)(DC)(DA)(DG) H
#
loop_
_chem_comp.id
_chem_comp.type
_chem_comp.name
_chem_comp.formula
DA DNA linking 2'-DEOXYADENOSINE-5'-MONOPHOSPHATE 'C10 H14 N5 O6 P'
DC DNA linking 2'-DEOXYCYTIDINE-5'-MONOPHOSPHATE 'C9 H14 N3 O7 P'
DG DNA linking 2'-DEOXYGUANOSINE-5'-MONOPHOSPHATE 'C10 H14 N5 O7 P'
DT DNA linking THYMIDINE-5'-MONOPHOSPHATE 'C10 H15 N2 O8 P'
#
# COMPACT_ATOMS: atom_id res chain seq x y z
N HIS A 4 5.63 4.70 71.85
CA HIS A 4 6.89 5.40 71.95
C HIS A 4 7.62 5.39 70.60
N MET A 5 7.33 4.38 69.80
CA MET A 5 8.03 4.17 68.54
C MET A 5 7.20 3.43 67.53
N MET A 6 7.35 3.81 66.26
CA MET A 6 6.74 3.12 65.13
C MET A 6 7.59 3.41 63.91
N PHE A 7 7.49 2.57 62.89
CA PHE A 7 8.05 2.93 61.59
C PHE A 7 7.28 2.32 60.42
N VAL A 8 7.60 2.78 59.21
CA VAL A 8 6.81 2.45 58.04
C VAL A 8 7.64 1.71 56.99
N HIS A 9 7.09 0.61 56.47
CA HIS A 9 7.74 -0.15 55.42
C HIS A 9 6.99 0.08 54.14
N ILE A 10 7.68 0.61 53.14
CA ILE A 10 7.05 0.87 51.84
C ILE A 10 8.03 0.52 50.72
N ALA A 11 7.50 0.22 49.54
CA ALA A 11 8.37 -0.05 48.40
C ALA A 11 7.64 -0.07 47.08
N ASP A 12 8.44 -0.06 46.00
CA ASP A 12 7.97 -0.18 44.63
C ASP A 12 6.84 0.78 44.25
N ASN A 13 7.12 2.09 44.29
CA ASN A 13 6.16 3.08 43.84
C ASN A 13 6.22 3.23 42.33
N HIS A 14 7.37 2.88 41.76
CA HIS A 14 7.58 2.87 40.31
C HIS A 14 7.29 4.21 39.66
N LEU A 15 7.85 5.27 40.24
CA LEU A 15 7.57 6.63 39.78
C LEU A 15 7.91 6.83 38.31
N GLY A 16 6.91 7.26 37.53
CA GLY A 16 7.09 7.56 36.14
C GLY A 16 6.71 6.44 35.21
N TYR A 17 5.96 5.47 35.74
CA TYR A 17 5.47 4.35 34.94
C TYR A 17 4.32 4.81 34.06
N ARG A 18 4.38 4.47 32.78
CA ARG A 18 3.38 4.93 31.84
C ARG A 18 2.65 3.77 31.18
N GLN A 19 1.81 3.08 31.97
CA GLN A 19 1.12 1.89 31.51
C GLN A 19 0.25 2.13 30.28
N TYR A 20 0.41 1.27 29.27
CA TYR A 20 -0.30 1.40 28.00
C TYR A 20 -0.09 2.76 27.31
N ASN A 21 1.00 3.44 27.62
CA ASN A 21 1.27 4.77 27.06
C ASN A 21 0.09 5.73 27.29
N LEU A 22 -0.55 5.62 28.45
CA LEU A 22 -1.68 6.47 28.82
C LEU A 22 -1.27 7.56 29.78
N ASP A 23 -1.76 8.78 29.52
CA ASP A 23 -1.50 9.89 30.41
C ASP A 23 -2.00 9.62 31.83
N ASP A 24 -3.22 9.11 31.95
CA ASP A 24 -3.83 8.92 33.25
C ASP A 24 -3.09 7.92 34.12
N ARG A 25 -2.51 6.90 33.51
CA ARG A 25 -1.80 5.88 34.28
C ARG A 25 -0.52 6.44 34.88
N GLU A 26 0.18 7.27 34.10
CA GLU A 26 1.37 7.92 34.62
C GLU A 26 0.98 8.81 35.78
N LYS A 27 -0.17 9.47 35.65
CA LYS A 27 -0.67 10.34 36.71
C LYS A 27 -1.04 9.48 37.91
N ASP A 28 -1.74 8.39 37.65
CA ASP A 28 -2.19 7.44 38.67
C ASP A 28 -1.06 7.00 39.58
N ILE A 29 0.08 6.63 38.98
CA ILE A 29 1.25 6.24 39.72
C ILE A 29 1.68 7.37 40.67
N TYR A 30 1.69 8.58 40.14
CA TYR A 30 2.08 9.76 40.90
C TYR A 30 1.13 9.98 42.07
N ASP A 31 -0.17 9.82 41.80
CA ASP A 31 -1.19 10.14 42.78
C ASP A 31 -1.09 9.21 43.97
N SER A 32 -1.00 7.91 43.70
CA SER A 32 -0.90 6.93 44.76
C SER A 32 0.32 7.18 45.63
N PHE A 33 1.44 7.50 44.99
CA PHE A 33 2.68 7.81 45.71
C PHE A 33 2.47 8.94 46.68
N LYS A 34 1.86 10.02 46.18
CA LYS A 34 1.60 11.18 47.00
C LYS A 34 0.65 10.82 48.13
N LEU A 35 -0.29 9.94 47.83
CA LEU A 35 -1.33 9.56 48.78
C LEU A 35 -0.69 8.83 49.96
N CYS A 36 0.25 7.95 49.64
CA CYS A 36 1.05 7.27 50.65
C CYS A 36 1.80 8.30 51.50
N ILE A 37 2.40 9.28 50.83
CA ILE A 37 3.18 10.31 51.49
C ILE A 37 2.32 11.14 52.42
N LYS A 38 1.11 11.47 51.96
CA LYS A 38 0.21 12.29 52.76
C LYS A 38 -0.10 11.58 54.07
N LYS A 39 -0.37 10.27 53.98
CA LYS A 39 -0.62 9.48 55.19
C LYS A 39 0.60 9.32 56.08
N ILE A 40 1.76 9.06 55.48
CA ILE A 40 2.98 8.88 56.25
C ILE A 40 3.27 10.16 57.04
N LEU A 41 2.89 11.30 56.50
CA LEU A 41 3.04 12.56 57.24
C LEU A 41 1.99 12.65 58.34
N GLU A 42 0.82 12.08 58.08
CA GLU A 42 -0.25 12.02 59.05
C GLU A 42 0.14 11.10 60.20
N ILE A 43 0.84 10.03 59.86
CA ILE A 43 1.25 9.00 60.81
C ILE A 43 2.40 9.46 61.70
N LYS A 44 3.32 10.21 61.11
CA LYS A 44 4.50 10.71 61.81
C LYS A 44 5.36 9.59 62.39
N PRO A 45 5.73 8.58 61.56
CA PRO A 45 6.57 7.51 62.11
C PRO A 45 7.97 8.00 62.39
N ASP A 46 8.72 7.30 63.22
CA ASP A 46 10.06 7.74 63.57
C ASP A 46 11.00 7.47 62.40
N VAL A 47 10.71 6.40 61.66
CA VAL A 47 11.57 6.00 60.55
C VAL A 47 10.72 5.54 59.37
N VAL A 48 11.27 5.62 58.16
CA VAL A 48 10.67 5.05 56.95
C VAL A 48 11.68 4.15 56.27
N LEU A 49 11.30 2.89 56.05
CA LEU A 49 12.13 1.96 55.30
C LEU A 49 11.62 1.79 53.88
N HIS A 50 12.43 2.18 52.90
CA HIS A 50 12.04 2.05 51.51
C HIS A 50 12.88 1.01 50.78
N SER A 51 12.19 -0.02 50.28
CA SER A 51 12.84 -1.21 49.76
C SER A 51 13.16 -1.19 48.27
N GLY A 52 13.17 -0.01 47.67
CA GLY A 52 13.66 0.15 46.32
C GLY A 52 12.63 0.33 45.23
N ASP A 53 13.13 0.58 44.02
CA ASP A 53 12.29 0.95 42.87
C ASP A 53 11.31 2.09 43.17
N LEU A 54 11.83 3.13 43.81
CA LEU A 54 11.08 4.35 44.02
C LEU A 54 10.73 4.89 42.63
N PHE A 55 11.73 4.91 41.76
CA PHE A 55 11.52 5.26 40.36
C PHE A 55 11.52 4.02 39.45
N ASN A 56 10.68 4.05 38.43
CA ASN A 56 10.56 2.93 37.52
C ASN A 56 11.69 2.87 36.49
N ASP A 57 12.46 3.95 36.39
CA ASP A 57 13.55 3.95 35.41
C ASP A 57 14.81 4.65 35.90
N LEU A 58 15.90 4.37 35.22
CA LEU A 58 17.21 4.89 35.59
C LEU A 58 17.37 6.37 35.23
N ARG A 59 16.75 6.76 34.12
CA ARG A 59 16.68 8.17 33.75
C ARG A 59 15.18 8.50 33.74
N PRO A 60 14.64 8.88 34.90
CA PRO A 60 13.19 9.04 35.04
C PRO A 60 12.68 10.36 34.48
N PRO A 61 11.38 10.43 34.18
CA PRO A 61 10.66 11.66 33.84
C PRO A 61 11.02 12.78 34.78
N VAL A 62 11.01 14.01 34.30
CA VAL A 62 11.36 15.13 35.15
C VAL A 62 10.26 15.25 36.20
N LYS A 63 9.02 15.09 35.77
CA LYS A 63 7.87 15.15 36.67
C LYS A 63 8.01 14.22 37.87
N ALA A 64 8.54 13.02 37.63
CA ALA A 64 8.72 12.05 38.70
C ALA A 64 9.72 12.54 39.78
N LEU A 65 10.90 12.99 39.34
CA LEU A 65 11.95 13.45 40.26
C LEU A 65 11.46 14.64 41.05
N ARG A 66 10.61 15.44 40.40
CA ARG A 66 9.99 16.58 41.04
C ARG A 66 9.14 16.12 42.19
N ILE A 67 8.25 15.18 41.89
CA ILE A 67 7.32 14.67 42.89
C ILE A 67 8.06 14.00 44.02
N ALA A 68 9.02 13.16 43.66
CA ALA A 68 9.82 12.43 44.64
C ALA A 68 10.64 13.36 45.54
N MET A 69 11.37 14.29 44.93
CA MET A 69 12.22 15.16 45.73
C MET A 69 11.39 16.03 46.68
N GLN A 70 10.25 16.53 46.21
CA GLN A 70 9.40 17.32 47.09
C GLN A 70 8.83 16.44 48.20
N ALA A 71 8.56 15.18 47.87
CA ALA A 71 8.03 14.22 48.84
C ALA A 71 8.97 13.93 50.02
N PHE A 72 10.18 13.48 49.69
CA PHE A 72 11.14 13.12 50.72
C PHE A 72 11.67 14.34 51.47
N LYS A 73 11.67 15.50 50.81
CA LYS A 73 12.03 16.73 51.48
C LYS A 73 10.99 16.99 52.57
N LYS A 74 9.72 16.81 52.22
CA LYS A 74 8.63 17.05 53.16
C LYS A 74 8.76 16.14 54.38
N LEU A 75 9.18 14.89 54.15
CA LEU A 75 9.43 13.95 55.24
C LEU A 75 10.60 14.37 56.11
N HIS A 76 11.72 14.73 55.48
CA HIS A 76 12.95 15.07 56.18
C HIS A 76 12.75 16.32 57.03
N GLU A 77 11.83 17.18 56.60
CA GLU A 77 11.56 18.43 57.31
C GLU A 77 10.69 18.19 58.53
N ASN A 78 10.07 17.02 58.58
CA ASN A 78 9.25 16.60 59.72
C ASN A 78 9.94 15.58 60.62
N ASN A 79 11.28 15.64 60.67
CA ASN A 79 12.09 14.73 61.47
C ASN A 79 11.78 13.24 61.28
N ILE A 80 11.24 12.90 60.12
CA ILE A 80 11.00 11.50 59.79
C ILE A 80 12.23 10.95 59.10
N LYS A 81 12.93 10.03 59.78
CA LYS A 81 14.15 9.45 59.21
C LYS A 81 13.82 8.47 58.10
N VAL A 82 14.60 8.50 57.02
CA VAL A 82 14.30 7.64 55.89
C VAL A 82 15.54 6.87 55.41
N TYR A 83 15.35 5.58 55.14
CA TYR A 83 16.39 4.74 54.57
C TYR A 83 15.83 4.16 53.27
N ILE A 84 16.70 3.96 52.29
CA ILE A 84 16.30 3.32 51.04
C ILE A 84 17.41 2.42 50.49
N VAL A 85 17.02 1.36 49.79
CA VAL A 85 17.98 0.53 49.08
C VAL A 85 17.67 0.60 47.58
N ALA A 86 18.69 0.42 46.76
CA ALA A 86 18.52 0.55 45.33
C ALA A 86 17.78 -0.67 44.81
N GLY A 87 16.68 -0.43 44.11
CA GLY A 87 15.98 -1.50 43.42
C GLY A 87 16.74 -1.79 42.14
N ASN A 88 16.28 -2.76 41.36
CA ASN A 88 16.96 -3.07 40.11
C ASN A 88 16.93 -1.90 39.13
N HIS A 89 15.82 -1.14 39.15
CA HIS A 89 15.63 -0.02 38.23
C HIS A 89 16.42 1.23 38.59
N GLU A 90 16.96 1.28 39.80
CA GLU A 90 17.69 2.47 40.21
C GLU A 90 19.17 2.22 40.24
N MET A 91 19.59 1.05 39.76
CA MET A 91 21.00 0.71 39.74
C MET A 91 21.58 0.99 38.35
N PRO A 92 22.58 1.88 38.28
CA PRO A 92 23.23 2.32 37.05
C PRO A 92 23.87 1.17 36.26
N ARG A 93 23.97 1.30 34.94
CA ARG A 93 24.53 0.25 34.10
C ARG A 93 25.91 0.59 33.55
N ARG A 94 26.09 1.84 33.13
CA ARG A 94 27.41 2.28 32.69
C ARG A 94 28.21 2.81 33.88
N LEU A 95 29.53 2.65 33.81
CA LEU A 95 30.40 3.10 34.89
C LEU A 95 30.42 4.62 35.07
N GLY A 96 29.88 5.08 36.20
CA GLY A 96 29.88 6.48 36.53
C GLY A 96 28.51 7.10 36.37
N GLU A 97 27.62 6.32 35.78
CA GLU A 97 26.23 6.73 35.64
C GLU A 97 25.73 6.77 37.07
N GLU A 98 24.98 7.81 37.42
CA GLU A 98 24.52 7.99 38.78
C GLU A 98 23.09 7.50 38.97
N SER A 99 22.75 7.12 40.19
CA SER A 99 21.41 6.61 40.45
C SER A 99 20.46 7.78 40.60
N PRO A 100 19.20 7.61 40.16
CA PRO A 100 18.18 8.63 40.41
C PRO A 100 18.01 8.88 41.90
N LEU A 101 18.32 7.86 42.71
CA LEU A 101 18.26 7.98 44.16
C LEU A 101 19.31 8.96 44.68
N ALA A 102 20.34 9.19 43.88
CA ALA A 102 21.39 10.13 44.23
C ALA A 102 20.84 11.54 44.36
N LEU A 103 19.72 11.80 43.69
CA LEU A 103 19.05 13.10 43.80
C LEU A 103 18.37 13.32 45.15
N LEU A 104 18.50 12.35 46.03
CA LEU A 104 17.78 12.39 47.30
C LEU A 104 18.72 12.43 48.50
N LYS A 105 20.02 12.50 48.23
CA LYS A 105 21.03 12.39 49.28
C LYS A 105 20.82 13.31 50.46
N ASP A 106 20.02 14.36 50.27
CA ASP A 106 19.82 15.35 51.32
C ASP A 106 18.61 15.06 52.19
N TYR A 107 17.79 14.12 51.76
CA TYR A 107 16.59 13.80 52.51
C TYR A 107 16.63 12.36 53.05
N VAL A 108 17.45 11.53 52.40
CA VAL A 108 17.40 10.08 52.58
C VAL A 108 18.77 9.45 52.77
N LYS A 109 18.83 8.41 53.62
CA LYS A 109 20.04 7.62 53.76
C LYS A 109 19.99 6.40 52.80
N ILE A 110 20.89 6.41 51.83
CA ILE A 110 21.07 5.27 50.92
C ILE A 110 21.98 4.22 51.58
N LEU A 111 21.49 2.99 51.69
CA LEU A 111 22.18 1.94 52.47
C LEU A 111 22.98 0.89 51.68
N ASP A 112 24.26 0.74 52.04
CA ASP A 112 25.07 -0.34 51.52
C ASP A 112 26.03 -0.77 52.60
N GLY A 113 25.48 -1.06 53.77
CA GLY A 113 26.26 -1.47 54.93
C GLY A 113 25.38 -1.51 56.17
N LYS A 114 25.99 -1.28 57.32
CA LYS A 114 25.25 -1.35 58.58
C LYS A 114 24.98 0.07 59.05
N ASP A 115 23.96 0.24 59.89
CA ASP A 115 23.83 1.46 60.68
C ASP A 115 22.89 1.23 61.85
N VAL A 116 23.20 1.87 62.98
CA VAL A 116 22.40 1.70 64.17
C VAL A 116 21.76 3.00 64.58
N ILE A 117 20.44 3.04 64.50
CA ILE A 117 19.72 4.28 64.73
C ILE A 117 19.27 4.38 66.18
N ASN A 118 19.62 5.49 66.81
CA ASN A 118 19.24 5.71 68.19
C ASN A 118 17.91 6.43 68.14
N VAL A 119 16.83 5.72 68.42
CA VAL A 119 15.50 6.30 68.36
C VAL A 119 15.03 6.61 69.76
N ASN A 120 13.95 7.37 69.86
CA ASN A 120 13.38 7.75 71.14
C ASN A 120 12.40 6.72 71.71
N GLY A 121 12.81 6.06 72.80
CA GLY A 121 14.12 6.26 73.38
C GLY A 121 14.87 4.95 73.51
N GLU A 122 15.60 4.58 72.46
CA GLU A 122 16.22 3.27 72.37
C GLU A 122 17.37 3.25 71.38
N GLU A 123 17.80 2.04 71.00
CA GLU A 123 18.88 1.85 70.05
C GLU A 123 18.58 0.59 69.24
N ILE A 124 18.49 0.74 67.92
CA ILE A 124 18.09 -0.37 67.04
C ILE A 124 18.92 -0.45 65.74
N PHE A 125 19.23 -1.66 65.30
CA PHE A 125 20.20 -1.91 64.24
C PHE A 125 19.57 -2.11 62.86
N ILE A 126 20.15 -1.47 61.84
CA ILE A 126 19.73 -1.65 60.44
C ILE A 126 20.89 -2.05 59.55
N CYS A 127 20.64 -2.99 58.65
CA CYS A 127 21.61 -3.27 57.61
C CYS A 127 20.85 -3.44 56.30
N GLY A 128 21.57 -3.33 55.20
CA GLY A 128 20.96 -3.52 53.90
C GLY A 128 21.98 -3.35 52.80
N THR A 129 21.59 -3.73 51.59
CA THR A 129 22.47 -3.50 50.46
C THR A 129 21.63 -3.41 49.20
N TYR A 130 22.21 -2.79 48.18
CA TYR A 130 21.54 -2.58 46.91
C TYR A 130 21.23 -3.90 46.21
N TYR A 131 20.52 -3.81 45.08
CA TYR A 131 20.11 -5.00 44.35
C TYR A 131 21.31 -5.68 43.72
N HIS A 132 21.56 -6.93 44.09
CA HIS A 132 22.56 -7.73 43.43
C HIS A 132 21.88 -8.72 42.52
N LYS A 133 22.54 -9.09 41.44
CA LYS A 133 22.01 -10.06 40.49
C LYS A 133 22.21 -11.52 40.94
N LYS A 134 21.49 -12.42 40.29
CA LYS A 134 21.67 -13.86 40.49
C LYS A 134 23.16 -14.19 40.35
N SER A 135 23.77 -13.65 39.30
CA SER A 135 25.19 -13.84 38.99
C SER A 135 26.09 -13.70 40.22
N LYS A 136 25.83 -12.69 41.04
CA LYS A 136 26.65 -12.44 42.21
C LYS A 136 25.95 -12.74 43.55
N ARG A 137 25.39 -13.94 43.66
CA ARG A 137 24.80 -14.40 44.92
C ARG A 137 25.87 -14.73 45.97
N GLU A 138 26.93 -15.40 45.54
CA GLU A 138 28.04 -15.75 46.42
C GLU A 138 28.53 -14.45 47.08
N GLU A 139 28.73 -13.43 46.23
CA GLU A 139 29.07 -12.08 46.66
C GLU A 139 28.13 -11.64 47.78
N MET A 140 26.84 -11.82 47.53
CA MET A 140 25.79 -11.40 48.46
C MET A 140 25.80 -12.17 49.80
N LEU A 141 26.07 -13.47 49.74
CA LEU A 141 26.07 -14.29 50.96
C LEU A 141 27.11 -13.83 51.97
N ASP A 142 28.31 -13.53 51.45
CA ASP A 142 29.41 -13.03 52.26
C ASP A 142 28.95 -11.77 52.97
N LYS A 143 28.28 -10.90 52.23
CA LYS A 143 27.69 -9.69 52.77
C LYS A 143 26.72 -10.04 53.89
N LEU A 144 25.91 -11.07 53.65
CA LEU A 144 24.84 -11.46 54.55
C LEU A 144 25.30 -12.05 55.90
N LYS A 145 26.25 -12.98 55.85
CA LYS A 145 26.81 -13.55 57.07
C LYS A 145 27.49 -12.48 57.91
N ASN A 146 27.98 -11.45 57.24
CA ASN A 146 28.65 -10.35 57.91
C ASN A 146 27.67 -9.44 58.63
N PHE A 147 26.45 -9.34 58.08
CA PHE A 147 25.39 -8.55 58.69
C PHE A 147 24.87 -9.16 59.98
N GLU A 148 24.69 -10.49 59.96
CA GLU A 148 24.33 -11.27 61.14
C GLU A 148 25.40 -11.08 62.21
N SER A 149 26.65 -11.07 61.77
CA SER A 149 27.81 -10.97 62.64
C SER A 149 27.82 -9.66 63.43
N GLU A 150 27.56 -8.56 62.74
CA GLU A 150 27.59 -7.25 63.39
C GLU A 150 26.29 -7.00 64.16
N ALA A 151 25.32 -7.88 63.98
CA ALA A 151 23.99 -7.70 64.59
C ALA A 151 23.71 -8.70 65.70
N LYS A 152 24.69 -9.56 65.99
CA LYS A 152 24.54 -10.61 67.01
C LYS A 152 24.08 -10.02 68.33
N ASN A 153 24.77 -8.96 68.76
CA ASN A 153 24.53 -8.33 70.05
C ASN A 153 23.46 -7.25 70.08
N TYR A 154 22.55 -7.28 69.11
CA TYR A 154 21.48 -6.29 69.10
C TYR A 154 20.13 -6.96 69.30
N LYS A 155 19.29 -6.35 70.12
CA LYS A 155 17.97 -6.89 70.40
C LYS A 155 17.14 -6.81 69.14
N LYS A 156 16.99 -5.59 68.64
CA LYS A 156 16.16 -5.29 67.48
C LYS A 156 17.04 -5.03 66.27
N LYS A 157 16.93 -5.89 65.26
CA LYS A 157 17.79 -5.86 64.08
C LYS A 157 16.94 -5.96 62.80
N ILE A 158 17.17 -5.07 61.85
CA ILE A 158 16.40 -5.07 60.60
C ILE A 158 17.24 -5.31 59.36
N LEU A 159 16.73 -6.16 58.47
CA LEU A 159 17.41 -6.39 57.20
C LEU A 159 16.56 -5.76 56.08
N MET A 160 17.20 -4.96 55.23
CA MET A 160 16.53 -4.39 54.06
C MET A 160 17.17 -4.93 52.79
N LEU A 161 16.34 -5.45 51.91
CA LEU A 161 16.84 -5.99 50.65
C LEU A 161 15.85 -5.78 49.54
N HIS A 162 16.36 -5.71 48.32
CA HIS A 162 15.48 -5.69 47.18
C HIS A 162 15.83 -6.84 46.26
N GLN A 163 15.39 -8.05 46.62
CA GLN A 163 15.63 -9.23 45.80
C GLN A 163 14.39 -10.12 45.85
N GLY A 164 14.37 -11.11 44.97
CA GLY A 164 13.34 -12.12 44.98
C GLY A 164 13.79 -13.34 45.75
N ILE A 165 12.97 -13.78 46.70
CA ILE A 165 13.30 -14.94 47.51
C ILE A 165 12.55 -16.19 47.04
N ASN A 166 13.26 -17.32 47.02
CA ASN A 166 12.87 -18.51 46.27
C ASN A 166 11.42 -19.04 46.42
N PRO A 167 10.97 -19.29 47.66
CA PRO A 167 9.59 -19.79 47.78
C PRO A 167 8.58 -18.73 47.40
N TYR A 168 8.94 -17.47 47.64
CA TYR A 168 8.01 -16.36 47.48
C TYR A 168 7.84 -15.95 46.03
N ILE A 169 8.82 -16.30 45.20
CA ILE A 169 8.73 -16.02 43.77
C ILE A 169 9.51 -17.08 42.98
N PRO A 170 8.80 -18.15 42.57
CA PRO A 170 9.32 -19.37 41.95
C PRO A 170 10.47 -19.14 40.97
N LEU A 171 10.20 -18.39 39.91
CA LEU A 171 11.23 -18.00 38.97
C LEU A 171 10.87 -16.60 38.52
N ASP A 172 11.79 -15.64 38.67
CA ASP A 172 13.15 -15.91 39.11
C ASP A 172 13.51 -15.28 40.45
N TYR A 173 14.40 -15.95 41.17
CA TYR A 173 14.86 -15.48 42.47
C TYR A 173 16.37 -15.37 42.48
N GLU A 174 16.89 -14.55 43.39
CA GLU A 174 18.32 -14.45 43.59
C GLU A 174 18.68 -15.08 44.94
N LEU A 175 17.70 -15.16 45.82
CA LEU A 175 17.90 -15.74 47.14
C LEU A 175 16.94 -16.89 47.43
N GLU A 176 17.44 -17.85 48.20
CA GLU A 176 16.65 -18.95 48.73
C GLU A 176 16.24 -18.53 50.13
N HIS A 177 15.04 -18.88 50.58
CA HIS A 177 14.57 -18.44 51.90
C HIS A 177 15.51 -18.79 53.07
N PHE A 178 16.43 -19.71 52.83
CA PHE A 178 17.38 -20.12 53.85
C PHE A 178 18.71 -19.37 53.77
N ASP A 179 18.77 -18.35 52.92
CA ASP A 179 20.00 -17.61 52.76
C ASP A 179 20.13 -16.50 53.78
N LEU A 180 19.00 -15.89 54.15
CA LEU A 180 19.05 -14.75 55.05
C LEU A 180 18.97 -15.12 56.53
N PRO A 181 19.96 -14.65 57.30
CA PRO A 181 20.14 -14.84 58.75
C PRO A 181 18.98 -14.31 59.58
N LYS A 182 19.05 -14.54 60.89
CA LYS A 182 17.96 -14.17 61.79
C LYS A 182 17.91 -12.68 62.09
N PHE A 183 16.79 -12.06 61.69
CA PHE A 183 16.51 -10.65 61.93
C PHE A 183 15.09 -10.46 62.45
N SER A 184 14.87 -9.32 63.12
CA SER A 184 13.57 -8.98 63.68
C SER A 184 12.53 -8.81 62.60
N TYR A 185 12.84 -7.93 61.66
CA TYR A 185 11.98 -7.58 60.53
C TYR A 185 12.75 -7.68 59.22
N TYR A 186 12.13 -8.31 58.23
CA TYR A 186 12.75 -8.39 56.92
C TYR A 186 12.04 -7.42 55.99
N ALA A 187 12.59 -6.21 55.89
CA ALA A 187 12.04 -5.16 55.03
C ALA A 187 12.44 -5.41 53.58
N LEU A 188 11.55 -6.08 52.86
CA LEU A 188 11.82 -6.54 51.49
C LEU A 188 11.01 -5.78 50.46
N GLY A 189 11.38 -5.91 49.20
CA GLY A 189 10.79 -5.07 48.17
C GLY A 189 10.32 -5.69 46.87
N HIS A 190 11.26 -6.32 46.18
CA HIS A 190 11.17 -6.65 44.75
C HIS A 190 9.85 -7.26 44.25
N ILE A 191 9.06 -7.83 45.17
CA ILE A 191 7.83 -8.52 44.82
C ILE A 191 6.65 -7.57 44.95
N HIS A 192 5.72 -7.65 44.01
CA HIS A 192 4.63 -6.68 43.93
C HIS A 192 3.42 -7.01 44.80
N LYS A 193 3.26 -8.28 45.16
CA LYS A 193 2.13 -8.65 46.02
C LYS A 193 2.54 -8.59 47.49
N ARG A 194 1.56 -8.33 48.35
CA ARG A 194 1.81 -8.24 49.79
C ARG A 194 2.23 -9.59 50.31
N ILE A 195 3.33 -9.63 51.06
CA ILE A 195 3.74 -10.85 51.73
C ILE A 195 4.15 -10.53 53.16
N LEU A 196 3.29 -10.89 54.11
CA LEU A 196 3.60 -10.71 55.52
C LEU A 196 3.27 -11.99 56.24
N GLU A 197 4.30 -12.59 56.83
CA GLU A 197 4.14 -13.84 57.55
C GLU A 197 5.35 -14.09 58.42
N ARG A 198 5.15 -14.82 59.52
CA ARG A 198 6.22 -15.12 60.46
C ARG A 198 7.32 -15.86 59.73
N PHE A 199 8.56 -15.66 60.17
CA PHE A 199 9.71 -16.20 59.45
C PHE A 199 11.00 -16.16 60.27
N ASN A 200 11.71 -17.28 60.24
CA ASN A 200 13.02 -17.46 60.89
C ASN A 200 13.14 -16.82 62.27
N ASP A 201 12.23 -17.17 63.16
CA ASP A 201 12.20 -16.64 64.53
C ASP A 201 12.13 -15.12 64.46
N GLY A 202 11.18 -14.63 63.67
CA GLY A 202 11.03 -13.20 63.43
C GLY A 202 9.88 -12.98 62.47
N ILE A 203 9.92 -11.90 61.70
CA ILE A 203 8.81 -11.62 60.81
C ILE A 203 9.24 -10.94 59.49
N LEU A 204 8.87 -11.55 58.36
CA LEU A 204 9.32 -11.09 57.03
C LEU A 204 8.17 -10.43 56.26
N ALA A 205 8.49 -9.36 55.54
CA ALA A 205 7.47 -8.64 54.78
C ALA A 205 7.92 -8.13 53.41
N TYR A 206 7.02 -8.24 52.43
CA TYR A 206 7.14 -7.49 51.20
C TYR A 206 6.00 -6.48 51.20
N SER A 207 6.35 -5.19 51.20
CA SER A 207 5.36 -4.11 51.25
C SER A 207 4.52 -4.09 49.99
N GLY A 208 5.15 -4.49 48.88
CA GLY A 208 4.44 -4.58 47.62
C GLY A 208 4.24 -3.23 46.97
N SER A 209 4.03 -3.27 45.66
CA SER A 209 3.88 -2.07 44.84
C SER A 209 2.71 -1.17 45.24
N THR A 210 2.88 0.14 45.12
CA THR A 210 1.87 1.11 45.57
C THR A 210 0.84 1.45 44.51
N GLU A 211 0.92 0.79 43.37
CA GLU A 211 -0.12 0.89 42.34
C GLU A 211 -0.07 -0.35 41.46
N ILE A 212 -1.11 -0.57 40.66
CA ILE A 212 -1.17 -1.74 39.81
C ILE A 212 -0.24 -1.64 38.60
N ILE A 213 0.85 -2.41 38.64
CA ILE A 213 1.87 -2.36 37.61
C ILE A 213 1.61 -3.34 36.47
N TYR A 214 0.94 -4.44 36.77
CA TYR A 214 0.61 -5.45 35.75
C TYR A 214 -0.84 -5.89 35.85
N ARG A 215 -1.36 -6.41 34.74
CA ARG A 215 -2.72 -6.96 34.66
C ARG A 215 -2.89 -8.15 35.61
N ASN A 216 -1.80 -8.52 36.26
CA ASN A 216 -1.70 -9.70 37.10
C ASN A 216 -2.26 -9.43 38.51
N GLU A 217 -1.83 -8.33 39.09
CA GLU A 217 -2.10 -8.01 40.48
C GLU A 217 -3.47 -7.40 40.72
N TYR A 218 -4.37 -7.56 39.77
CA TYR A 218 -5.65 -6.86 39.80
C TYR A 218 -6.48 -7.16 41.05
N GLU A 219 -6.42 -8.40 41.52
CA GLU A 219 -7.27 -8.86 42.61
C GLU A 219 -6.52 -9.05 43.92
N ASP A 220 -5.20 -9.05 43.84
CA ASP A 220 -4.42 -9.04 45.07
C ASP A 220 -4.73 -7.72 45.76
N TYR A 221 -5.03 -6.69 44.97
CA TYR A 221 -5.50 -5.43 45.51
C TYR A 221 -6.91 -5.64 46.05
N LYS A 222 -7.67 -6.52 45.41
CA LYS A 222 -9.00 -6.86 45.91
C LYS A 222 -8.90 -7.60 47.24
N LYS A 223 -8.06 -8.63 47.31
CA LYS A 223 -8.03 -9.46 48.52
C LYS A 223 -7.00 -9.04 49.57
N GLU A 224 -5.82 -8.59 49.14
CA GLU A 224 -4.81 -8.13 50.08
C GLU A 224 -4.76 -6.61 50.17
N GLY A 225 -4.99 -5.95 49.04
CA GLY A 225 -4.94 -4.50 49.00
C GLY A 225 -3.53 -3.99 48.84
N LYS A 226 -3.34 -2.98 48.00
CA LYS A 226 -2.01 -2.41 47.79
C LYS A 226 -1.80 -1.23 48.75
N GLY A 227 -0.55 -0.97 49.10
CA GLY A 227 -0.24 0.12 50.00
C GLY A 227 1.08 -0.07 50.71
N PHE A 228 1.07 0.07 52.03
CA PHE A 228 2.27 -0.12 52.82
C PHE A 228 1.95 -0.59 54.23
N TYR A 229 2.96 -1.15 54.91
CA TYR A 229 2.83 -1.62 56.29
C TYR A 229 3.29 -0.56 57.28
N LEU A 230 2.71 -0.59 58.48
CA LEU A 230 3.15 0.27 59.57
C LEU A 230 3.44 -0.57 60.80
N VAL A 231 4.73 -0.76 61.07
CA VAL A 231 5.20 -1.59 62.15
C VAL A 231 5.42 -0.70 63.37
N ASP A 232 5.03 -1.13 64.56
CA ASP A 232 5.28 -0.27 65.72
C ASP A 232 6.63 -0.56 66.37
N PHE A 233 6.91 -1.84 66.61
CA PHE A 233 8.19 -2.26 67.18
C PHE A 233 8.48 -1.61 68.53
N SER A 234 7.43 -1.30 69.28
CA SER A 234 7.60 -0.73 70.62
C SER A 234 8.02 -1.82 71.60
N GLY A 235 7.27 -2.91 71.63
CA GLY A 235 7.52 -3.97 72.59
C GLY A 235 8.73 -4.81 72.24
N ASN A 236 9.08 -5.74 73.13
CA ASN A 236 10.22 -6.62 72.93
C ASN A 236 9.99 -7.57 71.77
N ASP A 237 8.75 -8.02 71.63
CA ASP A 237 8.38 -8.91 70.55
C ASP A 237 7.82 -8.16 69.35
N LEU A 238 7.90 -8.80 68.19
CA LEU A 238 7.17 -8.35 67.02
C LEU A 238 6.45 -9.53 66.41
N ASP A 239 5.14 -9.38 66.25
CA ASP A 239 4.32 -10.43 65.69
C ASP A 239 3.52 -9.77 64.60
N ILE A 240 2.70 -10.56 63.91
CA ILE A 240 1.83 -10.04 62.88
C ILE A 240 0.84 -9.06 63.52
N SER A 241 0.47 -9.33 64.77
CA SER A 241 -0.52 -8.53 65.47
C SER A 241 -0.13 -7.05 65.67
N ASP A 242 1.16 -6.74 65.63
CA ASP A 242 1.57 -5.34 65.77
C ASP A 242 2.04 -4.74 64.44
N ILE A 243 1.41 -5.17 63.36
CA ILE A 243 1.67 -4.62 62.03
C ILE A 243 0.37 -4.29 61.33
N GLU A 244 0.13 -3.01 61.08
CA GLU A 244 -1.06 -2.58 60.35
C GLU A 244 -0.74 -2.48 58.87
N LYS A 245 -1.65 -2.92 58.02
CA LYS A 245 -1.48 -2.70 56.61
C LYS A 245 -2.35 -1.51 56.19
N ILE A 246 -1.72 -0.40 55.81
CA ILE A 246 -2.46 0.75 55.32
C ILE A 246 -2.65 0.59 53.82
N ASP A 247 -3.91 0.56 53.41
CA ASP A 247 -4.24 0.36 52.02
C ASP A 247 -4.31 1.70 51.28
N ILE A 248 -4.24 1.64 49.97
CA ILE A 248 -4.21 2.84 49.14
C ILE A 248 -5.16 2.71 47.96
N GLU A 249 -6.05 3.68 47.83
CA GLU A 249 -6.97 3.70 46.70
C GLU A 249 -6.19 3.86 45.42
N CYS A 250 -6.42 2.98 44.45
CA CYS A 250 -5.76 3.14 43.17
C CYS A 250 -6.62 2.71 41.97
N ARG A 251 -6.16 3.03 40.77
CA ARG A 251 -6.95 2.90 39.54
C ARG A 251 -7.52 1.50 39.43
N GLU A 252 -8.83 1.43 39.26
CA GLU A 252 -9.53 0.17 39.35
C GLU A 252 -9.55 -0.61 38.05
N PHE A 253 -9.41 -1.92 38.17
CA PHE A 253 -9.43 -2.80 37.01
C PHE A 253 -10.58 -3.76 37.18
N VAL A 254 -11.47 -3.80 36.19
CA VAL A 254 -12.52 -4.80 36.19
C VAL A 254 -12.25 -5.78 35.05
N GLU A 255 -12.28 -7.05 35.39
CA GLU A 255 -12.09 -8.09 34.40
C GLU A 255 -13.46 -8.51 33.89
N VAL A 256 -13.54 -8.77 32.59
CA VAL A 256 -14.78 -9.23 32.00
C VAL A 256 -14.56 -10.49 31.18
N ASN A 257 -15.64 -11.24 31.01
CA ASN A 257 -15.64 -12.42 30.17
C ASN A 257 -17.03 -12.54 29.57
N ILE A 258 -17.34 -11.62 28.67
CA ILE A 258 -18.68 -11.48 28.12
C ILE A 258 -18.93 -12.56 27.08
N LYS A 259 -19.80 -13.52 27.40
CA LYS A 259 -20.14 -14.57 26.45
C LYS A 259 -21.66 -14.75 26.26
N ASP A 260 -22.47 -14.11 27.10
CA ASP A 260 -23.92 -14.17 26.98
C ASP A 260 -24.57 -12.95 27.62
N LYS A 261 -25.89 -12.94 27.70
CA LYS A 261 -26.62 -11.80 28.27
C LYS A 261 -26.25 -11.55 29.72
N LYS A 262 -26.06 -12.64 30.46
CA LYS A 262 -25.67 -12.56 31.86
C LYS A 262 -24.33 -11.88 32.04
N SER A 263 -23.31 -12.43 31.37
CA SER A 263 -21.95 -11.94 31.53
C SER A 263 -21.81 -10.50 31.07
N PHE A 264 -22.63 -10.12 30.08
CA PHE A 264 -22.62 -8.76 29.55
C PHE A 264 -23.09 -7.81 30.62
N ASN A 265 -24.27 -8.06 31.16
CA ASN A 265 -24.83 -7.21 32.20
C ASN A 265 -23.94 -7.21 33.44
N GLU A 266 -23.32 -8.36 33.71
CA GLU A 266 -22.39 -8.48 34.83
C GLU A 266 -21.21 -7.56 34.61
N ALA A 267 -20.79 -7.44 33.34
CA ALA A 267 -19.71 -6.54 33.00
C ALA A 267 -20.10 -5.08 33.13
N VAL A 268 -21.26 -4.71 32.60
CA VAL A 268 -21.72 -3.32 32.67
C VAL A 268 -21.86 -2.86 34.10
N ASN A 269 -22.49 -3.69 34.91
CA ASN A 269 -22.72 -3.35 36.31
C ASN A 269 -21.42 -3.17 37.05
N LYS A 270 -20.47 -4.06 36.81
CA LYS A 270 -19.15 -3.91 37.42
C LYS A 270 -18.52 -2.57 37.05
N ILE A 271 -18.69 -2.16 35.80
CA ILE A 271 -18.15 -0.89 35.35
C ILE A 271 -18.94 0.27 35.93
N GLU A 272 -20.24 0.10 36.12
CA GLU A 272 -21.06 1.17 36.65
C GLU A 272 -20.69 1.51 38.10
N ARG A 273 -20.41 0.50 38.92
CA ARG A 273 -20.11 0.78 40.33
C ARG A 273 -18.66 1.22 40.54
N CYS A 274 -17.94 1.47 39.46
CA CYS A 274 -16.57 1.97 39.58
C CYS A 274 -16.64 3.43 39.90
N LYS A 275 -15.82 3.88 40.86
CA LYS A 275 -15.82 5.28 41.23
C LYS A 275 -15.28 6.13 40.09
N ASN A 276 -14.18 5.67 39.49
CA ASN A 276 -13.60 6.32 38.33
C ASN A 276 -13.27 5.33 37.22
N LYS A 277 -13.35 5.80 35.97
CA LYS A 277 -13.16 4.98 34.77
C LYS A 277 -12.04 3.95 34.90
N PRO A 278 -12.41 2.66 34.82
CA PRO A 278 -11.54 1.52 35.06
C PRO A 278 -10.86 0.99 33.80
N VAL A 279 -9.76 0.28 33.98
CA VAL A 279 -9.17 -0.46 32.89
C VAL A 279 -9.92 -1.77 32.79
N VAL A 280 -10.58 -2.00 31.67
CA VAL A 280 -11.33 -3.22 31.50
C VAL A 280 -10.46 -4.19 30.69
N PHE A 281 -10.41 -5.44 31.10
CA PHE A 281 -9.60 -6.45 30.43
C PHE A 281 -10.20 -7.84 30.52
N GLY A 282 -9.71 -8.76 29.70
CA GLY A 282 -10.23 -10.11 29.68
C GLY A 282 -10.64 -10.51 28.28
N LYS A 283 -11.80 -11.15 28.15
CA LYS A 283 -12.28 -11.59 26.84
C LYS A 283 -13.69 -11.12 26.53
N ILE A 284 -13.93 -10.82 25.26
CA ILE A 284 -15.28 -10.53 24.79
C ILE A 284 -15.56 -11.25 23.47
N LYS A 285 -16.70 -11.95 23.43
CA LYS A 285 -17.16 -12.59 22.21
C LYS A 285 -17.51 -11.48 21.23
N ARG A 286 -17.11 -11.66 19.98
CA ARG A 286 -17.32 -10.68 18.92
C ARG A 286 -18.71 -10.07 18.94
N GLU A 287 -19.72 -10.93 19.12
CA GLU A 287 -21.13 -10.59 19.02
C GLU A 287 -21.53 -9.48 19.98
N PHE A 288 -20.74 -9.29 21.02
CA PHE A 288 -21.08 -8.36 22.06
C PHE A 288 -20.27 -7.09 21.97
N LYS A 289 -19.20 -7.13 21.19
CA LYS A 289 -18.25 -6.01 21.19
C LYS A 289 -18.82 -4.68 20.69
N PRO A 290 -19.66 -4.68 19.62
CA PRO A 290 -20.25 -3.39 19.24
C PRO A 290 -21.20 -2.88 20.30
N TRP A 291 -21.85 -3.79 21.00
CA TRP A 291 -22.77 -3.41 22.07
C TRP A 291 -21.96 -2.85 23.23
N PHE A 292 -20.81 -3.47 23.46
CA PHE A 292 -19.90 -3.07 24.53
C PHE A 292 -19.25 -1.72 24.27
N ASP A 293 -19.18 -1.32 22.99
CA ASP A 293 -18.55 -0.06 22.62
C ASP A 293 -19.35 1.14 23.10
N THR A 294 -20.50 0.89 23.71
CA THR A 294 -21.36 1.95 24.23
C THR A 294 -20.80 2.49 25.54
N LEU A 295 -19.93 1.72 26.17
CA LEU A 295 -19.38 2.13 27.44
C LEU A 295 -18.00 2.79 27.30
N LYS A 296 -17.61 3.15 26.08
CA LYS A 296 -16.24 3.64 25.88
C LYS A 296 -16.03 4.94 26.65
N ASP A 297 -17.13 5.61 26.98
CA ASP A 297 -17.06 6.84 27.77
C ASP A 297 -16.91 6.52 29.25
N LYS A 298 -17.51 5.42 29.68
CA LYS A 298 -17.51 5.02 31.09
C LYS A 298 -16.24 4.22 31.44
N ILE A 299 -15.38 4.02 30.44
CA ILE A 299 -14.22 3.16 30.58
C ILE A 299 -12.94 3.95 30.29
N LEU A 300 -11.87 3.68 31.02
CA LEU A 300 -10.61 4.39 30.79
C LEU A 300 -9.98 3.89 29.50
N ILE A 301 -9.72 2.60 29.46
CA ILE A 301 -9.17 1.94 28.29
C ILE A 301 -9.56 0.48 28.24
N ASN A 302 -10.01 0.03 27.07
CA ASN A 302 -10.39 -1.36 26.91
C ASN A 302 -9.27 -2.22 26.38
N LYS A 303 -8.81 -3.15 27.21
CA LYS A 303 -7.73 -4.03 26.83
C LYS A 303 -8.23 -5.46 26.93
N ALA A 304 -9.15 -5.81 26.03
CA ALA A 304 -9.75 -7.13 26.07
C ALA A 304 -9.55 -7.82 24.74
N ILE A 305 -9.38 -9.15 24.78
CA ILE A 305 -9.24 -9.90 23.54
C ILE A 305 -10.64 -10.19 23.02
N ILE A 306 -10.80 -10.04 21.71
CA ILE A 306 -12.09 -10.27 21.07
C ILE A 306 -12.13 -11.68 20.48
N VAL A 307 -13.02 -12.52 21.00
CA VAL A 307 -13.08 -13.91 20.56
C VAL A 307 -14.16 -14.12 19.49
N ASP A 308 -13.77 -14.65 18.35
CA ASP A 308 -14.72 -14.90 17.27
C ASP A 308 -15.13 -16.37 17.17
N ASP A 309 -14.71 -17.17 18.15
CA ASP A 309 -15.12 -18.58 18.22
C ASP A 309 -16.42 -18.77 19.00
N GLU A 310 -17.26 -19.70 18.55
CA GLU A 310 -18.45 -20.10 19.28
C GLU A 310 -18.15 -21.36 20.08
N PHE A 311 -18.05 -21.19 21.39
CA PHE A 311 -17.67 -22.28 22.28
C PHE A 311 -18.87 -23.00 22.90
N ILE A 312 -18.75 -24.32 23.05
CA ILE A 312 -19.77 -25.15 23.71
C ILE A 312 -19.44 -25.30 25.19
N ASP A 313 -18.59 -24.41 25.69
CA ASP A 313 -18.17 -24.45 27.08
C ASP A 313 -19.39 -24.39 28.00
N MET A 314 -19.57 -25.46 28.79
CA MET A 314 -20.68 -25.58 29.72
C MET A 314 -20.21 -25.93 31.13
N PRO A 315 -20.68 -25.18 32.14
CA PRO A 315 -20.27 -25.49 33.51
C PRO A 315 -21.02 -26.71 34.01
N ASP A 316 -20.42 -27.46 34.92
CA ASP A 316 -21.08 -28.61 35.50
C ASP A 316 -21.85 -28.21 36.75
N ARG B 1 -0.41 -4.37 -11.42
CA ARG B 1 0.69 -4.91 -12.22
C ARG B 1 1.90 -5.23 -11.36
N GLY B 2 2.28 -6.50 -11.33
CA GLY B 2 3.35 -6.98 -10.48
C GLY B 2 2.82 -7.94 -9.43
N SER B 3 3.11 -7.71 -8.16
CA SER B 3 3.93 -6.58 -7.69
C SER B 3 4.61 -7.00 -6.40
N HIS B 4 5.00 -6.00 -5.61
CA HIS B 4 5.46 -6.28 -4.26
C HIS B 4 4.20 -6.48 -3.43
N MET B 5 3.12 -5.87 -3.90
CA MET B 5 1.82 -5.88 -3.23
C MET B 5 0.71 -5.53 -4.22
N MET B 6 -0.46 -6.12 -4.03
CA MET B 6 -1.68 -5.75 -4.76
C MET B 6 -2.86 -6.08 -3.88
N PHE B 7 -4.00 -5.43 -4.11
CA PHE B 7 -5.20 -5.86 -3.39
C PHE B 7 -6.45 -5.64 -4.21
N VAL B 8 -7.54 -6.20 -3.69
CA VAL B 8 -8.81 -6.18 -4.38
C VAL B 8 -9.79 -5.47 -3.47
N HIS B 9 -10.52 -4.52 -4.04
CA HIS B 9 -11.56 -3.87 -3.28
C HIS B 9 -12.88 -4.35 -3.83
N ILE B 10 -13.69 -4.95 -2.97
CA ILE B 10 -15.01 -5.44 -3.37
C ILE B 10 -15.99 -5.10 -2.26
N ALA B 11 -17.27 -5.02 -2.60
CA ALA B 11 -18.28 -4.80 -1.58
C ALA B 11 -19.66 -5.02 -2.14
N ASP B 12 -20.63 -5.08 -1.23
CA ASP B 12 -22.06 -5.17 -1.54
C ASP B 12 -22.43 -6.25 -2.55
N ASN B 13 -22.14 -7.52 -2.28
CA ASN B 13 -22.60 -8.58 -3.18
C ASN B 13 -24.04 -8.94 -2.89
N HIS B 14 -24.45 -8.68 -1.65
CA HIS B 14 -25.81 -8.87 -1.16
C HIS B 14 -26.34 -10.28 -1.36
N LEU B 15 -25.53 -11.24 -0.94
CA LEU B 15 -25.81 -12.65 -1.11
C LEU B 15 -27.15 -13.05 -0.51
N GLY B 16 -28.03 -13.58 -1.35
CA GLY B 16 -29.33 -14.03 -0.88
C GLY B 16 -30.41 -13.00 -1.09
N TYR B 17 -30.11 -12.01 -1.91
CA TYR B 17 -31.13 -11.02 -2.29
C TYR B 17 -32.05 -11.64 -3.33
N ARG B 18 -33.35 -11.50 -3.12
CA ARG B 18 -34.29 -12.16 -4.00
C ARG B 18 -35.22 -11.12 -4.67
N GLN B 19 -34.63 -10.37 -5.61
CA GLN B 19 -35.31 -9.27 -6.28
C GLN B 19 -36.58 -9.73 -6.96
N TYR B 20 -37.66 -8.99 -6.76
CA TYR B 20 -38.97 -9.33 -7.31
C TYR B 20 -39.43 -10.74 -6.96
N ASN B 21 -38.90 -11.29 -5.86
CA ASN B 21 -39.27 -12.63 -5.43
C ASN B 21 -39.11 -13.65 -6.54
N LEU B 22 -38.09 -13.45 -7.36
CA LEU B 22 -37.85 -14.36 -8.47
C LEU B 22 -36.67 -15.29 -8.16
N ASP B 23 -36.85 -16.57 -8.45
CA ASP B 23 -35.80 -17.57 -8.26
C ASP B 23 -34.57 -17.16 -9.05
N ASP B 24 -34.80 -16.76 -10.29
CA ASP B 24 -33.73 -16.47 -11.22
C ASP B 24 -32.87 -15.31 -10.72
N ARG B 25 -33.50 -14.39 -9.99
CA ARG B 25 -32.81 -13.23 -9.46
C ARG B 25 -31.89 -13.57 -8.28
N GLU B 26 -32.34 -14.45 -7.39
CA GLU B 26 -31.54 -14.91 -6.26
C GLU B 26 -30.29 -15.64 -6.76
N LYS B 27 -30.46 -16.37 -7.87
CA LYS B 27 -29.36 -17.05 -8.51
C LYS B 27 -28.40 -16.04 -9.07
N ASP B 28 -28.97 -15.05 -9.76
CA ASP B 28 -28.21 -13.99 -10.41
C ASP B 28 -27.22 -13.34 -9.44
N ILE B 29 -27.71 -13.00 -8.26
CA ILE B 29 -26.85 -12.43 -7.23
C ILE B 29 -25.73 -13.40 -6.89
N TYR B 30 -26.06 -14.69 -6.74
CA TYR B 30 -25.08 -15.70 -6.36
C TYR B 30 -24.00 -15.82 -7.44
N ASP B 31 -24.45 -15.87 -8.68
CA ASP B 31 -23.60 -16.12 -9.81
C ASP B 31 -22.61 -14.99 -10.01
N SER B 32 -23.10 -13.76 -9.93
CA SER B 32 -22.24 -12.60 -10.08
C SER B 32 -21.11 -12.66 -9.06
N PHE B 33 -21.48 -12.95 -7.82
CA PHE B 33 -20.53 -13.10 -6.73
C PHE B 33 -19.51 -14.20 -7.05
N LYS B 34 -19.99 -15.36 -7.49
CA LYS B 34 -19.09 -16.47 -7.78
C LYS B 34 -18.08 -16.07 -8.84
N LEU B 35 -18.56 -15.27 -9.78
CA LEU B 35 -17.76 -14.86 -10.92
C LEU B 35 -16.65 -13.94 -10.44
N CYS B 36 -17.00 -13.02 -9.53
CA CYS B 36 -16.01 -12.13 -8.94
C CYS B 36 -14.95 -13.00 -8.29
N ILE B 37 -15.43 -13.98 -7.54
CA ILE B 37 -14.56 -14.87 -6.80
C ILE B 37 -13.66 -15.63 -7.75
N LYS B 38 -14.23 -16.13 -8.84
CA LYS B 38 -13.44 -16.86 -9.82
C LYS B 38 -12.34 -15.98 -10.37
N LYS B 39 -12.72 -14.75 -10.72
CA LYS B 39 -11.78 -13.79 -11.28
C LYS B 39 -10.72 -13.38 -10.27
N ILE B 40 -11.14 -13.21 -9.02
CA ILE B 40 -10.19 -12.89 -7.98
C ILE B 40 -9.15 -13.99 -7.91
N LEU B 41 -9.56 -15.21 -8.22
CA LEU B 41 -8.64 -16.34 -8.17
C LEU B 41 -7.63 -16.45 -9.32
N GLU B 42 -8.01 -16.08 -10.55
CA GLU B 42 -7.03 -16.02 -11.64
C GLU B 42 -6.03 -14.89 -11.44
N ILE B 43 -6.51 -13.84 -10.78
CA ILE B 43 -5.70 -12.66 -10.52
C ILE B 43 -4.64 -12.96 -9.49
N LYS B 44 -5.02 -13.73 -8.47
CA LYS B 44 -4.15 -14.09 -7.36
C LYS B 44 -3.63 -12.85 -6.62
N PRO B 45 -4.53 -11.97 -6.17
CA PRO B 45 -4.08 -10.77 -5.46
C PRO B 45 -3.57 -11.13 -4.08
N ASP B 46 -2.75 -10.26 -3.50
CA ASP B 46 -2.17 -10.56 -2.20
C ASP B 46 -3.20 -10.38 -1.10
N VAL B 47 -4.12 -9.45 -1.32
CA VAL B 47 -5.14 -9.13 -0.32
C VAL B 47 -6.51 -8.88 -0.97
N VAL B 48 -7.57 -9.12 -0.21
CA VAL B 48 -8.92 -8.73 -0.60
C VAL B 48 -9.55 -7.92 0.53
N LEU B 49 -9.98 -6.71 0.22
CA LEU B 49 -10.73 -5.92 1.19
C LEU B 49 -12.20 -5.96 0.80
N HIS B 50 -13.03 -6.51 1.68
CA HIS B 50 -14.46 -6.58 1.44
C HIS B 50 -15.17 -5.61 2.39
N SER B 51 -15.84 -4.61 1.82
CA SER B 51 -16.30 -3.50 2.62
C SER B 51 -17.72 -3.64 3.16
N GLY B 52 -18.22 -4.86 3.19
CA GLY B 52 -19.48 -5.12 3.85
C GLY B 52 -20.68 -5.41 2.96
N ASP B 53 -21.81 -5.71 3.62
CA ASP B 53 -23.00 -6.20 2.95
C ASP B 53 -22.70 -7.36 2.01
N LEU B 54 -21.90 -8.30 2.50
CA LEU B 54 -21.62 -9.55 1.83
C LEU B 54 -22.90 -10.34 1.69
N PHE B 55 -23.64 -10.42 2.79
CA PHE B 55 -24.95 -11.05 2.81
C PHE B 55 -26.01 -9.97 2.82
N ASN B 56 -27.10 -10.24 2.13
CA ASN B 56 -28.16 -9.26 2.01
C ASN B 56 -29.08 -9.19 3.23
N ASP B 57 -28.99 -10.19 4.10
CA ASP B 57 -29.86 -10.20 5.27
C ASP B 57 -29.12 -10.74 6.48
N LEU B 58 -29.69 -10.51 7.66
CA LEU B 58 -29.03 -10.86 8.91
C LEU B 58 -29.02 -12.36 9.13
N ARG B 59 -30.08 -13.02 8.69
CA ARG B 59 -30.16 -14.47 8.73
C ARG B 59 -30.30 -14.96 7.29
N PRO B 60 -29.18 -15.20 6.63
CA PRO B 60 -29.26 -15.49 5.20
C PRO B 60 -29.68 -16.92 4.87
N PRO B 61 -30.25 -17.12 3.68
CA PRO B 61 -30.53 -18.40 3.03
C PRO B 61 -29.31 -19.30 3.13
N VAL B 62 -29.53 -20.61 3.20
CA VAL B 62 -28.42 -21.53 3.43
C VAL B 62 -27.46 -21.52 2.26
N LYS B 63 -28.00 -21.57 1.04
CA LYS B 63 -27.18 -21.60 -0.17
C LYS B 63 -26.20 -20.45 -0.16
N ALA B 64 -26.66 -19.30 0.33
CA ALA B 64 -25.83 -18.11 0.42
C ALA B 64 -24.65 -18.37 1.36
N LEU B 65 -24.94 -18.90 2.55
CA LEU B 65 -23.89 -19.20 3.53
C LEU B 65 -22.95 -20.26 3.02
N ARG B 66 -23.51 -21.20 2.27
CA ARG B 66 -22.72 -22.26 1.69
C ARG B 66 -21.74 -21.67 0.71
N ILE B 67 -22.25 -20.85 -0.21
CA ILE B 67 -21.44 -20.22 -1.24
C ILE B 67 -20.37 -19.33 -0.63
N ALA B 68 -20.77 -18.56 0.38
CA ALA B 68 -19.84 -17.64 1.02
C ALA B 68 -18.67 -18.39 1.65
N MET B 69 -18.97 -19.41 2.44
CA MET B 69 -17.94 -20.15 3.15
C MET B 69 -17.02 -20.91 2.19
N GLN B 70 -17.60 -21.50 1.16
CA GLN B 70 -16.81 -22.20 0.14
C GLN B 70 -15.93 -21.20 -0.60
N ALA B 71 -16.47 -20.00 -0.83
CA ALA B 71 -15.73 -18.95 -1.52
C ALA B 71 -14.51 -18.48 -0.75
N PHE B 72 -14.74 -18.02 0.48
CA PHE B 72 -13.66 -17.51 1.31
C PHE B 72 -12.68 -18.60 1.78
N LYS B 73 -13.15 -19.84 1.83
CA LYS B 73 -12.27 -20.98 2.09
C LYS B 73 -11.27 -21.05 0.94
N LYS B 74 -11.79 -20.93 -0.28
CA LYS B 74 -10.98 -20.95 -1.50
C LYS B 74 -9.95 -19.82 -1.54
N LEU B 75 -10.32 -18.63 -1.08
CA LEU B 75 -9.37 -17.53 -1.02
C LEU B 75 -8.31 -17.85 0.00
N HIS B 76 -8.76 -18.31 1.16
CA HIS B 76 -7.89 -18.58 2.30
C HIS B 76 -6.95 -19.75 2.03
N GLU B 77 -7.36 -20.68 1.18
CA GLU B 77 -6.53 -21.82 0.84
C GLU B 77 -5.47 -21.44 -0.17
N ASN B 78 -5.63 -20.28 -0.78
CA ASN B 78 -4.60 -19.77 -1.69
C ASN B 78 -3.78 -18.65 -1.04
N ASN B 79 -3.65 -18.70 0.28
CA ASN B 79 -2.90 -17.70 1.03
C ASN B 79 -3.24 -16.25 0.72
N ILE B 80 -4.47 -15.99 0.31
CA ILE B 80 -4.94 -14.63 0.07
C ILE B 80 -5.53 -14.05 1.35
N LYS B 81 -4.88 -13.06 1.95
CA LYS B 81 -5.43 -12.54 3.19
C LYS B 81 -6.65 -11.69 2.89
N VAL B 82 -7.67 -11.83 3.72
CA VAL B 82 -8.96 -11.18 3.51
C VAL B 82 -9.42 -10.42 4.75
N TYR B 83 -9.90 -9.20 4.56
CA TYR B 83 -10.42 -8.41 5.66
C TYR B 83 -11.87 -8.07 5.38
N ILE B 84 -12.69 -7.95 6.41
CA ILE B 84 -14.07 -7.55 6.20
C ILE B 84 -14.57 -6.63 7.32
N VAL B 85 -15.46 -5.71 6.97
CA VAL B 85 -16.13 -4.90 7.97
C VAL B 85 -17.62 -5.19 7.86
N ALA B 86 -18.34 -5.06 8.96
CA ALA B 86 -19.74 -5.45 8.98
C ALA B 86 -20.57 -4.46 8.23
N GLY B 87 -21.35 -4.93 7.27
CA GLY B 87 -22.28 -4.04 6.58
C GLY B 87 -23.49 -3.80 7.48
N ASN B 88 -24.40 -2.94 7.02
CA ASN B 88 -25.61 -2.66 7.79
C ASN B 88 -26.50 -3.88 7.91
N HIS B 89 -26.49 -4.74 6.89
CA HIS B 89 -27.32 -5.94 6.90
C HIS B 89 -26.71 -7.03 7.78
N GLU B 90 -25.45 -6.87 8.14
CA GLU B 90 -24.73 -7.87 8.90
C GLU B 90 -24.51 -7.44 10.34
N MET B 91 -25.22 -6.41 10.77
CA MET B 91 -25.13 -5.95 12.13
C MET B 91 -26.25 -6.57 12.94
N PRO B 92 -25.90 -7.29 14.02
CA PRO B 92 -26.89 -7.93 14.87
C PRO B 92 -27.87 -6.90 15.41
N ARG B 93 -29.11 -7.32 15.68
CA ARG B 93 -30.12 -6.38 16.14
C ARG B 93 -30.55 -6.64 17.58
N ARG B 94 -30.71 -7.91 17.96
CA ARG B 94 -30.93 -8.29 19.35
C ARG B 94 -29.61 -8.63 20.05
N LEU B 95 -29.51 -8.31 21.34
CA LEU B 95 -28.25 -8.54 22.07
C LEU B 95 -27.89 -10.01 22.23
N GLY B 96 -26.81 -10.41 21.58
CA GLY B 96 -26.33 -11.77 21.64
C GLY B 96 -26.57 -12.51 20.35
N GLU B 97 -27.33 -11.90 19.46
CA GLU B 97 -27.50 -12.42 18.11
C GLU B 97 -26.17 -12.25 17.42
N GLU B 98 -25.79 -13.23 16.61
CA GLU B 98 -24.50 -13.21 15.93
C GLU B 98 -24.67 -12.82 14.47
N SER B 99 -23.62 -12.24 13.89
CA SER B 99 -23.64 -11.85 12.48
C SER B 99 -23.35 -13.05 11.60
N PRO B 100 -24.02 -13.14 10.45
CA PRO B 100 -23.72 -14.24 9.53
C PRO B 100 -22.26 -14.25 9.13
N LEU B 101 -21.57 -13.11 9.23
CA LEU B 101 -20.14 -13.05 8.92
C LEU B 101 -19.33 -13.94 9.86
N ALA B 102 -19.91 -14.22 11.03
CA ALA B 102 -19.24 -15.03 12.03
C ALA B 102 -19.00 -16.45 11.53
N LEU B 103 -19.79 -16.90 10.55
CA LEU B 103 -19.57 -18.21 9.95
C LEU B 103 -18.32 -18.23 9.08
N LEU B 104 -17.59 -17.12 9.05
CA LEU B 104 -16.45 -17.00 8.16
C LEU B 104 -15.16 -16.79 8.92
N LYS B 105 -15.26 -16.79 10.24
CA LYS B 105 -14.14 -16.41 11.12
C LYS B 105 -12.81 -17.09 10.85
N ASP B 106 -12.85 -18.20 10.13
CA ASP B 106 -11.65 -18.97 9.88
C ASP B 106 -10.97 -18.61 8.56
N TYR B 107 -11.69 -17.88 7.72
CA TYR B 107 -11.18 -17.54 6.41
C TYR B 107 -10.94 -16.03 6.27
N VAL B 108 -11.58 -15.25 7.13
CA VAL B 108 -11.64 -13.81 6.95
C VAL B 108 -11.33 -13.09 8.27
N LYS B 109 -10.64 -11.96 8.18
CA LYS B 109 -10.42 -11.11 9.35
C LYS B 109 -11.51 -10.05 9.51
N ILE B 110 -12.29 -10.18 10.58
CA ILE B 110 -13.27 -9.17 10.88
C ILE B 110 -12.59 -7.99 11.56
N LEU B 111 -12.74 -6.81 10.97
CA LEU B 111 -12.01 -5.60 11.36
C LEU B 111 -12.78 -4.63 12.24
N ASP B 112 -12.23 -4.31 13.40
CA ASP B 112 -12.77 -3.25 14.22
C ASP B 112 -11.63 -2.53 14.93
N GLY B 113 -10.57 -2.24 14.17
CA GLY B 113 -9.40 -1.59 14.73
C GLY B 113 -8.23 -1.59 13.77
N LYS B 114 -7.01 -1.58 14.31
CA LYS B 114 -5.82 -1.46 13.49
C LYS B 114 -5.23 -2.84 13.24
N ASP B 115 -4.50 -2.96 12.14
CA ASP B 115 -3.68 -4.14 11.89
C ASP B 115 -2.61 -3.84 10.88
N VAL B 116 -1.47 -4.52 11.03
CA VAL B 116 -0.34 -4.30 10.16
C VAL B 116 -0.12 -5.59 9.39
N ILE B 117 -0.32 -5.52 8.09
CA ILE B 117 -0.16 -6.71 7.28
C ILE B 117 1.25 -6.68 6.71
N ASN B 118 2.01 -7.72 6.99
CA ASN B 118 3.39 -7.77 6.53
C ASN B 118 3.49 -8.53 5.21
N VAL B 119 3.68 -7.81 4.12
CA VAL B 119 3.79 -8.46 2.83
C VAL B 119 5.24 -8.54 2.41
N ASN B 120 5.52 -9.39 1.42
CA ASN B 120 6.87 -9.51 0.88
C ASN B 120 7.10 -8.55 -0.29
N GLY B 121 7.97 -7.57 -0.08
CA GLY B 121 8.64 -7.39 1.21
C GLY B 121 8.42 -5.99 1.71
N GLU B 122 7.35 -5.79 2.49
CA GLU B 122 6.95 -4.45 2.89
C GLU B 122 6.09 -4.46 4.14
N GLU B 123 5.51 -3.30 4.46
CA GLU B 123 4.71 -3.14 5.66
C GLU B 123 3.62 -2.10 5.46
N ILE B 124 2.37 -2.50 5.58
CA ILE B 124 1.26 -1.57 5.35
C ILE B 124 0.13 -1.70 6.38
N PHE B 125 -0.43 -0.56 6.77
CA PHE B 125 -1.36 -0.46 7.88
C PHE B 125 -2.79 -0.52 7.35
N ILE B 126 -3.64 -1.30 8.03
CA ILE B 126 -5.06 -1.38 7.70
C ILE B 126 -5.91 -1.07 8.93
N CYS B 127 -6.92 -0.23 8.75
CA CYS B 127 -7.90 -0.03 9.81
C CYS B 127 -9.30 -0.01 9.23
N GLY B 128 -10.29 -0.23 10.08
CA GLY B 128 -11.67 -0.27 9.64
C GLY B 128 -12.60 -0.46 10.82
N THR B 129 -13.90 -0.35 10.57
CA THR B 129 -14.88 -0.61 11.61
C THR B 129 -16.22 -1.02 11.03
N TYR B 130 -17.05 -1.66 11.85
CA TYR B 130 -18.35 -2.11 11.41
C TYR B 130 -19.23 -0.89 11.10
N TYR B 131 -20.41 -1.13 10.54
CA TYR B 131 -21.31 -0.04 10.19
C TYR B 131 -21.91 0.61 11.44
N HIS B 132 -21.69 1.92 11.57
CA HIS B 132 -22.33 2.68 12.64
C HIS B 132 -23.44 3.49 11.99
N LYS B 133 -24.55 3.74 12.70
CA LYS B 133 -25.59 4.62 12.17
C LYS B 133 -25.30 6.11 12.43
N LYS B 134 -26.05 7.00 11.76
CA LYS B 134 -25.93 8.44 12.01
C LYS B 134 -25.95 8.76 13.48
N SER B 135 -26.90 8.15 14.19
CA SER B 135 -27.12 8.39 15.61
C SER B 135 -25.84 8.53 16.42
N LYS B 136 -24.90 7.62 16.19
CA LYS B 136 -23.66 7.60 16.93
C LYS B 136 -22.45 8.04 16.09
N ARG B 137 -22.57 9.20 15.44
CA ARG B 137 -21.46 9.72 14.65
C ARG B 137 -20.28 10.17 15.53
N GLU B 138 -20.58 10.83 16.66
CA GLU B 138 -19.53 11.29 17.58
C GLU B 138 -18.62 10.15 17.98
N GLU B 139 -19.24 9.07 18.42
CA GLU B 139 -18.56 7.83 18.77
C GLU B 139 -17.56 7.46 17.68
N MET B 140 -18.03 7.55 16.44
CA MET B 140 -17.24 7.19 15.26
C MET B 140 -16.03 8.10 15.10
N LEU B 141 -16.23 9.38 15.37
CA LEU B 141 -15.18 10.38 15.20
C LEU B 141 -13.96 10.14 16.10
N ASP B 142 -14.23 9.80 17.37
CA ASP B 142 -13.15 9.52 18.33
C ASP B 142 -12.26 8.45 17.76
N LYS B 143 -12.92 7.40 17.27
CA LYS B 143 -12.26 6.28 16.63
C LYS B 143 -11.42 6.73 15.43
N LEU B 144 -12.00 7.60 14.61
CA LEU B 144 -11.33 8.02 13.39
C LEU B 144 -10.10 8.87 13.69
N LYS B 145 -10.26 9.84 14.58
CA LYS B 145 -9.14 10.67 15.00
C LYS B 145 -8.07 9.77 15.62
N ASN B 146 -8.50 8.66 16.20
CA ASN B 146 -7.59 7.70 16.78
C ASN B 146 -6.88 6.88 15.71
N PHE B 147 -7.59 6.64 14.61
CA PHE B 147 -6.99 5.95 13.47
C PHE B 147 -5.93 6.83 12.81
N GLU B 148 -6.23 8.12 12.71
CA GLU B 148 -5.26 9.09 12.19
C GLU B 148 -3.96 8.98 12.99
N SER B 149 -4.11 8.89 14.30
CA SER B 149 -2.97 8.84 15.22
C SER B 149 -2.09 7.60 15.10
N GLU B 150 -2.71 6.42 15.03
CA GLU B 150 -1.95 5.18 15.00
C GLU B 150 -1.35 4.91 13.63
N ALA B 151 -1.71 5.72 12.65
CA ALA B 151 -1.23 5.53 11.29
C ALA B 151 -0.26 6.62 10.85
N LYS B 152 -0.03 7.59 11.73
CA LYS B 152 0.86 8.73 11.42
C LYS B 152 2.24 8.29 11.00
N ASN B 153 2.84 7.37 11.76
CA ASN B 153 4.19 6.89 11.46
C ASN B 153 4.22 5.75 10.45
N TYR B 154 3.14 5.65 9.65
CA TYR B 154 3.02 4.64 8.60
C TYR B 154 2.95 5.24 7.19
N LYS B 155 3.70 4.65 6.27
CA LYS B 155 3.74 5.13 4.89
C LYS B 155 2.42 4.89 4.15
N LYS B 156 2.02 3.63 4.06
CA LYS B 156 0.80 3.26 3.35
C LYS B 156 -0.30 2.88 4.33
N LYS B 157 -1.39 3.64 4.33
CA LYS B 157 -2.44 3.44 5.31
C LYS B 157 -3.81 3.33 4.65
N ILE B 158 -4.54 2.27 4.99
CA ILE B 158 -5.85 2.02 4.38
C ILE B 158 -6.98 2.05 5.40
N LEU B 159 -8.05 2.74 5.03
CA LEU B 159 -9.24 2.78 5.85
C LEU B 159 -10.35 2.03 5.15
N MET B 160 -11.03 1.15 5.90
CA MET B 160 -12.19 0.43 5.40
C MET B 160 -13.40 0.92 6.15
N LEU B 161 -14.45 1.26 5.43
CA LEU B 161 -15.67 1.69 6.07
C LEU B 161 -16.87 1.21 5.28
N HIS B 162 -17.98 1.03 5.98
CA HIS B 162 -19.23 0.75 5.31
C HIS B 162 -20.19 1.80 5.80
N GLN B 163 -20.07 3.00 5.23
CA GLN B 163 -20.91 4.13 5.59
C GLN B 163 -21.27 4.89 4.33
N GLY B 164 -22.22 5.81 4.43
CA GLY B 164 -22.47 6.74 3.35
C GLY B 164 -21.76 8.05 3.67
N ILE B 165 -20.93 8.54 2.76
CA ILE B 165 -20.20 9.78 3.01
C ILE B 165 -20.86 10.94 2.27
N ASN B 166 -20.92 12.10 2.92
CA ASN B 166 -21.83 13.19 2.57
C ASN B 166 -22.00 13.65 1.11
N PRO B 167 -20.89 13.95 0.39
CA PRO B 167 -21.12 14.40 -0.99
C PRO B 167 -21.63 13.27 -1.86
N TYR B 168 -21.21 12.05 -1.54
CA TYR B 168 -21.39 10.89 -2.39
C TYR B 168 -22.78 10.28 -2.27
N ILE B 169 -23.47 10.56 -1.17
CA ILE B 169 -24.84 10.09 -1.02
C ILE B 169 -25.64 11.09 -0.15
N PRO B 170 -26.18 12.12 -0.81
CA PRO B 170 -26.87 13.33 -0.34
C PRO B 170 -27.81 13.07 0.84
N LEU B 171 -28.74 12.18 0.62
CA LEU B 171 -29.63 11.70 1.68
C LEU B 171 -29.83 10.20 1.51
N ASP B 172 -29.41 9.41 2.50
CA ASP B 172 -28.81 9.91 3.73
C ASP B 172 -27.34 9.49 3.86
N TYR B 173 -26.56 10.29 4.59
CA TYR B 173 -25.17 9.97 4.82
C TYR B 173 -24.98 9.86 6.33
N GLU B 174 -23.96 9.12 6.76
CA GLU B 174 -23.68 9.05 8.19
C GLU B 174 -22.44 9.86 8.51
N LEU B 175 -21.59 10.04 7.50
CA LEU B 175 -20.36 10.82 7.64
C LEU B 175 -20.21 11.92 6.60
N GLU B 176 -19.53 12.99 7.00
CA GLU B 176 -19.16 14.09 6.12
C GLU B 176 -17.76 13.88 5.57
N HIS B 177 -17.54 14.28 4.31
CA HIS B 177 -16.24 14.09 3.66
C HIS B 177 -15.02 14.65 4.42
N PHE B 178 -15.28 15.53 5.38
CA PHE B 178 -14.22 16.11 6.18
C PHE B 178 -14.01 15.40 7.50
N ASP B 179 -14.70 14.28 7.68
CA ASP B 179 -14.59 13.52 8.91
C ASP B 179 -13.42 12.55 8.85
N LEU B 180 -13.14 12.03 7.66
CA LEU B 180 -12.11 11.00 7.54
C LEU B 180 -10.72 11.57 7.33
N PRO B 181 -9.76 11.12 8.16
CA PRO B 181 -8.34 11.50 8.11
C PRO B 181 -7.70 11.15 6.77
N LYS B 182 -6.43 11.51 6.60
CA LYS B 182 -5.73 11.22 5.37
C LYS B 182 -5.29 9.77 5.34
N PHE B 183 -5.78 9.04 4.36
CA PHE B 183 -5.36 7.67 4.16
C PHE B 183 -5.03 7.50 2.70
N SER B 184 -4.20 6.53 2.38
CA SER B 184 -3.82 6.26 1.00
C SER B 184 -5.05 5.82 0.22
N TYR B 185 -5.75 4.83 0.74
CA TYR B 185 -6.92 4.28 0.08
C TYR B 185 -8.11 4.27 1.03
N TYR B 186 -9.27 4.71 0.53
CA TYR B 186 -10.49 4.63 1.33
C TYR B 186 -11.39 3.51 0.81
N ALA B 187 -11.25 2.32 1.40
CA ALA B 187 -12.04 1.16 0.99
C ALA B 187 -13.46 1.27 1.51
N LEU B 188 -14.35 1.82 0.70
CA LEU B 188 -15.69 2.13 1.18
C LEU B 188 -16.75 1.18 0.60
N GLY B 189 -17.93 1.16 1.21
CA GLY B 189 -18.89 0.13 0.90
C GLY B 189 -20.31 0.54 0.58
N HIS B 190 -20.94 1.21 1.53
CA HIS B 190 -22.40 1.37 1.58
C HIS B 190 -23.13 1.76 0.27
N ILE B 191 -22.38 2.28 -0.70
CA ILE B 191 -22.94 2.80 -1.95
C ILE B 191 -22.87 1.79 -3.10
N HIS B 192 -23.92 1.74 -3.92
CA HIS B 192 -24.03 0.76 -5.01
C HIS B 192 -23.38 1.20 -6.32
N LYS B 193 -23.17 2.50 -6.52
CA LYS B 193 -22.51 2.94 -7.74
C LYS B 193 -20.99 3.02 -7.57
N ARG B 194 -20.28 2.77 -8.67
CA ARG B 194 -18.83 2.86 -8.66
C ARG B 194 -18.44 4.30 -8.42
N ILE B 195 -17.56 4.53 -7.46
CA ILE B 195 -17.01 5.88 -7.26
C ILE B 195 -15.52 5.80 -7.02
N LEU B 196 -14.73 6.22 -8.00
CA LEU B 196 -13.30 6.24 -7.83
C LEU B 196 -12.79 7.60 -8.26
N GLU B 197 -12.20 8.31 -7.31
CA GLU B 197 -11.69 9.66 -7.56
C GLU B 197 -10.72 10.05 -6.46
N ARG B 198 -9.77 10.90 -6.82
CA ARG B 198 -8.78 11.37 -5.86
C ARG B 198 -9.47 12.15 -4.74
N PHE B 199 -8.90 12.08 -3.55
CA PHE B 199 -9.53 12.66 -2.36
C PHE B 199 -8.54 12.73 -1.20
N ASN B 200 -8.52 13.88 -0.54
CA ASN B 200 -7.70 14.13 0.64
C ASN B 200 -6.28 13.56 0.62
N ASP B 201 -5.50 13.92 -0.39
CA ASP B 201 -4.12 13.45 -0.55
C ASP B 201 -4.05 11.93 -0.55
N GLY B 202 -4.88 11.32 -1.40
CA GLY B 202 -4.96 9.88 -1.49
C GLY B 202 -6.02 9.52 -2.51
N ILE B 203 -6.65 8.37 -2.35
CA ILE B 203 -7.65 7.93 -3.32
C ILE B 203 -8.84 7.16 -2.71
N LEU B 204 -10.04 7.67 -2.97
CA LEU B 204 -11.26 7.14 -2.37
C LEU B 204 -11.99 6.28 -3.39
N ALA B 205 -12.53 5.16 -2.91
CA ALA B 205 -13.22 4.23 -3.78
C ALA B 205 -14.47 3.63 -3.14
N TYR B 206 -15.51 3.52 -3.93
CA TYR B 206 -16.63 2.66 -3.61
C TYR B 206 -16.65 1.56 -4.67
N SER B 207 -16.45 0.32 -4.25
CA SER B 207 -16.43 -0.79 -5.20
C SER B 207 -17.80 -0.97 -5.81
N GLY B 208 -18.83 -0.63 -5.03
CA GLY B 208 -20.18 -0.64 -5.53
C GLY B 208 -20.74 -2.05 -5.63
N SER B 209 -22.06 -2.16 -5.68
CA SER B 209 -22.72 -3.47 -5.72
C SER B 209 -22.29 -4.29 -6.93
N THR B 210 -22.19 -5.60 -6.73
CA THR B 210 -21.72 -6.52 -7.77
C THR B 210 -22.88 -7.03 -8.60
N GLU B 211 -24.06 -6.48 -8.34
CA GLU B 211 -25.22 -6.72 -9.16
C GLU B 211 -26.23 -5.59 -9.02
N ILE B 212 -27.21 -5.60 -9.90
CA ILE B 212 -28.25 -4.60 -9.91
C ILE B 212 -29.28 -4.89 -8.81
N ILE B 213 -29.21 -4.12 -7.74
CA ILE B 213 -30.08 -4.32 -6.58
C ILE B 213 -31.38 -3.54 -6.75
N TYR B 214 -31.33 -2.48 -7.55
CA TYR B 214 -32.50 -1.66 -7.87
C TYR B 214 -32.59 -1.34 -9.37
N ARG B 215 -33.80 -1.08 -9.88
CA ARG B 215 -34.02 -0.71 -11.29
C ARG B 215 -33.31 0.60 -11.59
N ASN B 216 -32.73 1.16 -10.54
CA ASN B 216 -32.12 2.47 -10.53
C ASN B 216 -30.72 2.35 -11.13
N GLU B 217 -29.97 1.34 -10.71
CA GLU B 217 -28.58 1.22 -11.08
C GLU B 217 -28.43 0.66 -12.49
N TYR B 218 -29.50 0.69 -13.28
CA TYR B 218 -29.53 0.02 -14.58
C TYR B 218 -28.47 0.52 -15.57
N GLU B 219 -28.16 1.81 -15.53
CA GLU B 219 -27.28 2.42 -16.52
C GLU B 219 -25.93 2.80 -15.94
N ASP B 220 -25.87 2.93 -14.62
CA ASP B 220 -24.61 3.16 -13.97
C ASP B 220 -23.77 1.91 -14.23
N TYR B 221 -24.47 0.78 -14.39
CA TYR B 221 -23.85 -0.45 -14.83
C TYR B 221 -23.41 -0.38 -16.30
N LYS B 222 -24.18 0.31 -17.13
CA LYS B 222 -23.78 0.43 -18.53
C LYS B 222 -22.51 1.25 -18.72
N LYS B 223 -22.45 2.44 -18.12
CA LYS B 223 -21.35 3.33 -18.43
C LYS B 223 -20.15 3.15 -17.50
N GLU B 224 -20.40 2.84 -16.24
CA GLU B 224 -19.32 2.69 -15.28
C GLU B 224 -18.97 1.21 -15.10
N GLY B 225 -19.98 0.35 -15.25
CA GLY B 225 -19.77 -1.09 -15.16
C GLY B 225 -19.69 -1.57 -13.72
N LYS B 226 -20.40 -2.65 -13.42
CA LYS B 226 -20.38 -3.20 -12.06
C LYS B 226 -19.35 -4.33 -11.94
N GLY B 227 -18.79 -4.49 -10.74
CA GLY B 227 -17.76 -5.48 -10.51
C GLY B 227 -16.92 -5.12 -9.30
N PHE B 228 -15.59 -5.11 -9.46
CA PHE B 228 -14.73 -4.71 -8.35
C PHE B 228 -13.44 -4.06 -8.83
N TYR B 229 -12.76 -3.36 -7.93
CA TYR B 229 -11.50 -2.70 -8.23
C TYR B 229 -10.33 -3.60 -7.91
N LEU B 230 -9.24 -3.45 -8.67
CA LEU B 230 -7.99 -4.15 -8.39
C LEU B 230 -6.88 -3.13 -8.30
N VAL B 231 -6.54 -2.76 -7.08
CA VAL B 231 -5.54 -1.73 -6.86
C VAL B 231 -4.20 -2.39 -6.64
N ASP B 232 -3.14 -1.89 -7.27
CA ASP B 232 -1.85 -2.55 -7.10
C ASP B 232 -1.08 -2.00 -5.91
N PHE B 233 -1.02 -0.67 -5.77
CA PHE B 233 -0.36 -0.09 -4.61
C PHE B 233 1.10 -0.52 -4.50
N SER B 234 1.76 -0.65 -5.65
CA SER B 234 3.16 -1.05 -5.70
C SER B 234 4.09 0.05 -5.17
N GLY B 235 3.98 1.23 -5.78
CA GLY B 235 4.83 2.37 -5.43
C GLY B 235 4.43 3.10 -4.17
N ASN B 236 5.22 4.10 -3.80
CA ASN B 236 4.92 4.93 -2.64
C ASN B 236 3.68 5.74 -2.91
N ASP B 237 3.54 6.19 -4.15
CA ASP B 237 2.40 6.99 -4.52
C ASP B 237 1.33 6.05 -5.09
N LEU B 238 0.07 6.46 -4.99
CA LEU B 238 -1.00 5.76 -5.70
C LEU B 238 -1.94 6.75 -6.37
N ASP B 239 -2.23 6.50 -7.64
CA ASP B 239 -3.16 7.35 -8.36
C ASP B 239 -4.21 6.43 -8.93
N ILE B 240 -5.18 7.00 -9.64
CA ILE B 240 -6.21 6.21 -10.29
C ILE B 240 -5.50 5.29 -11.29
N SER B 241 -4.37 5.75 -11.79
CA SER B 241 -3.62 5.03 -12.81
C SER B 241 -3.18 3.61 -12.42
N ASP B 242 -3.15 3.33 -11.14
CA ASP B 242 -2.81 1.97 -10.68
C ASP B 242 -4.03 1.20 -10.17
N ILE B 243 -5.18 1.45 -10.78
CA ILE B 243 -6.41 0.75 -10.44
C ILE B 243 -7.15 0.23 -11.66
N GLU B 244 -7.23 -1.10 -11.76
CA GLU B 244 -7.99 -1.71 -12.83
C GLU B 244 -9.38 -1.96 -12.29
N LYS B 245 -10.41 -1.64 -13.06
CA LYS B 245 -11.74 -2.03 -12.64
C LYS B 245 -12.22 -3.26 -13.42
N ILE B 246 -12.38 -4.37 -12.71
CA ILE B 246 -12.87 -5.59 -13.32
C ILE B 246 -14.38 -5.58 -13.29
N ASP B 247 -14.97 -5.66 -14.46
CA ASP B 247 -16.40 -5.62 -14.61
C ASP B 247 -16.95 -7.03 -14.56
N ILE B 248 -18.24 -7.17 -14.28
CA ILE B 248 -18.88 -8.47 -14.13
C ILE B 248 -20.18 -8.53 -14.91
N GLU B 249 -20.25 -9.45 -15.86
CA GLU B 249 -21.42 -9.58 -16.71
C GLU B 249 -22.57 -10.10 -15.87
N CYS B 250 -23.68 -9.37 -15.87
CA CYS B 250 -24.83 -9.76 -15.07
C CYS B 250 -26.18 -9.40 -15.71
N ARG B 251 -27.26 -9.86 -15.08
CA ARG B 251 -28.62 -9.84 -15.63
C ARG B 251 -28.95 -8.49 -16.20
N GLU B 252 -29.38 -8.48 -17.46
CA GLU B 252 -29.58 -7.23 -18.16
C GLU B 252 -30.98 -6.65 -18.00
N PHE B 253 -31.03 -5.32 -17.92
CA PHE B 253 -32.29 -4.62 -17.82
C PHE B 253 -32.40 -3.79 -19.07
N VAL B 254 -33.50 -3.93 -19.82
CA VAL B 254 -33.72 -3.08 -20.98
C VAL B 254 -34.83 -2.12 -20.66
N GLU B 255 -34.56 -0.84 -20.94
CA GLU B 255 -35.55 0.19 -20.69
C GLU B 255 -36.30 0.43 -21.97
N VAL B 256 -37.61 0.56 -21.88
CA VAL B 256 -38.40 0.80 -23.07
C VAL B 256 -39.28 2.02 -22.90
N ASN B 257 -39.60 2.62 -24.03
CA ASN B 257 -40.48 3.78 -24.09
C ASN B 257 -41.27 3.64 -25.38
N ILE B 258 -42.12 2.63 -25.41
CA ILE B 258 -42.85 2.26 -26.62
C ILE B 258 -44.06 3.17 -26.83
N LYS B 259 -43.92 4.06 -27.79
CA LYS B 259 -44.98 5.00 -28.16
C LYS B 259 -45.30 5.00 -29.66
N ASP B 260 -44.43 4.39 -30.47
CA ASP B 260 -44.66 4.22 -31.92
C ASP B 260 -43.86 3.04 -32.46
N LYS B 261 -43.91 2.82 -33.78
CA LYS B 261 -43.18 1.70 -34.39
C LYS B 261 -41.68 1.81 -34.25
N LYS B 262 -41.18 3.04 -34.18
CA LYS B 262 -39.76 3.28 -33.98
C LYS B 262 -39.35 2.62 -32.66
N SER B 263 -40.01 3.00 -31.58
CA SER B 263 -39.69 2.50 -30.26
C SER B 263 -40.01 1.02 -30.02
N PHE B 264 -41.09 0.53 -30.64
CA PHE B 264 -41.52 -0.85 -30.47
C PHE B 264 -40.51 -1.80 -31.10
N ASN B 265 -40.19 -1.59 -32.37
CA ASN B 265 -39.25 -2.44 -33.07
C ASN B 265 -37.88 -2.35 -32.43
N GLU B 266 -37.52 -1.17 -31.96
CA GLU B 266 -36.25 -0.99 -31.27
C GLU B 266 -36.22 -1.73 -29.93
N ALA B 267 -37.37 -1.77 -29.25
CA ALA B 267 -37.48 -2.49 -28.00
C ALA B 267 -37.40 -3.99 -28.22
N VAL B 268 -38.10 -4.50 -29.23
CA VAL B 268 -38.04 -5.92 -29.53
C VAL B 268 -36.62 -6.30 -29.86
N ASN B 269 -35.97 -5.53 -30.73
CA ASN B 269 -34.59 -5.81 -31.12
C ASN B 269 -33.62 -5.72 -29.97
N LYS B 270 -33.77 -4.71 -29.11
CA LYS B 270 -32.94 -4.63 -27.91
C LYS B 270 -33.13 -5.88 -27.05
N ILE B 271 -34.37 -6.36 -26.97
CA ILE B 271 -34.70 -7.58 -26.25
C ILE B 271 -34.21 -8.85 -26.96
N GLU B 272 -34.28 -8.86 -28.29
CA GLU B 272 -33.81 -10.01 -29.05
C GLU B 272 -32.31 -10.14 -28.88
N ARG B 273 -31.63 -9.00 -28.76
CA ARG B 273 -30.17 -8.98 -28.66
C ARG B 273 -29.68 -9.32 -27.25
N CYS B 274 -30.61 -9.72 -26.37
CA CYS B 274 -30.26 -10.11 -25.00
C CYS B 274 -29.80 -11.56 -24.85
N LYS B 275 -28.74 -11.74 -24.06
CA LYS B 275 -28.19 -13.06 -23.77
C LYS B 275 -29.15 -13.88 -22.92
N ASN B 276 -29.70 -13.25 -21.88
CA ASN B 276 -30.65 -13.87 -20.97
C ASN B 276 -31.94 -13.08 -20.89
N LYS B 277 -33.06 -13.77 -20.70
CA LYS B 277 -34.36 -13.11 -20.57
C LYS B 277 -34.22 -11.93 -19.64
N PRO B 278 -34.43 -10.72 -20.17
CA PRO B 278 -34.10 -9.47 -19.47
C PRO B 278 -35.25 -8.91 -18.65
N VAL B 279 -34.90 -8.07 -17.69
CA VAL B 279 -35.91 -7.32 -16.98
C VAL B 279 -36.22 -6.07 -17.79
N VAL B 280 -37.45 -5.99 -18.27
CA VAL B 280 -37.88 -4.85 -19.07
C VAL B 280 -38.68 -3.87 -18.21
N PHE B 281 -38.38 -2.59 -18.37
CA PHE B 281 -39.06 -1.55 -17.60
C PHE B 281 -39.12 -0.23 -18.36
N GLY B 282 -39.91 0.70 -17.84
CA GLY B 282 -40.07 1.98 -18.50
C GLY B 282 -41.54 2.28 -18.73
N LYS B 283 -41.85 2.70 -19.95
CA LYS B 283 -43.21 3.07 -20.31
C LYS B 283 -43.67 2.33 -21.56
N ILE B 284 -44.96 2.01 -21.61
CA ILE B 284 -45.58 1.51 -22.84
C ILE B 284 -46.98 2.10 -23.04
N LYS B 285 -47.24 2.61 -24.24
CA LYS B 285 -48.58 3.12 -24.58
C LYS B 285 -49.60 1.99 -24.65
N ARG B 286 -50.78 2.21 -24.09
CA ARG B 286 -51.86 1.21 -24.04
C ARG B 286 -52.06 0.54 -25.39
N GLU B 287 -51.97 1.35 -26.43
CA GLU B 287 -52.20 0.97 -27.82
C GLU B 287 -51.25 -0.12 -28.27
N PHE B 288 -50.12 -0.23 -27.57
CA PHE B 288 -49.06 -1.15 -27.97
C PHE B 288 -48.94 -2.35 -27.08
N LYS B 289 -49.54 -2.31 -25.90
CA LYS B 289 -49.28 -3.37 -24.92
C LYS B 289 -49.72 -4.78 -25.33
N PRO B 290 -50.92 -4.93 -25.93
CA PRO B 290 -51.25 -6.31 -26.35
C PRO B 290 -50.29 -6.82 -27.42
N TRP B 291 -49.73 -5.90 -28.20
CA TRP B 291 -48.74 -6.27 -29.21
C TRP B 291 -47.45 -6.70 -28.51
N PHE B 292 -47.10 -5.99 -27.44
CA PHE B 292 -45.90 -6.27 -26.64
C PHE B 292 -46.01 -7.55 -25.78
N ASP B 293 -47.24 -7.96 -25.50
CA ASP B 293 -47.50 -9.12 -24.66
C ASP B 293 -47.12 -10.46 -25.30
N THR B 294 -46.62 -10.42 -26.53
CA THR B 294 -46.20 -11.63 -27.21
C THR B 294 -44.81 -12.07 -26.72
N LEU B 295 -44.10 -11.12 -26.13
CA LEU B 295 -42.71 -11.36 -25.79
C LEU B 295 -42.48 -11.81 -24.34
N LYS B 296 -43.56 -12.20 -23.65
CA LYS B 296 -43.46 -12.57 -22.24
C LYS B 296 -42.57 -13.78 -22.06
N ASP B 297 -42.41 -14.53 -23.13
CA ASP B 297 -41.56 -15.71 -23.14
C ASP B 297 -40.11 -15.31 -23.32
N LYS B 298 -39.87 -14.23 -24.05
CA LYS B 298 -38.51 -13.75 -24.31
C LYS B 298 -38.02 -12.86 -23.17
N ILE B 299 -38.90 -12.64 -22.19
CA ILE B 299 -38.66 -11.65 -21.13
C ILE B 299 -38.72 -12.30 -19.75
N LEU B 300 -37.87 -11.86 -18.83
CA LEU B 300 -37.89 -12.42 -17.50
C LEU B 300 -39.10 -11.87 -16.76
N ILE B 301 -39.16 -10.55 -16.65
CA ILE B 301 -40.30 -9.90 -16.01
C ILE B 301 -40.49 -8.48 -16.56
N ASN B 302 -41.73 -8.13 -16.86
CA ASN B 302 -42.06 -6.79 -17.37
C ASN B 302 -42.49 -5.82 -16.29
N LYS B 303 -41.71 -4.77 -16.06
CA LYS B 303 -42.07 -3.83 -15.03
C LYS B 303 -42.19 -2.46 -15.71
N ALA B 304 -43.18 -2.32 -16.57
CA ALA B 304 -43.33 -1.09 -17.34
C ALA B 304 -44.68 -0.46 -17.07
N ILE B 305 -44.72 0.86 -17.04
CA ILE B 305 -45.96 1.55 -16.77
C ILE B 305 -46.72 1.69 -18.08
N ILE B 306 -48.02 1.42 -18.02
CA ILE B 306 -48.86 1.52 -19.20
C ILE B 306 -49.55 2.87 -19.24
N VAL B 307 -49.16 3.68 -20.24
CA VAL B 307 -49.67 5.04 -20.42
C VAL B 307 -50.74 5.09 -21.52
N ASP B 308 -51.92 5.59 -21.19
CA ASP B 308 -52.99 5.76 -22.20
C ASP B 308 -53.17 7.20 -22.66
N ASP B 309 -52.23 8.07 -22.32
CA ASP B 309 -52.30 9.45 -22.78
C ASP B 309 -51.70 9.56 -24.17
N GLU B 310 -52.32 10.40 -24.99
CA GLU B 310 -51.81 10.70 -26.32
C GLU B 310 -50.97 11.98 -26.30
N PHE B 311 -49.67 11.84 -26.46
CA PHE B 311 -48.83 13.03 -26.48
C PHE B 311 -48.73 13.53 -27.90
N ILE B 312 -48.94 14.83 -28.07
CA ILE B 312 -48.73 15.46 -29.37
C ILE B 312 -47.36 16.11 -29.34
N ASP B 313 -46.56 15.71 -28.34
CA ASP B 313 -45.21 16.22 -28.12
C ASP B 313 -44.30 16.01 -29.33
N MET B 314 -43.70 17.10 -29.81
CA MET B 314 -42.82 17.02 -30.98
C MET B 314 -41.42 17.49 -30.68
N PRO B 315 -40.43 16.64 -31.02
CA PRO B 315 -39.00 16.92 -30.82
C PRO B 315 -38.47 17.92 -31.84
N ASP B 316 -37.41 18.65 -31.48
CA ASP B 316 -36.80 19.62 -32.39
C ASP B 316 -35.73 18.96 -33.25
N ASN B 317 -34.59 18.68 -32.63
CA ASN B 317 -33.45 18.12 -33.34
C ASN B 317 -33.01 16.78 -32.76
N MET C 5 -18.95 -51.97 21.71
CA MET C 5 -19.87 -51.09 21.00
C MET C 5 -20.83 -50.36 21.92
N MET C 6 -21.08 -49.09 21.60
CA MET C 6 -22.15 -48.30 22.22
C MET C 6 -22.52 -47.22 21.21
N PHE C 7 -23.75 -46.75 21.27
CA PHE C 7 -24.15 -45.59 20.48
C PHE C 7 -25.24 -44.75 21.15
N VAL C 8 -25.48 -43.58 20.57
CA VAL C 8 -26.35 -42.61 21.20
C VAL C 8 -27.52 -42.32 20.28
N HIS C 9 -28.72 -42.35 20.84
CA HIS C 9 -29.88 -41.95 20.07
C HIS C 9 -30.39 -40.63 20.58
N ILE C 10 -30.39 -39.64 19.70
CA ILE C 10 -30.83 -38.30 20.03
C ILE C 10 -31.64 -37.77 18.84
N ALA C 11 -32.55 -36.85 19.12
CA ALA C 11 -33.33 -36.23 18.08
C ALA C 11 -34.07 -35.03 18.63
N ASP C 12 -34.65 -34.23 17.72
CA ASP C 12 -35.47 -33.10 18.08
C ASP C 12 -34.86 -32.19 19.14
N ASN C 13 -33.71 -31.60 18.84
CA ASN C 13 -33.15 -30.59 19.70
C ASN C 13 -33.83 -29.27 19.38
N HIS C 14 -34.25 -29.13 18.12
CA HIS C 14 -34.95 -27.97 17.62
C HIS C 14 -34.16 -26.65 17.77
N LEU C 15 -32.91 -26.68 17.32
CA LEU C 15 -32.02 -25.52 17.46
C LEU C 15 -32.53 -24.26 16.80
N GLY C 16 -32.67 -23.22 17.63
CA GLY C 16 -33.07 -21.90 17.17
C GLY C 16 -34.53 -21.63 17.42
N TYR C 17 -35.15 -22.48 18.20
CA TYR C 17 -36.51 -22.25 18.63
C TYR C 17 -36.53 -21.12 19.65
N ARG C 18 -37.40 -20.15 19.44
CA ARG C 18 -37.45 -18.96 20.27
C ARG C 18 -38.83 -18.82 20.89
N GLN C 19 -39.18 -19.69 21.83
CA GLN C 19 -40.54 -19.69 22.39
C GLN C 19 -40.92 -18.33 22.97
N TYR C 20 -42.09 -17.85 22.56
CA TYR C 20 -42.59 -16.53 22.95
C TYR C 20 -41.63 -15.40 22.61
N ASN C 21 -40.75 -15.63 21.63
CA ASN C 21 -39.79 -14.63 21.18
C ASN C 21 -38.93 -14.05 22.30
N LEU C 22 -38.50 -14.90 23.23
CA LEU C 22 -37.67 -14.50 24.36
C LEU C 22 -36.20 -14.85 24.13
N ASP C 23 -35.27 -13.97 24.49
CA ASP C 23 -33.85 -14.29 24.33
C ASP C 23 -33.52 -15.58 25.07
N ASP C 24 -33.99 -15.68 26.31
CA ASP C 24 -33.66 -16.80 27.19
C ASP C 24 -34.20 -18.14 26.69
N ARG C 25 -35.35 -18.12 26.02
CA ARG C 25 -35.97 -19.35 25.52
C ARG C 25 -35.19 -19.92 24.34
N GLU C 26 -34.68 -19.03 23.48
CA GLU C 26 -33.83 -19.45 22.37
C GLU C 26 -32.57 -20.08 22.95
N LYS C 27 -32.11 -19.50 24.06
CA LYS C 27 -30.96 -19.98 24.81
C LYS C 27 -31.21 -21.36 25.40
N ASP C 28 -32.38 -21.51 26.04
CA ASP C 28 -32.74 -22.75 26.72
C ASP C 28 -32.51 -23.94 25.83
N ILE C 29 -33.04 -23.84 24.61
CA ILE C 29 -32.85 -24.84 23.59
C ILE C 29 -31.37 -25.06 23.32
N TYR C 30 -30.63 -23.95 23.22
CA TYR C 30 -29.20 -24.00 22.94
C TYR C 30 -28.46 -24.74 24.02
N ASP C 31 -28.74 -24.36 25.26
CA ASP C 31 -27.97 -24.88 26.38
C ASP C 31 -28.17 -26.35 26.56
N SER C 32 -29.43 -26.78 26.59
CA SER C 32 -29.72 -28.18 26.76
C SER C 32 -29.06 -28.97 25.65
N PHE C 33 -29.09 -28.43 24.45
CA PHE C 33 -28.38 -29.08 23.35
C PHE C 33 -26.89 -29.17 23.65
N LYS C 34 -26.31 -28.05 24.08
CA LYS C 34 -24.88 -28.02 24.41
C LYS C 34 -24.56 -29.04 25.50
N LEU C 35 -25.50 -29.21 26.43
CA LEU C 35 -25.33 -30.11 27.55
C LEU C 35 -25.30 -31.58 27.11
N CYS C 36 -26.24 -31.97 26.24
CA CYS C 36 -26.26 -33.31 25.67
C CYS C 36 -24.96 -33.62 24.97
N ILE C 37 -24.48 -32.64 24.20
CA ILE C 37 -23.22 -32.81 23.49
C ILE C 37 -22.10 -33.01 24.49
N LYS C 38 -22.13 -32.23 25.58
CA LYS C 38 -21.10 -32.34 26.60
C LYS C 38 -21.11 -33.72 27.22
N LYS C 39 -22.31 -34.21 27.47
CA LYS C 39 -22.50 -35.54 28.02
C LYS C 39 -22.09 -36.61 27.00
N ILE C 40 -22.47 -36.42 25.74
CA ILE C 40 -22.08 -37.34 24.66
C ILE C 40 -20.57 -37.41 24.51
N LEU C 41 -19.88 -36.32 24.84
CA LEU C 41 -18.42 -36.31 24.75
C LEU C 41 -17.67 -37.08 25.85
N GLU C 42 -18.22 -37.09 27.07
CA GLU C 42 -17.65 -37.89 28.15
C GLU C 42 -17.85 -39.38 27.92
N ILE C 43 -18.98 -39.73 27.31
CA ILE C 43 -19.39 -41.11 27.10
C ILE C 43 -18.57 -41.82 26.03
N LYS C 44 -18.18 -41.09 24.99
CA LYS C 44 -17.36 -41.64 23.91
C LYS C 44 -17.96 -42.82 23.16
N PRO C 45 -19.20 -42.72 22.69
CA PRO C 45 -19.71 -43.86 21.93
C PRO C 45 -19.07 -43.95 20.55
N ASP C 46 -19.21 -45.09 19.88
CA ASP C 46 -18.62 -45.28 18.56
C ASP C 46 -19.44 -44.52 17.53
N VAL C 47 -20.73 -44.40 17.82
CA VAL C 47 -21.68 -43.81 16.89
C VAL C 47 -22.70 -42.91 17.59
N VAL C 48 -23.19 -41.91 16.89
CA VAL C 48 -24.32 -41.11 17.35
C VAL C 48 -25.37 -41.11 16.24
N LEU C 49 -26.60 -41.53 16.56
CA LEU C 49 -27.68 -41.44 15.59
C LEU C 49 -28.59 -40.26 15.90
N HIS C 50 -28.68 -39.32 14.97
CA HIS C 50 -29.54 -38.16 15.14
C HIS C 50 -30.74 -38.23 14.22
N SER C 51 -31.94 -38.27 14.80
CA SER C 51 -33.12 -38.57 14.01
C SER C 51 -33.87 -37.38 13.43
N GLY C 52 -33.22 -36.23 13.40
CA GLY C 52 -33.81 -35.08 12.74
C GLY C 52 -34.37 -33.99 13.63
N ASP C 53 -34.84 -32.92 13.01
CA ASP C 53 -35.20 -31.70 13.71
C ASP C 53 -34.10 -31.25 14.66
N LEU C 54 -32.86 -31.35 14.17
CA LEU C 54 -31.70 -30.77 14.82
C LEU C 54 -31.91 -29.28 14.93
N PHE C 55 -32.28 -28.69 13.79
CA PHE C 55 -32.66 -27.29 13.65
C PHE C 55 -34.17 -27.15 13.54
N ASN C 56 -34.70 -26.07 14.10
CA ASN C 56 -36.13 -25.81 14.11
C ASN C 56 -36.66 -25.18 12.80
N ASP C 57 -35.75 -24.68 11.95
CA ASP C 57 -36.13 -24.05 10.69
C ASP C 57 -35.13 -24.27 9.56
N LEU C 58 -35.52 -23.99 8.32
CA LEU C 58 -34.61 -24.17 7.18
C LEU C 58 -33.56 -23.06 7.19
N ARG C 59 -33.97 -21.88 7.63
CA ARG C 59 -33.03 -20.77 7.77
C ARG C 59 -32.93 -20.45 9.24
N PRO C 60 -32.07 -21.18 9.95
CA PRO C 60 -31.97 -21.04 11.40
C PRO C 60 -31.10 -19.85 11.73
N PRO C 61 -31.25 -19.30 12.94
CA PRO C 61 -30.40 -18.27 13.53
C PRO C 61 -28.94 -18.59 13.29
N VAL C 62 -28.10 -17.56 13.22
CA VAL C 62 -26.70 -17.79 12.94
C VAL C 62 -26.07 -18.50 14.11
N LYS C 63 -26.41 -18.07 15.33
CA LYS C 63 -25.85 -18.67 16.52
C LYS C 63 -26.05 -20.17 16.52
N ALA C 64 -27.24 -20.60 16.14
CA ALA C 64 -27.56 -22.01 16.14
C ALA C 64 -26.63 -22.77 15.22
N LEU C 65 -26.41 -22.24 14.02
CA LEU C 65 -25.56 -22.90 13.05
C LEU C 65 -24.12 -22.99 13.54
N ARG C 66 -23.69 -21.98 14.27
CA ARG C 66 -22.32 -21.99 14.76
C ARG C 66 -22.20 -23.07 15.84
N ILE C 67 -23.14 -23.12 16.78
CA ILE C 67 -23.15 -24.12 17.83
C ILE C 67 -23.22 -25.54 17.25
N ALA C 68 -24.11 -25.72 16.29
CA ALA C 68 -24.33 -27.01 15.64
C ALA C 68 -23.07 -27.49 14.93
N MET C 69 -22.46 -26.62 14.14
CA MET C 69 -21.27 -27.00 13.42
C MET C 69 -20.13 -27.30 14.39
N GLN C 70 -20.03 -26.51 15.45
CA GLN C 70 -19.00 -26.68 16.45
C GLN C 70 -19.18 -27.99 17.18
N ALA C 71 -20.45 -28.31 17.44
CA ALA C 71 -20.79 -29.53 18.16
C ALA C 71 -20.36 -30.79 17.41
N PHE C 72 -20.85 -30.96 16.19
CA PHE C 72 -20.52 -32.14 15.40
C PHE C 72 -19.06 -32.16 14.96
N LYS C 73 -18.43 -30.99 14.93
CA LYS C 73 -17.01 -30.94 14.70
C LYS C 73 -16.30 -31.63 15.84
N LYS C 74 -16.69 -31.27 17.06
CA LYS C 74 -16.08 -31.81 18.28
C LYS C 74 -16.28 -33.32 18.34
N LEU C 75 -17.43 -33.79 17.89
CA LEU C 75 -17.74 -35.21 17.80
C LEU C 75 -16.85 -35.87 16.77
N HIS C 76 -16.73 -35.25 15.60
CA HIS C 76 -15.96 -35.82 14.51
C HIS C 76 -14.48 -35.86 14.89
N GLU C 77 -14.05 -34.91 15.71
CA GLU C 77 -12.66 -34.87 16.12
C GLU C 77 -12.35 -35.88 17.21
N ASN C 78 -13.39 -36.43 17.82
CA ASN C 78 -13.21 -37.50 18.79
C ASN C 78 -13.55 -38.87 18.19
N ASN C 79 -13.35 -38.96 16.88
CA ASN C 79 -13.61 -40.18 16.11
C ASN C 79 -14.99 -40.82 16.31
N ILE C 80 -15.96 -40.02 16.69
CA ILE C 80 -17.33 -40.49 16.86
C ILE C 80 -18.05 -40.39 15.53
N LYS C 81 -18.44 -41.53 14.97
CA LYS C 81 -19.16 -41.50 13.71
C LYS C 81 -20.59 -41.00 13.93
N VAL C 82 -21.07 -40.16 13.01
CA VAL C 82 -22.40 -39.57 13.16
C VAL C 82 -23.25 -39.74 11.91
N TYR C 83 -24.50 -40.14 12.12
CA TYR C 83 -25.47 -40.28 11.05
C TYR C 83 -26.65 -39.39 11.41
N ILE C 84 -27.28 -38.83 10.39
CA ILE C 84 -28.45 -37.99 10.61
C ILE C 84 -29.47 -38.17 9.48
N VAL C 85 -30.75 -37.99 9.81
CA VAL C 85 -31.79 -37.99 8.79
C VAL C 85 -32.47 -36.63 8.82
N ALA C 86 -32.97 -36.16 7.69
CA ALA C 86 -33.57 -34.85 7.65
C ALA C 86 -34.94 -34.87 8.30
N GLY C 87 -35.15 -33.99 9.27
CA GLY C 87 -36.45 -33.84 9.90
C GLY C 87 -37.38 -33.03 9.02
N ASN C 88 -38.62 -32.84 9.46
CA ASN C 88 -39.58 -32.04 8.70
C ASN C 88 -39.14 -30.59 8.56
N HIS C 89 -38.50 -30.07 9.61
CA HIS C 89 -38.05 -28.69 9.62
C HIS C 89 -36.78 -28.45 8.83
N GLU C 90 -36.10 -29.52 8.43
CA GLU C 90 -34.85 -29.41 7.72
C GLU C 90 -35.04 -29.82 6.27
N MET C 91 -36.29 -29.93 5.85
CA MET C 91 -36.61 -30.30 4.49
C MET C 91 -36.90 -29.06 3.64
N PRO C 92 -36.13 -28.88 2.55
CA PRO C 92 -36.32 -27.76 1.61
C PRO C 92 -37.73 -27.78 1.01
N ARG C 93 -38.23 -26.61 0.64
CA ARG C 93 -39.56 -26.52 0.03
C ARG C 93 -39.52 -26.04 -1.43
N ARG C 94 -38.70 -25.03 -1.70
CA ARG C 94 -38.53 -24.58 -3.08
C ARG C 94 -37.43 -25.40 -3.77
N LEU C 95 -37.62 -25.67 -5.07
CA LEU C 95 -36.67 -26.50 -5.79
C LEU C 95 -35.28 -25.87 -5.90
N GLY C 96 -34.32 -26.46 -5.19
CA GLY C 96 -32.96 -25.95 -5.18
C GLY C 96 -32.65 -25.26 -3.87
N GLU C 97 -33.66 -25.10 -3.04
CA GLU C 97 -33.47 -24.57 -1.69
C GLU C 97 -32.71 -25.64 -0.92
N GLU C 98 -31.72 -25.23 -0.11
CA GLU C 98 -30.88 -26.17 0.64
C GLU C 98 -31.26 -26.34 2.12
N SER C 99 -30.91 -27.50 2.67
CA SER C 99 -31.16 -27.84 4.08
C SER C 99 -30.03 -27.32 4.98
N PRO C 100 -30.36 -26.83 6.19
CA PRO C 100 -29.32 -26.37 7.11
C PRO C 100 -28.34 -27.48 7.46
N LEU C 101 -28.80 -28.73 7.32
CA LEU C 101 -27.99 -29.91 7.57
C LEU C 101 -26.80 -29.99 6.63
N ALA C 102 -26.91 -29.30 5.49
CA ALA C 102 -25.85 -29.29 4.50
C ALA C 102 -24.61 -28.63 5.05
N LEU C 103 -24.80 -27.76 6.05
CA LEU C 103 -23.67 -27.11 6.73
C LEU C 103 -22.88 -28.05 7.63
N LEU C 104 -23.24 -29.32 7.63
CA LEU C 104 -22.63 -30.28 8.52
C LEU C 104 -21.99 -31.41 7.74
N LYS C 105 -22.01 -31.29 6.41
CA LYS C 105 -21.58 -32.38 5.52
C LYS C 105 -20.16 -32.91 5.79
N ASP C 106 -19.36 -32.12 6.49
CA ASP C 106 -17.98 -32.51 6.74
C ASP C 106 -17.81 -33.23 8.08
N TYR C 107 -18.84 -33.17 8.92
CA TYR C 107 -18.82 -33.82 10.24
C TYR C 107 -19.83 -34.95 10.37
N VAL C 108 -20.81 -34.97 9.49
CA VAL C 108 -21.98 -35.83 9.65
C VAL C 108 -22.31 -36.56 8.35
N LYS C 109 -22.81 -37.78 8.49
CA LYS C 109 -23.33 -38.55 7.35
C LYS C 109 -24.82 -38.30 7.23
N ILE C 110 -25.24 -37.64 6.16
CA ILE C 110 -26.67 -37.49 5.91
C ILE C 110 -27.21 -38.74 5.19
N LEU C 111 -28.24 -39.35 5.76
CA LEU C 111 -28.68 -40.66 5.31
C LEU C 111 -29.87 -40.66 4.35
N ASP C 112 -29.68 -41.27 3.19
CA ASP C 112 -30.78 -41.54 2.26
C ASP C 112 -30.49 -42.87 1.58
N GLY C 113 -30.16 -43.88 2.37
CA GLY C 113 -29.85 -45.19 1.82
C GLY C 113 -29.20 -46.05 2.89
N LYS C 114 -28.35 -46.98 2.46
CA LYS C 114 -27.72 -47.93 3.37
C LYS C 114 -26.27 -47.57 3.65
N ASP C 115 -25.78 -48.03 4.80
CA ASP C 115 -24.35 -47.95 5.11
C ASP C 115 -23.98 -48.99 6.17
N VAL C 116 -22.80 -49.57 6.02
CA VAL C 116 -22.33 -50.62 6.93
C VAL C 116 -21.09 -50.12 7.65
N ILE C 117 -21.22 -49.92 8.96
CA ILE C 117 -20.10 -49.35 9.72
C ILE C 117 -19.26 -50.43 10.41
N ASN C 118 -17.96 -50.38 10.15
CA ASN C 118 -17.03 -51.34 10.70
C ASN C 118 -16.50 -50.80 12.01
N VAL C 119 -16.98 -51.32 13.14
CA VAL C 119 -16.53 -50.81 14.43
C VAL C 119 -15.52 -51.76 15.03
N ASN C 120 -14.82 -51.31 16.06
CA ASN C 120 -13.94 -52.22 16.79
C ASN C 120 -14.76 -52.84 17.92
N GLY C 121 -14.98 -54.14 17.81
CA GLY C 121 -14.51 -54.89 16.66
C GLY C 121 -15.62 -55.68 16.01
N GLU C 122 -16.34 -55.07 15.08
CA GLU C 122 -17.50 -55.71 14.48
C GLU C 122 -17.88 -55.06 13.15
N GLU C 123 -19.06 -55.40 12.66
CA GLU C 123 -19.60 -54.85 11.41
C GLU C 123 -21.11 -54.76 11.54
N ILE C 124 -21.65 -53.55 11.49
CA ILE C 124 -23.07 -53.34 11.78
C ILE C 124 -23.77 -52.37 10.80
N PHE C 125 -25.02 -52.71 10.46
CA PHE C 125 -25.77 -52.12 9.35
C PHE C 125 -26.75 -51.02 9.80
N ILE C 126 -26.73 -49.91 9.07
CA ILE C 126 -27.65 -48.78 9.26
C ILE C 126 -28.31 -48.39 7.95
N CYS C 127 -29.61 -48.10 7.99
CA CYS C 127 -30.28 -47.48 6.87
C CYS C 127 -31.22 -46.39 7.37
N GLY C 128 -31.61 -45.49 6.47
CA GLY C 128 -32.52 -44.43 6.84
C GLY C 128 -32.88 -43.54 5.68
N THR C 129 -33.88 -42.70 5.89
CA THR C 129 -34.26 -41.72 4.89
C THR C 129 -34.93 -40.52 5.54
N TYR C 130 -34.90 -39.41 4.83
CA TYR C 130 -35.41 -38.13 5.31
C TYR C 130 -36.91 -38.13 5.58
N TYR C 131 -37.42 -37.02 6.08
CA TYR C 131 -38.84 -36.92 6.40
C TYR C 131 -39.72 -36.91 5.17
N HIS C 132 -40.67 -37.84 5.11
CA HIS C 132 -41.67 -37.88 4.05
C HIS C 132 -43.00 -37.34 4.54
N LYS C 133 -43.79 -36.77 3.63
CA LYS C 133 -45.13 -36.34 3.99
C LYS C 133 -45.99 -37.60 4.00
N LYS C 134 -47.15 -37.52 4.65
CA LYS C 134 -48.13 -38.59 4.61
C LYS C 134 -48.38 -38.96 3.17
N SER C 135 -48.57 -37.91 2.37
CA SER C 135 -48.87 -38.00 0.95
C SER C 135 -48.08 -39.06 0.17
N LYS C 136 -46.77 -39.10 0.41
CA LYS C 136 -45.88 -39.99 -0.35
C LYS C 136 -45.49 -41.21 0.47
N ARG C 137 -46.46 -41.89 1.06
CA ARG C 137 -46.20 -43.10 1.84
C ARG C 137 -45.81 -44.30 0.99
N GLU C 138 -46.53 -44.51 -0.10
CA GLU C 138 -46.25 -45.62 -1.01
C GLU C 138 -44.81 -45.55 -1.47
N GLU C 139 -44.39 -44.36 -1.87
CA GLU C 139 -43.01 -44.06 -2.24
C GLU C 139 -42.07 -44.64 -1.20
N MET C 140 -42.37 -44.32 0.06
CA MET C 140 -41.56 -44.71 1.21
C MET C 140 -41.46 -46.21 1.41
N LEU C 141 -42.55 -46.94 1.16
CA LEU C 141 -42.59 -48.36 1.45
C LEU C 141 -41.54 -49.17 0.69
N ASP C 142 -41.34 -48.89 -0.60
CA ASP C 142 -40.27 -49.55 -1.35
C ASP C 142 -38.93 -49.31 -0.68
N LYS C 143 -38.70 -48.08 -0.22
CA LYS C 143 -37.47 -47.76 0.46
C LYS C 143 -37.29 -48.74 1.62
N LEU C 144 -38.35 -48.93 2.40
CA LEU C 144 -38.28 -49.82 3.54
C LEU C 144 -38.22 -51.28 3.11
N LYS C 145 -39.07 -51.67 2.18
CA LYS C 145 -39.02 -53.03 1.66
C LYS C 145 -37.67 -53.33 1.00
N ASN C 146 -37.04 -52.32 0.43
CA ASN C 146 -35.72 -52.51 -0.16
C ASN C 146 -34.65 -52.51 0.93
N PHE C 147 -34.91 -51.79 2.00
CA PHE C 147 -34.04 -51.80 3.17
C PHE C 147 -34.09 -53.17 3.80
N GLU C 148 -35.31 -53.72 3.83
CA GLU C 148 -35.56 -55.07 4.32
C GLU C 148 -34.63 -56.05 3.60
N SER C 149 -34.56 -55.92 2.29
CA SER C 149 -33.75 -56.80 1.45
C SER C 149 -32.25 -56.62 1.65
N GLU C 150 -31.80 -55.38 1.72
CA GLU C 150 -30.37 -55.10 1.79
C GLU C 150 -29.83 -55.39 3.18
N ALA C 151 -30.72 -55.69 4.12
CA ALA C 151 -30.32 -55.94 5.50
C ALA C 151 -30.51 -57.39 5.93
N LYS C 152 -31.02 -58.23 5.04
CA LYS C 152 -31.34 -59.62 5.37
C LYS C 152 -30.18 -60.40 5.97
N ASN C 153 -29.02 -60.29 5.34
CA ASN C 153 -27.83 -61.02 5.74
C ASN C 153 -26.95 -60.36 6.82
N TYR C 154 -27.57 -59.51 7.65
CA TYR C 154 -26.85 -58.84 8.74
C TYR C 154 -27.38 -59.21 10.12
N LYS C 155 -26.46 -59.40 11.06
CA LYS C 155 -26.84 -59.72 12.43
C LYS C 155 -27.50 -58.50 13.07
N LYS C 156 -26.74 -57.42 13.14
CA LYS C 156 -27.19 -56.19 13.77
C LYS C 156 -27.52 -55.11 12.74
N LYS C 157 -28.80 -54.74 12.68
CA LYS C 157 -29.29 -53.79 11.69
C LYS C 157 -30.14 -52.70 12.35
N ILE C 158 -29.82 -51.44 12.05
CA ILE C 158 -30.54 -50.31 12.62
C ILE C 158 -31.25 -49.49 11.56
N LEU C 159 -32.50 -49.12 11.84
CA LEU C 159 -33.28 -48.25 10.96
C LEU C 159 -33.47 -46.87 11.59
N MET C 160 -33.18 -45.82 10.82
CA MET C 160 -33.36 -44.46 11.28
C MET C 160 -34.48 -43.81 10.48
N LEU C 161 -35.46 -43.22 11.17
CA LEU C 161 -36.55 -42.56 10.46
C LEU C 161 -37.02 -41.33 11.22
N HIS C 162 -37.57 -40.35 10.50
CA HIS C 162 -38.21 -39.21 11.16
C HIS C 162 -39.64 -39.12 10.69
N GLN C 163 -40.50 -39.96 11.26
CA GLN C 163 -41.91 -39.98 10.91
C GLN C 163 -42.76 -40.21 12.15
N GLY C 164 -44.07 -40.01 12.05
CA GLY C 164 -45.00 -40.38 13.09
C GLY C 164 -45.64 -41.72 12.80
N ILE C 165 -45.56 -42.64 13.75
CA ILE C 165 -46.12 -43.98 13.55
C ILE C 165 -47.46 -44.12 14.29
N ASN C 166 -48.41 -44.81 13.67
CA ASN C 166 -49.84 -44.77 14.06
C ASN C 166 -50.25 -44.93 15.53
N PRO C 167 -49.79 -46.01 16.21
CA PRO C 167 -50.21 -46.16 17.60
C PRO C 167 -49.61 -45.09 18.50
N TYR C 168 -48.42 -44.62 18.12
CA TYR C 168 -47.58 -43.77 18.96
C TYR C 168 -48.01 -42.30 18.95
N ILE C 169 -48.72 -41.91 17.90
CA ILE C 169 -49.26 -40.57 17.81
C ILE C 169 -50.53 -40.58 16.94
N PRO C 170 -51.69 -40.77 17.59
CA PRO C 170 -53.01 -41.00 17.00
C PRO C 170 -53.29 -40.23 15.71
N LEU C 171 -53.27 -38.91 15.78
CA LEU C 171 -53.43 -38.06 14.60
C LEU C 171 -52.51 -36.85 14.77
N ASP C 172 -51.62 -36.61 13.82
CA ASP C 172 -51.52 -37.34 12.57
C ASP C 172 -50.23 -38.14 12.40
N TYR C 173 -50.32 -39.23 11.67
CA TYR C 173 -49.17 -40.09 11.43
C TYR C 173 -48.92 -40.26 9.94
N GLU C 174 -47.69 -40.61 9.58
CA GLU C 174 -47.36 -40.89 8.18
C GLU C 174 -47.20 -42.39 7.90
N LEU C 175 -46.88 -43.17 8.93
CA LEU C 175 -46.71 -44.62 8.79
C LEU C 175 -47.59 -45.42 9.75
N GLU C 176 -48.00 -46.62 9.33
CA GLU C 176 -48.71 -47.55 10.19
C GLU C 176 -47.72 -48.53 10.81
N HIS C 177 -47.99 -48.91 12.06
CA HIS C 177 -47.11 -49.78 12.82
C HIS C 177 -46.70 -51.11 12.16
N PHE C 178 -47.42 -51.54 11.14
CA PHE C 178 -47.06 -52.76 10.43
C PHE C 178 -46.26 -52.50 9.15
N ASP C 179 -45.82 -51.26 8.97
CA ASP C 179 -45.10 -50.87 7.76
C ASP C 179 -43.61 -51.16 7.80
N LEU C 180 -43.03 -51.07 8.99
CA LEU C 180 -41.58 -51.21 9.16
C LEU C 180 -41.11 -52.65 9.39
N PRO C 181 -40.12 -53.09 8.59
CA PRO C 181 -39.46 -54.40 8.61
C PRO C 181 -38.75 -54.70 9.92
N LYS C 182 -38.20 -55.91 10.05
CA LYS C 182 -37.50 -56.28 11.27
C LYS C 182 -36.09 -55.70 11.30
N PHE C 183 -35.84 -54.83 12.28
CA PHE C 183 -34.51 -54.28 12.49
C PHE C 183 -34.20 -54.38 13.98
N SER C 184 -32.92 -54.32 14.35
CA SER C 184 -32.56 -54.41 15.76
C SER C 184 -33.09 -53.22 16.56
N TYR C 185 -32.73 -52.02 16.12
CA TYR C 185 -33.08 -50.80 16.81
C TYR C 185 -33.79 -49.84 15.87
N TYR C 186 -34.91 -49.27 16.32
CA TYR C 186 -35.64 -48.31 15.52
C TYR C 186 -35.41 -46.92 16.10
N ALA C 187 -34.36 -46.26 15.61
CA ALA C 187 -33.99 -44.90 16.05
C ALA C 187 -34.85 -43.83 15.37
N LEU C 188 -35.93 -43.42 16.04
CA LEU C 188 -36.93 -42.55 15.43
C LEU C 188 -36.88 -41.15 16.00
N GLY C 189 -37.59 -40.22 15.37
CA GLY C 189 -37.46 -38.82 15.73
C GLY C 189 -38.72 -38.03 15.98
N HIS C 190 -39.57 -37.95 14.97
CA HIS C 190 -40.64 -36.94 14.87
C HIS C 190 -41.48 -36.61 16.12
N ILE C 191 -41.51 -37.50 17.11
CA ILE C 191 -42.37 -37.31 18.28
C ILE C 191 -41.57 -36.69 19.44
N HIS C 192 -42.21 -35.80 20.20
CA HIS C 192 -41.51 -35.05 21.23
C HIS C 192 -41.38 -35.76 22.59
N LYS C 193 -42.25 -36.71 22.88
CA LYS C 193 -42.14 -37.45 24.14
C LYS C 193 -41.28 -38.69 23.97
N ARG C 194 -40.68 -39.14 25.07
CA ARG C 194 -39.86 -40.34 25.05
C ARG C 194 -40.76 -41.52 24.75
N ILE C 195 -40.35 -42.36 23.81
CA ILE C 195 -41.05 -43.62 23.55
C ILE C 195 -40.05 -44.74 23.30
N LEU C 196 -39.96 -45.65 24.25
CA LEU C 196 -39.06 -46.80 24.14
C LEU C 196 -39.81 -48.06 24.54
N GLU C 197 -39.89 -49.02 23.62
CA GLU C 197 -40.57 -50.28 23.91
C GLU C 197 -40.19 -51.38 22.95
N ARG C 198 -40.30 -52.62 23.43
CA ARG C 198 -40.00 -53.79 22.63
C ARG C 198 -40.99 -53.83 21.45
N PHE C 199 -40.53 -54.32 20.30
CA PHE C 199 -41.33 -54.21 19.09
C PHE C 199 -40.72 -55.09 17.98
N ASN C 200 -41.57 -55.86 17.31
CA ASN C 200 -41.18 -56.66 16.15
C ASN C 200 -39.80 -57.33 16.18
N ASP C 201 -39.57 -58.15 17.21
CA ASP C 201 -38.31 -58.87 17.37
C ASP C 201 -37.14 -57.91 17.45
N GLY C 202 -37.28 -56.89 18.30
CA GLY C 202 -36.26 -55.86 18.44
C GLY C 202 -36.76 -54.83 19.43
N ILE C 203 -36.28 -53.60 19.28
CA ILE C 203 -36.66 -52.52 20.20
C ILE C 203 -36.74 -51.16 19.51
N LEU C 204 -37.86 -50.48 19.73
CA LEU C 204 -38.19 -49.22 19.06
C LEU C 204 -38.06 -48.01 19.99
N ALA C 205 -37.53 -46.91 19.45
CA ALA C 205 -37.32 -45.69 20.26
C ALA C 205 -37.59 -44.38 19.54
N TYR C 206 -38.23 -43.47 20.25
CA TYR C 206 -38.26 -42.06 19.90
C TYR C 206 -37.48 -41.35 20.99
N SER C 207 -36.38 -40.70 20.62
CA SER C 207 -35.51 -40.05 21.59
C SER C 207 -36.23 -38.91 22.31
N GLY C 208 -37.13 -38.25 21.59
CA GLY C 208 -37.91 -37.17 22.15
C GLY C 208 -37.12 -35.88 22.21
N SER C 209 -37.83 -34.76 22.26
CA SER C 209 -37.21 -33.44 22.25
C SER C 209 -36.27 -33.21 23.45
N THR C 210 -35.16 -32.51 23.21
CA THR C 210 -34.13 -32.31 24.25
C THR C 210 -34.44 -31.08 25.08
N GLU C 211 -35.58 -30.48 24.77
CA GLU C 211 -36.14 -29.38 25.55
C GLU C 211 -37.64 -29.30 25.36
N ILE C 212 -38.27 -28.47 26.18
CA ILE C 212 -39.72 -28.30 26.16
C ILE C 212 -40.14 -27.39 25.01
N ILE C 213 -40.75 -27.98 23.99
CA ILE C 213 -41.18 -27.24 22.81
C ILE C 213 -42.61 -26.73 22.98
N TYR C 214 -43.41 -27.43 23.79
CA TYR C 214 -44.79 -27.02 24.04
C TYR C 214 -45.11 -27.04 25.53
N ARG C 215 -46.11 -26.26 25.96
CA ARG C 215 -46.56 -26.31 27.36
C ARG C 215 -47.10 -27.71 27.68
N ASN C 216 -47.10 -28.56 26.66
CA ASN C 216 -47.68 -29.89 26.70
C ASN C 216 -46.72 -30.85 27.40
N GLU C 217 -45.45 -30.79 26.99
CA GLU C 217 -44.45 -31.75 27.45
C GLU C 217 -43.86 -31.36 28.80
N TYR C 218 -44.48 -30.39 29.49
CA TYR C 218 -43.89 -29.83 30.70
C TYR C 218 -43.71 -30.87 31.79
N GLU C 219 -44.64 -31.83 31.85
CA GLU C 219 -44.68 -32.84 32.91
C GLU C 219 -44.33 -34.24 32.42
N ASP C 220 -44.39 -34.46 31.11
CA ASP C 220 -43.89 -35.70 30.56
C ASP C 220 -42.39 -35.68 30.82
N TYR C 221 -41.85 -34.47 30.90
CA TYR C 221 -40.48 -34.22 31.34
C TYR C 221 -40.30 -34.57 32.82
N LYS C 222 -41.35 -34.34 33.62
CA LYS C 222 -41.30 -34.68 35.03
C LYS C 222 -41.16 -36.18 35.28
N LYS C 223 -42.02 -36.98 34.64
CA LYS C 223 -42.14 -38.41 34.96
C LYS C 223 -41.22 -39.33 34.16
N GLU C 224 -40.96 -38.97 32.90
CA GLU C 224 -40.07 -39.76 32.08
C GLU C 224 -38.68 -39.14 32.01
N GLY C 225 -38.62 -37.81 32.08
CA GLY C 225 -37.37 -37.08 32.01
C GLY C 225 -36.89 -36.96 30.59
N LYS C 226 -36.52 -35.74 30.19
CA LYS C 226 -36.08 -35.49 28.82
C LYS C 226 -34.57 -35.55 28.69
N GLY C 227 -34.10 -35.87 27.49
CA GLY C 227 -32.68 -36.01 27.24
C GLY C 227 -32.45 -36.89 26.04
N PHE C 228 -31.60 -37.90 26.18
CA PHE C 228 -31.37 -38.83 25.07
C PHE C 228 -31.02 -40.22 25.54
N TYR C 229 -31.10 -41.19 24.64
CA TYR C 229 -30.77 -42.57 24.98
C TYR C 229 -29.32 -42.94 24.70
N LEU C 230 -28.80 -43.88 25.49
CA LEU C 230 -27.49 -44.45 25.26
C LEU C 230 -27.64 -45.96 25.16
N VAL C 231 -27.64 -46.44 23.91
CA VAL C 231 -27.81 -47.85 23.64
C VAL C 231 -26.42 -48.43 23.50
N ASP C 232 -26.20 -49.60 24.08
CA ASP C 232 -24.86 -50.17 23.98
C ASP C 232 -24.70 -51.11 22.79
N PHE C 233 -25.60 -52.08 22.65
CA PHE C 233 -25.53 -53.05 21.56
C PHE C 233 -24.18 -53.77 21.61
N SER C 234 -23.66 -53.94 22.83
CA SER C 234 -22.38 -54.62 23.03
C SER C 234 -22.56 -56.09 22.70
N GLY C 235 -23.59 -56.66 23.31
CA GLY C 235 -23.88 -58.07 23.14
C GLY C 235 -24.51 -58.37 21.80
N ASN C 236 -24.74 -59.64 21.55
CA ASN C 236 -25.37 -60.08 20.31
C ASN C 236 -26.82 -59.63 20.27
N ASP C 237 -27.49 -59.74 21.42
CA ASP C 237 -28.87 -59.31 21.58
C ASP C 237 -28.96 -57.92 22.22
N LEU C 238 -30.08 -57.24 22.01
CA LEU C 238 -30.37 -56.01 22.75
C LEU C 238 -31.79 -55.97 23.32
N ASP C 239 -31.89 -55.61 24.59
CA ASP C 239 -33.16 -55.54 25.30
C ASP C 239 -33.28 -54.14 25.89
N ILE C 240 -34.37 -53.86 26.61
CA ILE C 240 -34.55 -52.57 27.25
C ILE C 240 -33.42 -52.34 28.27
N SER C 241 -32.96 -53.45 28.85
CA SER C 241 -31.96 -53.45 29.90
C SER C 241 -30.61 -52.80 29.53
N ASP C 242 -30.30 -52.73 28.24
CA ASP C 242 -29.06 -52.08 27.80
C ASP C 242 -29.31 -50.72 27.15
N ILE C 243 -30.30 -50.00 27.69
CA ILE C 243 -30.59 -48.67 27.20
C ILE C 243 -30.69 -47.69 28.37
N GLU C 244 -29.74 -46.77 28.43
CA GLU C 244 -29.68 -45.76 29.49
C GLU C 244 -30.39 -44.48 29.08
N LYS C 245 -31.17 -43.91 30.00
CA LYS C 245 -31.74 -42.59 29.72
C LYS C 245 -30.91 -41.50 30.42
N ILE C 246 -30.21 -40.72 29.61
CA ILE C 246 -29.48 -39.57 30.13
C ILE C 246 -30.38 -38.36 30.11
N ASP C 247 -30.68 -37.82 31.30
CA ASP C 247 -31.61 -36.71 31.40
C ASP C 247 -30.95 -35.34 31.33
N ILE C 248 -31.78 -34.33 31.06
CA ILE C 248 -31.32 -32.98 30.80
C ILE C 248 -32.13 -31.99 31.62
N GLU C 249 -31.43 -31.18 32.38
CA GLU C 249 -32.09 -30.15 33.18
C GLU C 249 -32.69 -29.16 32.20
N CYS C 250 -34.00 -28.89 32.30
CA CYS C 250 -34.55 -27.85 31.43
C CYS C 250 -35.71 -27.05 32.01
N ARG C 251 -36.02 -25.94 31.34
CA ARG C 251 -36.88 -24.88 31.85
C ARG C 251 -38.20 -25.41 32.33
N GLU C 252 -38.59 -25.05 33.55
CA GLU C 252 -39.83 -25.56 34.11
C GLU C 252 -41.05 -24.66 33.87
N PHE C 253 -42.21 -25.29 33.68
CA PHE C 253 -43.46 -24.58 33.46
C PHE C 253 -44.42 -24.84 34.62
N VAL C 254 -44.95 -23.77 35.23
CA VAL C 254 -45.95 -23.95 36.28
C VAL C 254 -47.34 -23.48 35.83
N GLU C 255 -48.33 -24.32 36.07
CA GLU C 255 -49.73 -24.01 35.75
C GLU C 255 -50.41 -23.43 36.98
N VAL C 256 -51.23 -22.40 36.79
CA VAL C 256 -51.94 -21.76 37.90
C VAL C 256 -53.45 -21.58 37.68
N ASN C 257 -54.16 -21.45 38.80
CA ASN C 257 -55.60 -21.20 38.79
C ASN C 257 -56.02 -20.33 39.96
N ILE C 258 -55.60 -19.07 39.93
CA ILE C 258 -55.83 -18.17 41.05
C ILE C 258 -57.25 -17.60 41.04
N LYS C 259 -58.08 -18.13 41.93
CA LYS C 259 -59.46 -17.67 42.07
C LYS C 259 -59.78 -17.32 43.52
N ASP C 260 -58.88 -17.73 44.42
CA ASP C 260 -59.00 -17.42 45.83
C ASP C 260 -57.62 -17.46 46.48
N LYS C 261 -57.57 -17.24 47.80
CA LYS C 261 -56.30 -17.29 48.52
C LYS C 261 -55.69 -18.69 48.61
N LYS C 262 -56.53 -19.72 48.61
CA LYS C 262 -56.04 -21.11 48.65
C LYS C 262 -55.09 -21.44 47.51
N SER C 263 -55.57 -21.25 46.28
CA SER C 263 -54.78 -21.58 45.10
C SER C 263 -53.54 -20.70 45.01
N PHE C 264 -53.66 -19.49 45.54
CA PHE C 264 -52.59 -18.49 45.48
C PHE C 264 -51.35 -18.98 46.24
N ASN C 265 -51.52 -19.36 47.50
CA ASN C 265 -50.38 -19.79 48.30
C ASN C 265 -49.69 -21.06 47.80
N GLU C 266 -50.48 -22.04 47.36
CA GLU C 266 -49.91 -23.26 46.80
C GLU C 266 -49.23 -23.03 45.46
N ALA C 267 -49.73 -22.06 44.68
CA ALA C 267 -49.10 -21.69 43.42
C ALA C 267 -47.74 -21.06 43.69
N VAL C 268 -47.69 -20.15 44.67
CA VAL C 268 -46.45 -19.51 45.06
C VAL C 268 -45.44 -20.57 45.51
N ASN C 269 -45.93 -21.54 46.30
CA ASN C 269 -45.08 -22.62 46.80
C ASN C 269 -44.45 -23.43 45.67
N LYS C 270 -45.26 -23.73 44.65
CA LYS C 270 -44.74 -24.41 43.47
C LYS C 270 -43.67 -23.58 42.76
N ILE C 271 -43.87 -22.27 42.71
CA ILE C 271 -42.89 -21.39 42.06
C ILE C 271 -41.59 -21.22 42.86
N GLU C 272 -41.69 -21.16 44.18
CA GLU C 272 -40.52 -20.95 45.02
C GLU C 272 -39.55 -22.15 44.94
N ARG C 273 -40.10 -23.35 44.86
CA ARG C 273 -39.26 -24.56 44.82
C ARG C 273 -38.68 -24.80 43.44
N CYS C 274 -38.83 -23.84 42.53
CA CYS C 274 -38.28 -24.00 41.19
C CYS C 274 -36.79 -23.70 41.17
N LYS C 275 -36.04 -24.61 40.56
CA LYS C 275 -34.60 -24.48 40.45
C LYS C 275 -34.27 -23.36 39.49
N ASN C 276 -35.02 -23.30 38.39
CA ASN C 276 -34.83 -22.23 37.43
C ASN C 276 -36.16 -21.50 37.21
N LYS C 277 -36.08 -20.18 37.08
CA LYS C 277 -37.25 -19.31 36.93
C LYS C 277 -38.26 -19.80 35.90
N PRO C 278 -39.51 -20.02 36.33
CA PRO C 278 -40.53 -20.73 35.54
C PRO C 278 -41.40 -19.86 34.64
N VAL C 279 -41.93 -20.49 33.60
CA VAL C 279 -42.98 -19.90 32.77
C VAL C 279 -44.33 -20.22 33.40
N VAL C 280 -45.06 -19.19 33.78
CA VAL C 280 -46.36 -19.40 34.41
C VAL C 280 -47.49 -19.19 33.41
N PHE C 281 -48.47 -20.09 33.42
CA PHE C 281 -49.61 -20.00 32.51
C PHE C 281 -50.87 -20.58 33.12
N GLY C 282 -52.03 -20.26 32.52
CA GLY C 282 -53.30 -20.69 33.05
C GLY C 282 -54.29 -19.55 33.22
N LYS C 283 -54.98 -19.50 34.36
CA LYS C 283 -56.02 -18.51 34.60
C LYS C 283 -55.84 -17.70 35.89
N ILE C 284 -56.15 -16.41 35.83
CA ILE C 284 -56.19 -15.55 37.02
C ILE C 284 -57.39 -14.59 36.98
N LYS C 285 -58.16 -14.52 38.07
CA LYS C 285 -59.24 -13.55 38.15
C LYS C 285 -58.70 -12.11 38.21
N ARG C 286 -59.35 -11.21 37.47
CA ARG C 286 -58.92 -9.81 37.34
C ARG C 286 -58.57 -9.16 38.68
N GLU C 287 -59.34 -9.47 39.72
CA GLU C 287 -59.12 -8.87 41.04
C GLU C 287 -57.74 -9.22 41.59
N PHE C 288 -57.12 -10.26 41.04
CA PHE C 288 -55.84 -10.76 41.57
C PHE C 288 -54.62 -10.29 40.78
N LYS C 289 -54.84 -9.73 39.59
CA LYS C 289 -53.72 -9.40 38.70
C LYS C 289 -52.70 -8.39 39.27
N PRO C 290 -53.18 -7.33 39.97
CA PRO C 290 -52.15 -6.46 40.56
C PRO C 290 -51.38 -7.17 41.68
N TRP C 291 -52.05 -8.10 42.35
CA TRP C 291 -51.42 -8.90 43.40
C TRP C 291 -50.36 -9.83 42.83
N PHE C 292 -50.66 -10.43 41.69
CA PHE C 292 -49.75 -11.37 41.06
C PHE C 292 -48.53 -10.68 40.45
N ASP C 293 -48.67 -9.38 40.15
CA ASP C 293 -47.58 -8.59 39.57
C ASP C 293 -46.46 -8.28 40.58
N THR C 294 -46.66 -8.69 41.83
CA THR C 294 -45.67 -8.51 42.89
C THR C 294 -44.60 -9.59 42.79
N LEU C 295 -44.96 -10.67 42.09
CA LEU C 295 -44.12 -11.85 42.01
C LEU C 295 -43.27 -11.84 40.74
N LYS C 296 -43.20 -10.67 40.11
CA LYS C 296 -42.52 -10.51 38.82
C LYS C 296 -41.01 -10.76 38.84
N ASP C 297 -40.40 -10.66 40.00
CA ASP C 297 -38.95 -10.82 40.09
C ASP C 297 -38.52 -12.29 40.03
N LYS C 298 -39.34 -13.16 40.62
CA LYS C 298 -39.05 -14.59 40.68
C LYS C 298 -39.55 -15.33 39.44
N ILE C 299 -40.11 -14.60 38.49
CA ILE C 299 -40.72 -15.21 37.32
C ILE C 299 -40.11 -14.73 36.00
N LEU C 300 -40.01 -15.65 35.04
CA LEU C 300 -39.46 -15.35 33.73
C LEU C 300 -40.42 -14.55 32.85
N ILE C 301 -41.58 -15.13 32.61
CA ILE C 301 -42.60 -14.49 31.78
C ILE C 301 -43.99 -14.95 32.18
N ASN C 302 -44.91 -14.01 32.32
CA ASN C 302 -46.28 -14.31 32.68
C ASN C 302 -47.21 -14.44 31.47
N LYS C 303 -47.67 -15.66 31.23
CA LYS C 303 -48.56 -15.93 30.10
C LYS C 303 -49.85 -16.48 30.67
N ALA C 304 -50.59 -15.62 31.38
CA ALA C 304 -51.81 -16.03 32.03
C ALA C 304 -52.97 -15.16 31.59
N ILE C 305 -54.14 -15.77 31.46
CA ILE C 305 -55.33 -15.05 31.03
C ILE C 305 -56.00 -14.36 32.22
N ILE C 306 -56.36 -13.10 32.04
CA ILE C 306 -57.01 -12.35 33.11
C ILE C 306 -58.53 -12.33 32.89
N VAL C 307 -59.24 -13.18 33.63
CA VAL C 307 -60.69 -13.29 33.48
C VAL C 307 -61.48 -12.66 34.62
N ASP C 308 -62.35 -11.71 34.28
CA ASP C 308 -63.23 -11.12 35.27
C ASP C 308 -64.65 -11.68 35.13
N ASP C 309 -64.80 -12.99 35.31
CA ASP C 309 -66.08 -13.66 35.11
C ASP C 309 -67.02 -13.44 36.29
N GLU C 310 -66.80 -14.20 37.36
CA GLU C 310 -67.67 -14.14 38.54
C GLU C 310 -69.12 -14.44 38.20
N HIS D 4 30.54 50.31 37.11
CA HIS D 4 29.51 50.42 38.14
C HIS D 4 28.73 49.12 38.25
N MET D 5 28.68 48.38 37.14
CA MET D 5 27.87 47.19 37.02
C MET D 5 28.40 46.27 35.92
N MET D 6 28.23 44.96 36.07
CA MET D 6 28.60 44.00 35.04
C MET D 6 27.69 42.77 35.11
N PHE D 7 27.56 42.05 34.00
CA PHE D 7 26.82 40.78 33.96
C PHE D 7 27.32 39.78 32.91
N VAL D 8 26.78 38.57 32.95
CA VAL D 8 27.28 37.45 32.15
C VAL D 8 26.24 36.89 31.17
N HIS D 9 26.67 36.69 29.92
CA HIS D 9 25.83 36.05 28.92
C HIS D 9 26.45 34.70 28.56
N ILE D 10 25.70 33.63 28.78
CA ILE D 10 26.13 32.26 28.44
C ILE D 10 24.95 31.44 27.89
N ALA D 11 25.23 30.44 27.07
CA ALA D 11 24.17 29.56 26.56
C ALA D 11 24.70 28.32 25.86
N ASP D 12 23.78 27.40 25.56
CA ASP D 12 24.10 26.16 24.85
C ASP D 12 25.28 25.39 25.44
N ASN D 13 25.14 24.93 26.68
CA ASN D 13 26.13 24.04 27.27
C ASN D 13 25.87 22.59 26.88
N HIS D 14 24.59 22.30 26.63
CA HIS D 14 24.14 20.99 26.17
C HIS D 14 24.53 19.86 27.10
N LEU D 15 24.23 20.02 28.39
CA LEU D 15 24.60 19.08 29.43
C LEU D 15 24.06 17.66 29.23
N GLY D 16 24.96 16.71 29.16
CA GLY D 16 24.60 15.32 29.02
C GLY D 16 24.71 14.88 27.58
N TYR D 17 25.36 15.72 26.78
CA TYR D 17 25.63 15.34 25.40
C TYR D 17 26.73 14.29 25.43
N ARG D 18 26.49 13.18 24.75
CA ARG D 18 27.41 12.06 24.79
C ARG D 18 27.94 11.79 23.39
N GLN D 19 28.79 12.70 22.91
CA GLN D 19 29.28 12.66 21.54
C GLN D 19 29.96 11.35 21.20
N TYR D 20 29.57 10.77 20.05
CA TYR D 20 30.07 9.48 19.57
C TYR D 20 29.90 8.39 20.61
N ASN D 21 28.95 8.57 21.53
CA ASN D 21 28.73 7.63 22.62
C ASN D 21 30.01 7.38 23.39
N LEU D 22 30.80 8.43 23.58
CA LEU D 22 32.04 8.32 24.31
C LEU D 22 31.85 8.81 25.74
N ASP D 23 32.38 8.05 26.68
CA ASP D 23 32.34 8.44 28.08
C ASP D 23 33.02 9.78 28.23
N ASP D 24 34.17 9.90 27.58
CA ASP D 24 35.03 11.08 27.72
C ASP D 24 34.34 12.33 27.21
N ARG D 25 33.49 12.16 26.18
CA ARG D 25 32.81 13.30 25.58
C ARG D 25 31.72 13.84 26.50
N GLU D 26 31.01 12.93 27.16
CA GLU D 26 30.00 13.33 28.14
C GLU D 26 30.68 14.08 29.28
N LYS D 27 31.88 13.64 29.63
CA LYS D 27 32.70 14.28 30.65
C LYS D 27 33.09 15.69 30.21
N ASP D 28 33.61 15.80 28.99
CA ASP D 28 34.08 17.07 28.45
C ASP D 28 33.02 18.17 28.60
N ILE D 29 31.80 17.87 28.17
CA ILE D 29 30.68 18.80 28.27
C ILE D 29 30.45 19.18 29.72
N TYR D 30 30.52 18.19 30.60
CA TYR D 30 30.34 18.41 32.02
C TYR D 30 31.43 19.34 32.53
N ASP D 31 32.67 19.09 32.14
CA ASP D 31 33.80 19.84 32.67
C ASP D 31 33.75 21.31 32.24
N SER D 32 33.55 21.54 30.95
CA SER D 32 33.51 22.90 30.42
C SER D 32 32.41 23.74 31.08
N PHE D 33 31.24 23.16 31.30
CA PHE D 33 30.18 23.86 32.01
C PHE D 33 30.69 24.29 33.37
N LYS D 34 31.27 23.32 34.07
CA LYS D 34 31.79 23.54 35.40
C LYS D 34 32.89 24.59 35.37
N LEU D 35 33.68 24.61 34.30
CA LEU D 35 34.81 25.51 34.22
C LEU D 35 34.32 26.94 34.17
N CYS D 36 33.27 27.12 33.35
CA CYS D 36 32.61 28.41 33.23
C CYS D 36 32.08 28.86 34.57
N ILE D 37 31.44 27.94 35.28
CA ILE D 37 30.83 28.26 36.55
C ILE D 37 31.89 28.73 37.54
N LYS D 38 33.03 28.06 37.57
CA LYS D 38 34.11 28.47 38.47
C LYS D 38 34.61 29.87 38.12
N LYS D 39 34.76 30.14 36.83
CA LYS D 39 35.19 31.47 36.38
C LYS D 39 34.14 32.53 36.70
N ILE D 40 32.86 32.19 36.50
CA ILE D 40 31.76 33.09 36.83
C ILE D 40 31.74 33.44 38.33
N LEU D 41 32.14 32.48 39.16
CA LEU D 41 32.20 32.71 40.59
C LEU D 41 33.41 33.56 40.98
N GLU D 42 34.47 33.45 40.19
CA GLU D 42 35.66 34.28 40.37
C GLU D 42 35.29 35.74 40.07
N ILE D 43 34.39 35.91 39.10
CA ILE D 43 33.98 37.22 38.60
C ILE D 43 32.99 37.96 39.52
N LYS D 44 32.05 37.22 40.10
CA LYS D 44 30.99 37.81 40.94
C LYS D 44 30.13 38.83 40.19
N PRO D 45 29.57 38.46 39.03
CA PRO D 45 28.73 39.42 38.30
C PRO D 45 27.39 39.65 38.99
N ASP D 46 26.73 40.75 38.68
CA ASP D 46 25.46 41.08 39.33
C ASP D 46 24.30 40.25 38.78
N VAL D 47 24.37 39.87 37.50
CA VAL D 47 23.32 39.06 36.87
C VAL D 47 23.94 38.01 35.94
N VAL D 48 23.24 36.88 35.77
CA VAL D 48 23.60 35.87 34.79
C VAL D 48 22.43 35.57 33.86
N LEU D 49 22.64 35.75 32.57
CA LEU D 49 21.66 35.40 31.56
C LEU D 49 22.04 34.12 30.82
N HIS D 50 21.18 33.10 30.94
CA HIS D 50 21.40 31.84 30.23
C HIS D 50 20.34 31.65 29.15
N SER D 51 20.77 31.57 27.90
CA SER D 51 19.81 31.60 26.80
C SER D 51 19.32 30.24 26.33
N GLY D 52 19.50 29.20 27.15
CA GLY D 52 18.87 27.93 26.82
C GLY D 52 19.81 26.88 26.28
N ASP D 53 19.23 25.70 26.00
CA ASP D 53 19.99 24.49 25.68
C ASP D 53 21.04 24.23 26.74
N LEU D 54 20.65 24.46 28.00
CA LEU D 54 21.49 24.12 29.13
C LEU D 54 21.68 22.62 29.13
N PHE D 55 20.58 21.88 29.01
CA PHE D 55 20.65 20.44 28.86
C PHE D 55 20.41 20.03 27.40
N ASN D 56 21.11 19.00 26.96
CA ASN D 56 21.04 18.52 25.59
C ASN D 56 19.77 17.67 25.32
N ASP D 57 19.02 17.34 26.38
CA ASP D 57 17.83 16.51 26.26
C ASP D 57 16.72 16.92 27.23
N LEU D 58 15.50 16.43 27.03
CA LEU D 58 14.38 16.75 27.91
C LEU D 58 14.50 15.98 29.19
N ARG D 59 15.00 14.76 29.06
CA ARG D 59 15.20 13.86 30.17
C ARG D 59 16.70 13.59 30.22
N PRO D 60 17.44 14.48 30.90
CA PRO D 60 18.89 14.41 30.88
C PRO D 60 19.45 13.36 31.87
N PRO D 61 20.70 12.92 31.64
CA PRO D 61 21.44 12.13 32.60
C PRO D 61 21.31 12.70 34.00
N VAL D 62 21.39 11.80 34.98
CA VAL D 62 21.24 12.19 36.38
C VAL D 62 22.45 12.97 36.85
N LYS D 63 23.64 12.56 36.41
CA LYS D 63 24.83 13.31 36.77
C LYS D 63 24.69 14.77 36.35
N ALA D 64 24.12 14.96 35.16
CA ALA D 64 23.94 16.28 34.60
C ALA D 64 23.05 17.12 35.50
N LEU D 65 21.90 16.56 35.88
CA LEU D 65 20.96 17.29 36.73
C LEU D 65 21.58 17.67 38.08
N ARG D 66 22.46 16.81 38.59
CA ARG D 66 23.15 17.12 39.84
C ARG D 66 24.12 18.28 39.63
N ILE D 67 24.91 18.22 38.56
CA ILE D 67 25.88 19.27 38.26
C ILE D 67 25.17 20.60 38.10
N ALA D 68 24.08 20.57 37.34
CA ALA D 68 23.30 21.77 37.07
C ALA D 68 22.75 22.35 38.36
N MET D 69 22.12 21.51 39.17
CA MET D 69 21.53 21.99 40.41
C MET D 69 22.59 22.52 41.37
N GLN D 70 23.70 21.82 41.47
CA GLN D 70 24.76 22.23 42.38
C GLN D 70 25.38 23.53 41.89
N ALA D 71 25.57 23.65 40.58
CA ALA D 71 26.16 24.84 39.98
C ALA D 71 25.29 26.07 40.21
N PHE D 72 24.03 25.98 39.81
CA PHE D 72 23.12 27.11 39.98
C PHE D 72 22.77 27.37 41.45
N LYS D 73 22.87 26.35 42.29
CA LYS D 73 22.71 26.58 43.73
C LYS D 73 23.82 27.50 44.21
N LYS D 74 25.04 27.17 43.81
CA LYS D 74 26.25 27.90 44.22
C LYS D 74 26.16 29.35 43.79
N LEU D 75 25.57 29.57 42.62
CA LEU D 75 25.36 30.92 42.11
C LEU D 75 24.37 31.70 42.96
N HIS D 76 23.23 31.09 43.27
CA HIS D 76 22.18 31.77 44.02
C HIS D 76 22.63 32.07 45.45
N GLU D 77 23.52 31.22 45.95
CA GLU D 77 24.06 31.37 47.30
C GLU D 77 25.14 32.45 47.35
N ASN D 78 25.66 32.85 46.20
CA ASN D 78 26.57 33.98 46.13
C ASN D 78 25.81 35.20 45.64
N ASN D 79 24.50 35.18 45.90
CA ASN D 79 23.59 36.26 45.58
C ASN D 79 23.70 36.82 44.16
N ILE D 80 24.07 35.95 43.21
CA ILE D 80 24.06 36.28 41.79
C ILE D 80 22.71 35.95 41.18
N LYS D 81 21.99 36.95 40.70
CA LYS D 81 20.69 36.66 40.12
C LYS D 81 20.87 35.96 38.80
N VAL D 82 19.98 35.01 38.51
CA VAL D 82 20.09 34.19 37.30
C VAL D 82 18.77 34.14 36.54
N TYR D 83 18.84 34.27 35.21
CA TYR D 83 17.68 34.14 34.35
C TYR D 83 17.90 33.06 33.29
N ILE D 84 16.89 32.31 32.93
CA ILE D 84 17.07 31.35 31.85
C ILE D 84 15.79 31.22 31.02
N VAL D 85 15.95 30.96 29.72
CA VAL D 85 14.82 30.70 28.84
C VAL D 85 14.98 29.30 28.29
N ALA D 86 13.87 28.68 27.94
CA ALA D 86 13.92 27.30 27.47
C ALA D 86 14.49 27.22 26.07
N GLY D 87 15.50 26.38 25.90
CA GLY D 87 16.03 26.06 24.59
C GLY D 87 15.10 25.05 23.93
N ASN D 88 15.44 24.63 22.71
CA ASN D 88 14.67 23.61 22.02
C ASN D 88 14.66 22.25 22.75
N HIS D 89 15.78 21.95 23.39
CA HIS D 89 15.95 20.68 24.08
C HIS D 89 15.26 20.63 25.44
N GLU D 90 14.85 21.78 25.94
CA GLU D 90 14.25 21.84 27.27
C GLU D 90 12.75 22.06 27.13
N MET D 91 12.26 21.94 25.90
CA MET D 91 10.85 22.15 25.66
C MET D 91 10.04 20.85 25.58
N PRO D 92 9.02 20.75 26.45
CA PRO D 92 8.11 19.62 26.60
C PRO D 92 7.41 19.28 25.30
N ARG D 93 7.03 18.01 25.14
CA ARG D 93 6.35 17.57 23.93
C ARG D 93 4.90 17.18 24.22
N ARG D 94 4.69 16.43 25.30
CA ARG D 94 3.36 16.06 25.75
C ARG D 94 2.81 17.16 26.66
N LEU D 95 1.49 17.31 26.66
CA LEU D 95 0.86 18.27 27.55
C LEU D 95 1.00 17.72 28.98
N GLY D 96 1.83 18.38 29.79
CA GLY D 96 2.06 17.92 31.15
C GLY D 96 3.39 17.24 31.42
N GLU D 97 4.14 16.95 30.36
CA GLU D 97 5.53 16.52 30.46
C GLU D 97 6.25 17.78 30.91
N GLU D 98 7.10 17.69 31.92
CA GLU D 98 7.78 18.88 32.47
C GLU D 98 9.21 19.05 31.98
N SER D 99 9.70 20.28 32.04
CA SER D 99 11.04 20.60 31.55
C SER D 99 12.15 20.27 32.56
N PRO D 100 13.33 19.86 32.05
CA PRO D 100 14.47 19.67 32.94
C PRO D 100 14.83 20.93 33.71
N LEU D 101 14.52 22.09 33.15
CA LEU D 101 14.72 23.38 33.82
C LEU D 101 13.82 23.59 35.02
N ALA D 102 12.72 22.85 35.09
CA ALA D 102 11.79 22.97 36.20
C ALA D 102 12.44 22.57 37.52
N LEU D 103 13.46 21.73 37.43
CA LEU D 103 14.22 21.29 38.60
C LEU D 103 15.12 22.38 39.18
N LEU D 104 15.08 23.59 38.62
CA LEU D 104 15.96 24.66 39.06
C LEU D 104 15.21 25.90 39.55
N LYS D 105 13.88 25.82 39.61
CA LYS D 105 13.03 26.98 39.90
C LYS D 105 13.38 27.74 41.18
N ASP D 106 14.20 27.13 42.04
CA ASP D 106 14.53 27.77 43.32
C ASP D 106 15.79 28.60 43.26
N TYR D 107 16.56 28.48 42.19
CA TYR D 107 17.80 29.23 42.06
C TYR D 107 17.69 30.22 40.91
N VAL D 108 16.74 29.94 40.01
CA VAL D 108 16.67 30.59 38.71
C VAL D 108 15.27 31.12 38.36
N LYS D 109 15.21 32.30 37.74
CA LYS D 109 13.97 32.81 37.18
C LYS D 109 13.84 32.40 35.73
N ILE D 110 12.90 31.49 35.44
CA ILE D 110 12.64 31.07 34.08
C ILE D 110 11.75 32.09 33.39
N LEU D 111 12.23 32.66 32.29
CA LEU D 111 11.60 33.82 31.71
C LEU D 111 10.68 33.52 30.55
N ASP D 112 9.44 33.97 30.71
CA ASP D 112 8.46 33.96 29.64
C ASP D 112 7.62 35.20 29.83
N GLY D 113 8.30 36.33 30.01
CA GLY D 113 7.63 37.60 30.23
C GLY D 113 8.57 38.72 30.67
N LYS D 114 8.02 39.67 31.42
CA LYS D 114 8.74 40.87 31.82
C LYS D 114 9.22 40.78 33.27
N ASP D 115 10.32 41.47 33.57
CA ASP D 115 10.75 41.63 34.95
C ASP D 115 11.72 42.80 35.03
N VAL D 116 11.70 43.53 36.12
CA VAL D 116 12.56 44.71 36.28
C VAL D 116 13.56 44.53 37.42
N ILE D 117 14.84 44.51 37.06
CA ILE D 117 15.91 44.27 38.03
C ILE D 117 16.59 45.55 38.58
N ASN D 118 16.64 45.65 39.91
CA ASN D 118 17.27 46.78 40.59
C ASN D 118 18.73 46.54 40.94
N VAL D 119 19.62 47.26 40.28
CA VAL D 119 21.05 47.18 40.56
C VAL D 119 21.59 48.51 41.12
N ASN D 120 22.85 48.49 41.57
CA ASN D 120 23.50 49.70 42.08
C ASN D 120 24.20 50.55 41.02
N GLY D 121 23.68 51.76 40.82
CA GLY D 121 22.48 52.20 41.52
C GLY D 121 21.48 52.67 40.49
N GLU D 122 20.69 51.73 39.98
CA GLU D 122 19.82 52.04 38.85
C GLU D 122 18.68 51.04 38.73
N GLU D 123 18.00 51.06 37.59
CA GLU D 123 16.85 50.22 37.34
C GLU D 123 16.80 49.83 35.88
N ILE D 124 16.79 48.52 35.61
CA ILE D 124 16.88 48.01 34.23
C ILE D 124 15.89 46.88 33.91
N PHE D 125 15.35 46.92 32.70
CA PHE D 125 14.23 46.07 32.30
C PHE D 125 14.70 44.83 31.53
N ILE D 126 14.16 43.67 31.90
CA ILE D 126 14.43 42.40 31.21
C ILE D 126 13.15 41.67 30.81
N CYS D 127 13.14 41.18 29.58
CA CYS D 127 12.08 40.32 29.10
C CYS D 127 12.66 39.15 28.30
N GLY D 128 11.85 38.11 28.11
CA GLY D 128 12.28 36.97 27.32
C GLY D 128 11.18 35.95 27.15
N THR D 129 11.41 34.99 26.27
CA THR D 129 10.47 33.89 26.09
C THR D 129 11.17 32.66 25.54
N TYR D 130 10.53 31.51 25.75
CA TYR D 130 11.09 30.22 25.37
C TYR D 130 11.24 30.09 23.85
N TYR D 131 11.84 28.97 23.43
CA TYR D 131 12.01 28.71 22.02
C TYR D 131 10.67 28.40 21.39
N HIS D 132 10.26 29.24 20.45
CA HIS D 132 9.05 28.97 19.68
C HIS D 132 9.52 28.38 18.39
N LYS D 133 8.71 27.51 17.79
CA LYS D 133 9.09 27.01 16.49
C LYS D 133 8.77 28.01 15.39
N LYS D 134 9.40 27.75 14.26
CA LYS D 134 9.20 28.47 13.02
C LYS D 134 7.71 28.59 12.76
N SER D 135 6.99 27.48 12.90
CA SER D 135 5.54 27.40 12.74
C SER D 135 4.83 28.55 13.44
N LYS D 136 5.28 28.87 14.64
CA LYS D 136 4.66 29.92 15.43
C LYS D 136 5.47 31.19 15.43
N ARG D 137 5.86 31.63 14.23
CA ARG D 137 6.57 32.89 14.08
C ARG D 137 5.64 34.05 14.35
N GLU D 138 4.47 33.99 13.74
CA GLU D 138 3.48 35.06 13.87
C GLU D 138 3.14 35.25 15.33
N GLU D 139 2.90 34.13 16.02
CA GLU D 139 2.68 34.11 17.47
C GLU D 139 3.72 34.94 18.22
N MET D 140 4.98 34.68 17.88
CA MET D 140 6.13 35.29 18.54
C MET D 140 6.11 36.81 18.39
N LEU D 141 5.68 37.27 17.22
CA LEU D 141 5.66 38.70 16.90
C LEU D 141 4.75 39.49 17.84
N ASP D 142 3.58 38.94 18.14
CA ASP D 142 2.68 39.56 19.10
C ASP D 142 3.38 39.71 20.43
N LYS D 143 4.04 38.64 20.86
CA LYS D 143 4.80 38.64 22.10
C LYS D 143 5.84 39.74 22.07
N LEU D 144 6.59 39.80 20.97
CA LEU D 144 7.70 40.74 20.88
C LEU D 144 7.22 42.18 20.80
N LYS D 145 6.21 42.42 19.97
CA LYS D 145 5.62 43.76 19.84
C LYS D 145 5.08 44.25 21.17
N ASN D 146 4.69 43.31 22.03
CA ASN D 146 4.21 43.64 23.37
C ASN D 146 5.33 43.97 24.36
N PHE D 147 6.49 43.36 24.17
CA PHE D 147 7.64 43.64 25.02
C PHE D 147 8.14 45.05 24.72
N GLU D 148 8.07 45.42 23.45
CA GLU D 148 8.36 46.78 23.00
C GLU D 148 7.55 47.76 23.82
N SER D 149 6.27 47.45 23.96
CA SER D 149 5.31 48.30 24.65
C SER D 149 5.64 48.45 26.13
N GLU D 150 6.01 47.34 26.77
CA GLU D 150 6.25 47.32 28.21
C GLU D 150 7.59 47.96 28.56
N ALA D 151 8.38 48.22 27.54
CA ALA D 151 9.74 48.72 27.74
C ALA D 151 9.89 50.18 27.32
N LYS D 152 8.75 50.80 26.96
CA LYS D 152 8.72 52.16 26.41
C LYS D 152 9.50 53.16 27.25
N ASN D 153 9.15 53.23 28.52
CA ASN D 153 9.75 54.20 29.43
C ASN D 153 10.99 53.74 30.18
N TYR D 154 11.71 52.74 29.64
CA TYR D 154 12.92 52.28 30.32
C TYR D 154 14.18 52.58 29.52
N LYS D 155 15.19 53.06 30.23
CA LYS D 155 16.47 53.42 29.62
C LYS D 155 17.24 52.19 29.16
N LYS D 156 17.53 51.30 30.10
CA LYS D 156 18.33 50.10 29.83
C LYS D 156 17.43 48.88 29.74
N LYS D 157 17.38 48.26 28.57
CA LYS D 157 16.45 47.16 28.30
C LYS D 157 17.10 45.94 27.63
N ILE D 158 16.92 44.76 28.21
CA ILE D 158 17.49 43.54 27.64
C ILE D 158 16.43 42.50 27.27
N LEU D 159 16.60 41.93 26.08
CA LEU D 159 15.73 40.87 25.57
C LEU D 159 16.49 39.54 25.55
N MET D 160 15.85 38.47 26.05
CA MET D 160 16.44 37.14 25.98
C MET D 160 15.61 36.24 25.06
N LEU D 161 16.28 35.58 24.13
CA LEU D 161 15.60 34.68 23.19
C LEU D 161 16.46 33.48 22.82
N HIS D 162 15.82 32.36 22.49
CA HIS D 162 16.56 31.21 21.99
C HIS D 162 16.01 30.82 20.64
N GLN D 163 16.42 31.50 19.58
CA GLN D 163 15.91 31.21 18.26
C GLN D 163 17.00 31.28 17.18
N GLY D 164 16.66 30.87 15.97
CA GLY D 164 17.53 31.11 14.84
C GLY D 164 17.10 32.36 14.07
N ILE D 165 18.02 33.30 13.93
CA ILE D 165 17.71 34.56 13.25
C ILE D 165 18.27 34.60 11.83
N ASN D 166 17.50 35.21 10.93
CA ASN D 166 17.59 35.07 9.46
C ASN D 166 18.94 35.20 8.74
N PRO D 167 19.65 36.31 8.95
CA PRO D 167 20.96 36.39 8.28
C PRO D 167 21.94 35.40 8.90
N TYR D 168 21.74 35.13 10.20
CA TYR D 168 22.70 34.39 11.03
C TYR D 168 22.61 32.89 10.88
N ILE D 169 21.46 32.39 10.46
CA ILE D 169 21.35 30.97 10.21
C ILE D 169 20.31 30.72 9.11
N PRO D 170 20.77 30.78 7.85
CA PRO D 170 20.06 30.75 6.56
C PRO D 170 18.87 29.81 6.49
N LEU D 171 19.09 28.51 6.69
CA LEU D 171 17.98 27.58 6.77
C LEU D 171 18.31 26.53 7.84
N ASP D 172 17.50 26.45 8.88
CA ASP D 172 16.30 27.27 9.02
C ASP D 172 16.37 28.24 10.18
N TYR D 173 15.65 29.35 10.04
CA TYR D 173 15.57 30.37 11.07
C TYR D 173 14.11 30.51 11.49
N GLU D 174 13.87 31.03 12.67
CA GLU D 174 12.49 31.25 13.08
C GLU D 174 12.12 32.73 13.01
N LEU D 175 13.12 33.59 13.09
CA LEU D 175 12.86 35.03 13.02
C LEU D 175 13.69 35.71 11.93
N GLU D 176 13.14 36.77 11.35
CA GLU D 176 13.86 37.59 10.36
C GLU D 176 14.50 38.74 11.13
N HIS D 177 15.75 39.09 10.83
CA HIS D 177 16.44 40.04 11.70
C HIS D 177 15.76 41.39 11.91
N PHE D 178 14.73 41.66 11.11
CA PHE D 178 13.95 42.87 11.30
C PHE D 178 12.77 42.60 12.23
N ASP D 179 12.74 41.43 12.87
CA ASP D 179 11.62 41.09 13.73
C ASP D 179 11.72 41.67 15.13
N LEU D 180 12.95 41.73 15.65
CA LEU D 180 13.13 42.14 17.04
C LEU D 180 13.31 43.64 17.25
N PRO D 181 12.51 44.21 18.17
CA PRO D 181 12.45 45.62 18.58
C PRO D 181 13.77 46.19 19.07
N LYS D 182 13.75 47.47 19.41
CA LYS D 182 14.96 48.15 19.87
C LYS D 182 15.22 47.78 21.33
N PHE D 183 16.34 47.09 21.57
CA PHE D 183 16.79 46.78 22.91
C PHE D 183 18.28 47.03 23.05
N SER D 184 18.73 47.21 24.29
CA SER D 184 20.15 47.46 24.57
C SER D 184 21.01 46.25 24.22
N TYR D 185 20.66 45.11 24.78
CA TYR D 185 21.43 43.87 24.60
C TYR D 185 20.51 42.73 24.15
N TYR D 186 20.96 42.01 23.12
CA TYR D 186 20.21 40.88 22.62
C TYR D 186 20.84 39.56 23.04
N ALA D 187 20.37 39.03 24.18
CA ALA D 187 20.84 37.76 24.70
C ALA D 187 20.23 36.60 23.94
N LEU D 188 20.95 36.11 22.92
CA LEU D 188 20.42 35.09 22.02
C LEU D 188 21.08 33.75 22.28
N GLY D 189 20.49 32.67 21.78
CA GLY D 189 20.92 31.34 22.17
C GLY D 189 21.18 30.31 21.09
N HIS D 190 20.15 29.97 20.32
CA HIS D 190 20.14 28.76 19.51
C HIS D 190 21.38 28.43 18.64
N ILE D 191 22.26 29.40 18.41
CA ILE D 191 23.40 29.19 17.52
C ILE D 191 24.69 28.85 18.27
N HIS D 192 25.47 27.92 17.71
CA HIS D 192 26.66 27.40 18.41
C HIS D 192 27.96 28.19 18.21
N LYS D 193 28.03 28.98 17.14
CA LYS D 193 29.20 29.83 16.92
C LYS D 193 29.00 31.22 17.53
N ARG D 194 30.10 31.88 17.88
CA ARG D 194 30.04 33.22 18.43
C ARG D 194 29.52 34.19 17.37
N ILE D 195 28.53 35.00 17.73
CA ILE D 195 28.01 36.03 16.84
C ILE D 195 27.81 37.32 17.63
N LEU D 196 28.67 38.29 17.38
CA LEU D 196 28.56 39.57 18.07
C LEU D 196 28.72 40.67 17.05
N GLU D 197 27.72 41.55 16.96
CA GLU D 197 27.76 42.69 16.05
C GLU D 197 26.73 43.74 16.46
N ARG D 198 27.03 45.00 16.15
CA ARG D 198 26.13 46.10 16.48
C ARG D 198 24.81 45.94 15.74
N PHE D 199 23.73 46.43 16.33
CA PHE D 199 22.41 46.14 15.79
C PHE D 199 21.32 47.02 16.40
N ASN D 200 20.46 47.56 15.55
CA ASN D 200 19.30 48.36 15.94
C ASN D 200 19.48 49.31 17.13
N ASP D 201 20.45 50.22 17.01
CA ASP D 201 20.76 51.18 18.06
C ASP D 201 21.05 50.46 19.37
N GLY D 202 21.90 49.43 19.27
CA GLY D 202 22.23 48.59 20.40
C GLY D 202 23.20 47.52 19.95
N ILE D 203 23.24 46.40 20.66
CA ILE D 203 24.23 45.35 20.36
C ILE D 203 23.73 43.90 20.56
N LEU D 204 23.90 43.09 19.53
CA LEU D 204 23.36 41.73 19.50
C LEU D 204 24.46 40.68 19.71
N ALA D 205 24.13 39.62 20.46
CA ALA D 205 25.08 38.56 20.74
C ALA D 205 24.49 37.15 20.82
N TYR D 206 25.21 36.20 20.23
CA TYR D 206 25.01 34.79 20.50
C TYR D 206 26.21 34.29 21.27
N SER D 207 25.98 33.79 22.48
CA SER D 207 27.05 33.32 23.35
C SER D 207 27.78 32.11 22.76
N GLY D 208 27.04 31.27 22.04
CA GLY D 208 27.62 30.11 21.40
C GLY D 208 27.83 28.95 22.37
N SER D 209 27.93 27.74 21.86
CA SER D 209 28.08 26.56 22.71
C SER D 209 29.37 26.62 23.53
N THR D 210 29.30 26.11 24.76
CA THR D 210 30.44 26.15 25.68
C THR D 210 31.35 24.96 25.50
N GLU D 211 31.01 24.15 24.50
CA GLU D 211 31.87 23.07 24.03
C GLU D 211 31.49 22.73 22.61
N ILE D 212 32.32 21.90 22.00
CA ILE D 212 32.12 21.49 20.62
C ILE D 212 31.00 20.45 20.50
N ILE D 213 29.84 20.87 20.01
CA ILE D 213 28.69 19.99 19.91
C ILE D 213 28.71 19.26 18.57
N TYR D 214 29.36 19.86 17.57
CA TYR D 214 29.49 19.23 16.25
C TYR D 214 30.92 19.25 15.73
N ARG D 215 31.22 18.32 14.82
CA ARG D 215 32.52 18.21 14.17
C ARG D 215 32.83 19.47 13.36
N ASN D 216 31.84 20.36 13.34
CA ASN D 216 31.80 21.58 12.56
C ASN D 216 32.62 22.67 13.23
N GLU D 217 32.35 22.89 14.52
CA GLU D 217 32.87 24.02 15.25
C GLU D 217 34.31 23.83 15.71
N TYR D 218 35.01 22.88 15.10
CA TYR D 218 36.34 22.47 15.53
C TYR D 218 37.35 23.63 15.57
N GLU D 219 37.18 24.57 14.64
CA GLU D 219 38.13 25.67 14.50
C GLU D 219 37.56 27.02 14.92
N ASP D 220 36.24 27.12 15.02
CA ASP D 220 35.63 28.34 15.55
C ASP D 220 36.08 28.52 16.99
N TYR D 221 36.33 27.39 17.65
CA TYR D 221 36.96 27.41 18.95
C TYR D 221 38.43 27.83 18.80
N LYS D 222 39.07 27.39 17.73
CA LYS D 222 40.44 27.79 17.48
C LYS D 222 40.54 29.26 17.07
N LYS D 223 39.67 29.72 16.17
CA LYS D 223 39.81 31.06 15.61
C LYS D 223 39.11 32.18 16.39
N GLU D 224 37.92 31.91 16.92
CA GLU D 224 37.22 32.90 17.75
C GLU D 224 37.26 32.54 19.23
N GLY D 225 37.29 31.24 19.50
CA GLY D 225 37.31 30.75 20.87
C GLY D 225 35.91 30.64 21.47
N LYS D 226 35.65 29.50 22.10
CA LYS D 226 34.36 29.25 22.73
C LYS D 226 34.42 29.58 24.21
N GLY D 227 33.26 29.88 24.80
CA GLY D 227 33.18 30.28 26.18
C GLY D 227 31.90 31.04 26.44
N PHE D 228 32.02 32.24 27.01
CA PHE D 228 30.87 33.10 27.23
C PHE D 228 31.26 34.57 27.24
N TYR D 229 30.28 35.46 27.08
CA TYR D 229 30.53 36.91 27.10
C TYR D 229 30.37 37.51 28.49
N LEU D 230 31.10 38.59 28.74
CA LEU D 230 30.94 39.36 29.96
C LEU D 230 30.66 40.81 29.57
N VAL D 231 29.40 41.18 29.64
CA VAL D 231 28.97 42.51 29.25
C VAL D 231 28.94 43.35 30.52
N ASP D 232 29.36 44.60 30.45
CA ASP D 232 29.36 45.42 31.67
C ASP D 232 28.10 46.26 31.87
N PHE D 233 27.71 47.02 30.84
CA PHE D 233 26.54 47.89 30.92
C PHE D 233 26.69 48.87 32.09
N SER D 234 27.92 49.29 32.35
CA SER D 234 28.19 50.24 33.43
C SER D 234 27.62 51.59 33.05
N GLY D 235 28.03 52.08 31.88
CA GLY D 235 27.59 53.39 31.40
C GLY D 235 26.19 53.37 30.85
N ASN D 236 25.70 54.54 30.44
CA ASN D 236 24.36 54.64 29.84
C ASN D 236 24.29 53.98 28.47
N ASP D 237 25.33 54.15 27.67
CA ASP D 237 25.40 53.48 26.37
C ASP D 237 26.24 52.22 26.45
N LEU D 238 26.00 51.29 25.55
CA LEU D 238 26.84 50.09 25.45
C LEU D 238 27.28 49.74 24.03
N ASP D 239 28.58 49.52 23.88
CA ASP D 239 29.17 49.20 22.58
C ASP D 239 30.00 47.93 22.76
N ILE D 240 30.66 47.49 21.71
CA ILE D 240 31.51 46.29 21.77
C ILE D 240 32.64 46.48 22.78
N SER D 241 33.11 47.71 22.92
CA SER D 241 34.24 48.04 23.80
C SER D 241 34.03 47.67 25.28
N ASP D 242 32.77 47.49 25.66
CA ASP D 242 32.44 47.04 27.02
C ASP D 242 31.90 45.60 27.12
N ILE D 243 32.45 44.71 26.29
CA ILE D 243 32.15 43.28 26.35
C ILE D 243 33.41 42.43 26.31
N GLU D 244 33.68 41.70 27.40
CA GLU D 244 34.82 40.79 27.45
C GLU D 244 34.38 39.38 27.06
N LYS D 245 35.12 38.74 26.17
CA LYS D 245 34.85 37.34 25.82
C LYS D 245 35.82 36.36 26.49
N ILE D 246 35.31 35.55 27.41
CA ILE D 246 36.12 34.56 28.12
C ILE D 246 36.20 33.24 27.38
N ASP D 247 37.41 32.81 27.05
CA ASP D 247 37.61 31.55 26.36
C ASP D 247 37.78 30.38 27.36
N ILE D 248 37.55 29.17 26.88
CA ILE D 248 37.56 27.96 27.71
C ILE D 248 38.33 26.86 27.01
N GLU D 249 39.30 26.26 27.69
CA GLU D 249 40.02 25.14 27.10
C GLU D 249 39.02 24.01 26.87
N CYS D 250 38.94 23.54 25.63
CA CYS D 250 38.09 22.39 25.34
C CYS D 250 38.64 21.53 24.21
N ARG D 251 38.06 20.36 24.04
CA ARG D 251 38.63 19.30 23.22
C ARG D 251 38.92 19.77 21.80
N GLU D 252 40.17 19.69 21.37
CA GLU D 252 40.48 20.13 19.99
C GLU D 252 40.43 18.98 19.00
N PHE D 253 40.07 19.30 17.77
CA PHE D 253 39.89 18.30 16.73
C PHE D 253 40.96 18.49 15.66
N VAL D 254 41.59 17.39 15.27
CA VAL D 254 42.55 17.43 14.18
C VAL D 254 41.99 16.76 12.93
N GLU D 255 42.06 17.48 11.82
CA GLU D 255 41.61 16.99 10.53
C GLU D 255 42.81 16.40 9.78
N VAL D 256 42.62 15.25 9.15
CA VAL D 256 43.69 14.63 8.39
C VAL D 256 43.26 14.25 6.97
N ASN D 257 44.24 14.17 6.08
CA ASN D 257 44.00 13.71 4.72
C ASN D 257 45.27 13.01 4.25
N ILE D 258 45.57 11.88 4.88
CA ILE D 258 46.81 11.15 4.64
C ILE D 258 46.76 10.28 3.39
N LYS D 259 47.44 10.74 2.35
CA LYS D 259 47.52 10.02 1.08
C LYS D 259 48.96 9.84 0.67
N ASP D 260 49.87 10.46 1.43
CA ASP D 260 51.30 10.34 1.19
C ASP D 260 52.09 10.51 2.49
N LYS D 261 53.41 10.49 2.40
CA LYS D 261 54.26 10.65 3.58
C LYS D 261 54.16 12.05 4.20
N LYS D 262 54.00 13.06 3.35
CA LYS D 262 53.88 14.43 3.83
C LYS D 262 52.67 14.64 4.73
N SER D 263 51.50 14.26 4.25
CA SER D 263 50.26 14.46 5.00
C SER D 263 50.25 13.66 6.31
N PHE D 264 50.91 12.50 6.34
CA PHE D 264 50.96 11.71 7.56
C PHE D 264 51.79 12.35 8.66
N ASN D 265 53.05 12.64 8.36
CA ASN D 265 54.00 13.18 9.34
C ASN D 265 53.58 14.54 9.86
N GLU D 266 53.05 15.36 8.96
CA GLU D 266 52.57 16.69 9.28
C GLU D 266 51.33 16.60 10.18
N ALA D 267 50.54 15.56 9.96
CA ALA D 267 49.36 15.28 10.79
C ALA D 267 49.81 14.86 12.18
N VAL D 268 50.83 14.01 12.23
CA VAL D 268 51.42 13.57 13.49
C VAL D 268 51.87 14.78 14.29
N ASN D 269 52.49 15.73 13.60
CA ASN D 269 52.95 16.97 14.21
C ASN D 269 51.83 17.83 14.81
N LYS D 270 50.70 17.92 14.10
CA LYS D 270 49.54 18.64 14.63
C LYS D 270 49.03 18.04 15.93
N ILE D 271 49.09 16.71 16.00
CA ILE D 271 48.67 15.97 17.18
C ILE D 271 49.65 16.25 18.31
N GLU D 272 50.93 16.40 17.94
CA GLU D 272 51.96 16.68 18.93
C GLU D 272 51.67 18.04 19.54
N ARG D 273 51.24 18.97 18.68
CA ARG D 273 51.01 20.34 19.11
C ARG D 273 49.63 20.54 19.73
N CYS D 274 48.89 19.45 19.89
CA CYS D 274 47.63 19.50 20.60
C CYS D 274 47.91 19.37 22.09
N LYS D 275 47.31 20.24 22.89
CA LYS D 275 47.51 20.17 24.33
C LYS D 275 46.83 18.94 24.92
N ASN D 276 45.63 18.65 24.44
CA ASN D 276 44.88 17.49 24.93
C ASN D 276 44.52 16.55 23.79
N LYS D 277 44.53 15.25 24.10
CA LYS D 277 44.25 14.20 23.12
C LYS D 277 43.03 14.51 22.27
N PRO D 278 43.24 14.65 20.96
CA PRO D 278 42.24 15.14 20.02
C PRO D 278 41.40 14.05 19.36
N VAL D 279 40.23 14.43 18.85
CA VAL D 279 39.43 13.57 18.00
C VAL D 279 39.90 13.75 16.57
N VAL D 280 40.37 12.68 15.95
CA VAL D 280 40.90 12.75 14.60
C VAL D 280 39.88 12.31 13.55
N PHE D 281 39.78 13.08 12.46
CA PHE D 281 38.85 12.75 11.38
C PHE D 281 39.40 13.19 10.03
N GLY D 282 38.79 12.69 8.97
CA GLY D 282 39.22 12.99 7.61
C GLY D 282 39.48 11.73 6.81
N LYS D 283 40.59 11.69 6.07
CA LYS D 283 40.90 10.55 5.24
C LYS D 283 42.31 10.02 5.52
N ILE D 284 42.44 8.70 5.54
CA ILE D 284 43.74 8.05 5.63
C ILE D 284 43.75 6.83 4.70
N LYS D 285 44.78 6.69 3.88
CA LYS D 285 44.89 5.53 3.01
C LYS D 285 45.09 4.26 3.84
N ARG D 286 44.40 3.19 3.42
CA ARG D 286 44.42 1.89 4.10
C ARG D 286 45.83 1.41 4.49
N GLU D 287 46.78 1.69 3.60
CA GLU D 287 48.16 1.24 3.78
C GLU D 287 48.78 1.82 5.04
N PHE D 288 48.24 2.95 5.49
CA PHE D 288 48.87 3.71 6.56
C PHE D 288 48.20 3.48 7.91
N LYS D 289 47.00 2.90 7.89
CA LYS D 289 46.21 2.73 9.10
C LYS D 289 46.85 1.82 10.16
N PRO D 290 47.47 0.69 9.76
CA PRO D 290 48.16 -0.09 10.81
C PRO D 290 49.36 0.68 11.35
N TRP D 291 49.95 1.53 10.52
CA TRP D 291 51.09 2.34 10.92
C TRP D 291 50.66 3.36 11.98
N PHE D 292 49.52 4.00 11.74
CA PHE D 292 48.98 5.03 12.63
C PHE D 292 48.37 4.46 13.91
N ASP D 293 47.95 3.21 13.88
CA ASP D 293 47.33 2.57 15.03
C ASP D 293 48.32 2.27 16.15
N THR D 294 49.60 2.53 15.90
CA THR D 294 50.62 2.38 16.91
C THR D 294 50.57 3.63 17.78
N LEU D 295 50.00 4.69 17.21
CA LEU D 295 49.92 5.98 17.85
C LEU D 295 48.54 6.22 18.49
N LYS D 296 47.77 5.14 18.62
CA LYS D 296 46.40 5.21 19.14
C LYS D 296 46.33 5.66 20.61
N ASP D 297 47.49 5.65 21.27
CA ASP D 297 47.57 6.06 22.67
C ASP D 297 47.49 7.57 22.86
N LYS D 298 48.06 8.34 21.93
CA LYS D 298 48.02 9.81 22.01
C LYS D 298 46.77 10.46 21.41
N ILE D 299 45.82 9.63 20.97
CA ILE D 299 44.58 10.12 20.37
C ILE D 299 43.35 9.59 21.12
N LEU D 300 42.29 10.39 21.19
CA LEU D 300 41.07 9.98 21.89
C LEU D 300 40.25 8.93 21.14
N ILE D 301 39.88 9.24 19.91
CA ILE D 301 39.11 8.32 19.07
C ILE D 301 39.43 8.56 17.61
N ASN D 302 39.65 7.48 16.87
CA ASN D 302 39.97 7.60 15.45
C ASN D 302 38.69 7.49 14.61
N LYS D 303 38.33 8.58 13.94
CA LYS D 303 37.13 8.64 13.11
C LYS D 303 37.54 9.00 11.69
N ALA D 304 38.21 8.08 11.01
CA ALA D 304 38.78 8.36 9.69
C ALA D 304 38.32 7.41 8.60
N ILE D 305 38.21 7.95 7.39
CA ILE D 305 37.81 7.16 6.22
C ILE D 305 39.00 6.41 5.65
N ILE D 306 38.77 5.16 5.26
CA ILE D 306 39.81 4.32 4.68
C ILE D 306 39.80 4.39 3.15
N VAL D 307 40.82 5.05 2.60
CA VAL D 307 40.88 5.33 1.17
C VAL D 307 41.84 4.42 0.38
N ASP D 308 41.33 3.80 -0.67
CA ASP D 308 42.17 3.03 -1.59
C ASP D 308 42.41 3.83 -2.87
N ASP D 309 41.62 4.89 -3.05
CA ASP D 309 41.67 5.73 -4.24
C ASP D 309 42.82 6.73 -4.18
N GLU D 310 42.60 7.83 -3.46
CA GLU D 310 43.59 8.90 -3.34
C GLU D 310 43.87 9.24 -1.87
N GLY E 2 6.31 23.22 -76.01
CA GLY E 2 6.18 21.99 -76.77
C GLY E 2 6.14 20.77 -75.88
N SER E 3 6.99 19.78 -76.15
CA SER E 3 7.98 19.85 -77.23
C SER E 3 8.22 18.46 -77.80
N HIS E 4 9.36 18.31 -78.48
CA HIS E 4 9.80 17.01 -78.95
C HIS E 4 10.63 16.32 -77.87
N MET E 5 11.28 17.13 -77.02
CA MET E 5 12.14 16.62 -75.97
C MET E 5 12.26 17.70 -74.90
N MET E 6 12.15 17.31 -73.63
CA MET E 6 12.30 18.22 -72.49
C MET E 6 12.70 17.43 -71.24
N PHE E 7 13.33 18.11 -70.27
CA PHE E 7 13.56 17.49 -68.95
C PHE E 7 13.57 18.50 -67.79
N VAL E 8 13.61 17.98 -66.57
CA VAL E 8 13.35 18.77 -65.37
C VAL E 8 14.52 18.82 -64.38
N HIS E 9 14.83 20.03 -63.92
CA HIS E 9 15.86 20.24 -62.89
C HIS E 9 15.20 20.70 -61.58
N ILE E 10 15.34 19.91 -60.53
CA ILE E 10 14.76 20.25 -59.22
C ILE E 10 15.71 19.83 -58.08
N ALA E 11 15.62 20.52 -56.93
CA ALA E 11 16.46 20.18 -55.78
C ALA E 11 16.06 20.89 -54.49
N ASP E 12 16.70 20.47 -53.40
CA ASP E 12 16.54 21.04 -52.07
C ASP E 12 15.09 21.18 -51.61
N ASN E 13 14.39 20.05 -51.53
CA ASN E 13 13.04 20.02 -50.98
C ASN E 13 13.10 19.96 -49.46
N HIS E 14 14.19 19.38 -48.96
CA HIS E 14 14.43 19.26 -47.53
C HIS E 14 13.29 18.53 -46.83
N LEU E 15 12.93 17.36 -47.38
CA LEU E 15 11.78 16.59 -46.88
C LEU E 15 11.84 16.20 -45.41
N GLY E 16 10.82 16.64 -44.67
CA GLY E 16 10.71 16.31 -43.27
C GLY E 16 11.24 17.43 -42.42
N TYR E 17 11.44 18.58 -43.04
CA TYR E 17 11.87 19.75 -42.30
C TYR E 17 10.67 20.22 -41.48
N ARG E 18 10.91 20.45 -40.20
CA ARG E 18 9.83 20.82 -39.30
C ARG E 18 10.14 22.18 -38.70
N GLN E 19 10.11 23.21 -39.54
CA GLN E 19 10.52 24.55 -39.12
C GLN E 19 9.73 25.06 -37.93
N TYR E 20 10.45 25.60 -36.94
CA TYR E 20 9.87 26.10 -35.71
C TYR E 20 9.04 25.02 -35.03
N ASN E 21 9.35 23.76 -35.34
CA ASN E 21 8.65 22.62 -34.79
C ASN E 21 7.13 22.72 -34.95
N LEU E 22 6.69 23.27 -36.07
CA LEU E 22 5.27 23.41 -36.33
C LEU E 22 4.81 22.34 -37.31
N ASP E 23 3.65 21.76 -37.04
CA ASP E 23 3.07 20.79 -37.96
C ASP E 23 2.88 21.43 -39.32
N ASP E 24 2.33 22.63 -39.34
CA ASP E 24 1.93 23.30 -40.56
C ASP E 24 3.15 23.52 -41.46
N ARG E 25 4.28 23.83 -40.82
CA ARG E 25 5.50 24.08 -41.57
C ARG E 25 6.05 22.78 -42.13
N GLU E 26 5.98 21.71 -41.35
CA GLU E 26 6.41 20.41 -41.85
C GLU E 26 5.49 19.97 -43.00
N LYS E 27 4.20 20.29 -42.86
CA LYS E 27 3.22 19.94 -43.87
C LYS E 27 3.54 20.69 -45.15
N ASP E 28 3.77 21.99 -44.98
CA ASP E 28 4.07 22.90 -46.07
C ASP E 28 5.15 22.35 -46.99
N ILE E 29 6.23 21.87 -46.38
CA ILE E 29 7.32 21.27 -47.14
C ILE E 29 6.82 20.07 -47.93
N TYR E 30 6.02 19.23 -47.28
CA TYR E 30 5.49 18.04 -47.94
C TYR E 30 4.60 18.45 -49.10
N ASP E 31 3.73 19.42 -48.86
CA ASP E 31 2.73 19.82 -49.83
C ASP E 31 3.39 20.39 -51.09
N SER E 32 4.33 21.31 -50.90
CA SER E 32 5.02 21.94 -52.02
C SER E 32 5.74 20.90 -52.87
N PHE E 33 6.37 19.93 -52.21
CA PHE E 33 6.99 18.81 -52.92
C PHE E 33 5.99 18.03 -53.73
N LYS E 34 4.85 17.70 -53.13
CA LYS E 34 3.82 16.94 -53.86
C LYS E 34 3.34 17.73 -55.08
N LEU E 35 3.22 19.04 -54.93
CA LEU E 35 2.69 19.89 -55.98
C LEU E 35 3.65 19.91 -57.15
N CYS E 36 4.95 19.97 -56.86
CA CYS E 36 5.98 19.89 -57.89
C CYS E 36 5.82 18.58 -58.67
N ILE E 37 5.63 17.48 -57.95
CA ILE E 37 5.48 16.18 -58.59
C ILE E 37 4.22 16.17 -59.45
N LYS E 38 3.15 16.78 -58.94
CA LYS E 38 1.88 16.86 -59.66
C LYS E 38 2.04 17.59 -60.98
N LYS E 39 2.75 18.72 -60.95
CA LYS E 39 3.00 19.51 -62.15
C LYS E 39 3.87 18.75 -63.14
N ILE E 40 4.90 18.10 -62.60
CA ILE E 40 5.82 17.32 -63.41
C ILE E 40 5.14 16.14 -64.12
N LEU E 41 4.12 15.56 -63.50
CA LEU E 41 3.37 14.49 -64.13
C LEU E 41 2.42 15.01 -65.21
N GLU E 42 1.95 16.24 -65.02
CA GLU E 42 1.11 16.91 -66.01
C GLU E 42 1.89 17.21 -67.29
N ILE E 43 3.17 17.51 -67.13
CA ILE E 43 4.04 17.90 -68.24
C ILE E 43 4.44 16.70 -69.11
N LYS E 44 4.72 15.58 -68.45
CA LYS E 44 5.25 14.37 -69.06
C LYS E 44 6.63 14.57 -69.72
N PRO E 45 7.61 15.11 -68.98
CA PRO E 45 8.97 15.32 -69.49
C PRO E 45 9.76 14.01 -69.56
N ASP E 46 10.84 13.99 -70.33
CA ASP E 46 11.61 12.76 -70.55
C ASP E 46 12.49 12.32 -69.38
N VAL E 47 13.07 13.28 -68.67
CA VAL E 47 14.02 12.99 -67.59
C VAL E 47 13.82 13.94 -66.42
N VAL E 48 14.14 13.50 -65.21
CA VAL E 48 14.19 14.39 -64.05
C VAL E 48 15.55 14.32 -63.38
N LEU E 49 16.22 15.46 -63.28
CA LEU E 49 17.49 15.54 -62.58
C LEU E 49 17.29 16.16 -61.22
N HIS E 50 17.62 15.41 -60.17
CA HIS E 50 17.45 15.92 -58.81
C HIS E 50 18.79 16.13 -58.13
N SER E 51 19.06 17.36 -57.70
CA SER E 51 20.39 17.77 -57.25
C SER E 51 20.70 17.61 -55.76
N GLY E 52 19.92 16.81 -55.04
CA GLY E 52 20.25 16.50 -53.67
C GLY E 52 19.41 17.25 -52.66
N ASP E 53 19.64 16.96 -51.38
CA ASP E 53 18.82 17.47 -50.28
C ASP E 53 17.33 17.27 -50.49
N LEU E 54 16.95 16.08 -50.95
CA LEU E 54 15.56 15.68 -51.03
C LEU E 54 15.00 15.62 -49.60
N PHE E 55 15.72 14.94 -48.72
CA PHE E 55 15.35 14.88 -47.30
C PHE E 55 16.24 15.81 -46.50
N ASN E 56 15.68 16.43 -45.47
CA ASN E 56 16.39 17.42 -44.67
C ASN E 56 17.36 16.77 -43.67
N ASP E 57 17.26 15.47 -43.48
CA ASP E 57 18.13 14.75 -42.54
C ASP E 57 18.50 13.36 -43.03
N LEU E 58 19.49 12.75 -42.38
CA LEU E 58 19.96 11.42 -42.73
C LEU E 58 18.94 10.38 -42.29
N ARG E 59 18.28 10.64 -41.17
CA ARG E 59 17.22 9.76 -40.70
C ARG E 59 15.90 10.51 -40.74
N PRO E 60 15.25 10.49 -41.90
CA PRO E 60 14.05 11.31 -42.06
C PRO E 60 12.82 10.64 -41.47
N PRO E 61 11.82 11.44 -41.07
CA PRO E 61 10.49 10.99 -40.69
C PRO E 61 9.91 9.99 -41.69
N VAL E 62 9.06 9.11 -41.20
CA VAL E 62 8.46 8.09 -42.05
C VAL E 62 7.54 8.75 -43.05
N LYS E 63 6.80 9.76 -42.59
CA LYS E 63 5.86 10.52 -43.41
C LYS E 63 6.52 10.99 -44.70
N ALA E 64 7.76 11.46 -44.57
CA ALA E 64 8.55 11.94 -45.70
C ALA E 64 8.87 10.80 -46.68
N LEU E 65 9.37 9.70 -46.14
CA LEU E 65 9.77 8.56 -46.96
C LEU E 65 8.57 8.01 -47.71
N ARG E 66 7.40 8.12 -47.08
CA ARG E 66 6.17 7.71 -47.73
C ARG E 66 5.89 8.57 -48.94
N ILE E 67 5.92 9.88 -48.72
CA ILE E 67 5.62 10.86 -49.78
C ILE E 67 6.65 10.76 -50.90
N ALA E 68 7.92 10.63 -50.53
CA ALA E 68 8.98 10.54 -51.52
C ALA E 68 8.77 9.29 -52.38
N MET E 69 8.57 8.16 -51.71
CA MET E 69 8.40 6.88 -52.39
C MET E 69 7.12 6.84 -53.23
N GLN E 70 6.04 7.42 -52.70
CA GLN E 70 4.78 7.47 -53.43
C GLN E 70 4.95 8.32 -54.69
N ALA E 71 5.71 9.39 -54.56
CA ALA E 71 5.99 10.32 -55.67
C ALA E 71 6.82 9.70 -56.79
N PHE E 72 7.98 9.15 -56.43
CA PHE E 72 8.90 8.59 -57.42
C PHE E 72 8.31 7.35 -58.11
N LYS E 73 7.36 6.71 -57.44
CA LYS E 73 6.63 5.58 -58.01
C LYS E 73 5.88 6.09 -59.24
N LYS E 74 5.21 7.24 -59.11
CA LYS E 74 4.48 7.85 -60.22
C LYS E 74 5.40 8.18 -61.40
N LEU E 75 6.61 8.62 -61.08
CA LEU E 75 7.60 8.93 -62.10
C LEU E 75 8.11 7.68 -62.80
N HIS E 76 8.52 6.69 -62.00
CA HIS E 76 9.10 5.46 -62.53
C HIS E 76 8.05 4.60 -63.24
N GLU E 77 6.79 4.74 -62.83
CA GLU E 77 5.69 4.00 -63.44
C GLU E 77 5.26 4.66 -64.74
N ASN E 78 5.65 5.92 -64.93
CA ASN E 78 5.36 6.64 -66.15
C ASN E 78 6.61 6.70 -67.02
N ASN E 79 7.47 5.70 -66.84
CA ASN E 79 8.72 5.53 -67.58
C ASN E 79 9.62 6.76 -67.68
N ILE E 80 9.54 7.65 -66.68
CA ILE E 80 10.47 8.77 -66.60
C ILE E 80 11.66 8.38 -65.73
N LYS E 81 12.83 8.24 -66.33
CA LYS E 81 14.02 7.87 -65.56
C LYS E 81 14.51 9.09 -64.79
N VAL E 82 14.98 8.87 -63.56
CA VAL E 82 15.36 9.95 -62.68
C VAL E 82 16.77 9.74 -62.12
N TYR E 83 17.55 10.82 -62.06
CA TYR E 83 18.90 10.76 -61.52
C TYR E 83 19.01 11.66 -60.30
N ILE E 84 19.79 11.23 -59.32
CA ILE E 84 20.02 12.03 -58.11
C ILE E 84 21.44 11.84 -57.53
N VAL E 85 21.94 12.91 -56.91
CA VAL E 85 23.20 12.85 -56.18
C VAL E 85 22.96 13.19 -54.72
N ALA E 86 23.81 12.65 -53.85
CA ALA E 86 23.60 12.82 -52.42
C ALA E 86 23.96 14.22 -51.95
N GLY E 87 23.00 14.86 -51.27
CA GLY E 87 23.24 16.14 -50.63
C GLY E 87 24.00 15.96 -49.33
N ASN E 88 24.25 17.06 -48.63
CA ASN E 88 24.91 16.96 -47.33
C ASN E 88 24.05 16.19 -46.34
N HIS E 89 22.73 16.33 -46.48
CA HIS E 89 21.82 15.68 -45.55
C HIS E 89 21.60 14.20 -45.85
N GLU E 90 22.00 13.75 -47.03
CA GLU E 90 21.80 12.36 -47.40
C GLU E 90 23.10 11.55 -47.46
N MET E 91 24.18 12.13 -46.98
CA MET E 91 25.44 11.40 -46.94
C MET E 91 25.70 10.81 -45.56
N PRO E 92 25.93 9.50 -45.51
CA PRO E 92 26.20 8.74 -44.29
C PRO E 92 27.41 9.26 -43.54
N ARG E 93 27.45 9.04 -42.23
CA ARG E 93 28.58 9.47 -41.42
C ARG E 93 29.38 8.25 -40.98
N ARG E 94 28.65 7.24 -40.51
CA ARG E 94 29.24 5.98 -40.05
C ARG E 94 29.38 4.96 -41.18
N LEU E 95 30.47 4.20 -41.15
CA LEU E 95 30.77 3.23 -42.19
C LEU E 95 29.81 2.05 -42.19
N GLY E 96 28.98 1.97 -43.23
CA GLY E 96 28.00 0.90 -43.34
C GLY E 96 26.59 1.39 -43.07
N GLU E 97 26.48 2.64 -42.60
CA GLU E 97 25.19 3.31 -42.51
C GLU E 97 24.70 3.64 -43.91
N GLU E 98 23.43 3.38 -44.19
CA GLU E 98 22.94 3.59 -45.55
C GLU E 98 22.24 4.94 -45.65
N SER E 99 22.23 5.46 -46.88
CA SER E 99 21.64 6.76 -47.16
C SER E 99 20.12 6.65 -47.29
N PRO E 100 19.39 7.66 -46.78
CA PRO E 100 17.94 7.67 -46.96
C PRO E 100 17.56 7.58 -48.44
N LEU E 101 18.45 8.01 -49.31
CA LEU E 101 18.24 7.88 -50.75
C LEU E 101 18.23 6.43 -51.20
N ALA E 102 18.86 5.55 -50.42
CA ALA E 102 18.99 4.15 -50.80
C ALA E 102 17.66 3.43 -50.91
N LEU E 103 16.64 3.93 -50.20
CA LEU E 103 15.31 3.33 -50.27
C LEU E 103 14.65 3.57 -51.62
N LEU E 104 15.40 4.15 -52.54
CA LEU E 104 14.84 4.55 -53.83
C LEU E 104 15.53 3.87 -55.00
N LYS E 105 16.49 2.97 -54.71
CA LYS E 105 17.34 2.37 -55.74
C LYS E 105 16.56 1.68 -56.88
N ASP E 106 15.26 1.46 -56.66
CA ASP E 106 14.40 0.77 -57.62
C ASP E 106 13.67 1.72 -58.59
N TYR E 107 13.68 3.02 -58.28
CA TYR E 107 13.05 4.01 -59.16
C TYR E 107 14.05 4.99 -59.77
N VAL E 108 15.19 5.16 -59.10
CA VAL E 108 16.07 6.28 -59.39
C VAL E 108 17.54 5.84 -59.48
N LYS E 109 18.31 6.50 -60.35
CA LYS E 109 19.74 6.25 -60.46
C LYS E 109 20.54 7.23 -59.58
N ILE E 110 21.19 6.70 -58.54
CA ILE E 110 22.09 7.49 -57.69
C ILE E 110 23.46 7.60 -58.36
N LEU E 111 23.92 8.82 -58.58
CA LEU E 111 25.09 9.04 -59.42
C LEU E 111 26.41 9.33 -58.69
N ASP E 112 27.43 8.54 -58.99
CA ASP E 112 28.80 8.79 -58.52
C ASP E 112 29.76 8.37 -59.62
N GLY E 113 29.48 8.80 -60.85
CA GLY E 113 30.29 8.42 -61.97
C GLY E 113 29.63 8.77 -63.29
N LYS E 114 29.91 7.98 -64.31
CA LYS E 114 29.43 8.28 -65.65
C LYS E 114 28.16 7.50 -65.93
N ASP E 115 27.32 8.07 -66.79
CA ASP E 115 26.19 7.35 -67.37
C ASP E 115 25.70 8.11 -68.57
N VAL E 116 25.30 7.40 -69.62
CA VAL E 116 24.86 8.04 -70.84
C VAL E 116 23.40 7.68 -71.10
N ILE E 117 22.54 8.69 -71.11
CA ILE E 117 21.12 8.41 -71.27
C ILE E 117 20.73 8.50 -72.74
N ASN E 118 20.16 7.41 -73.24
CA ASN E 118 19.74 7.33 -74.62
C ASN E 118 18.28 7.72 -74.73
N VAL E 119 18.03 8.92 -75.24
CA VAL E 119 16.67 9.42 -75.35
C VAL E 119 16.20 9.26 -76.79
N ASN E 120 14.89 9.38 -76.99
CA ASN E 120 14.30 9.28 -78.32
C ASN E 120 14.22 10.64 -79.03
N GLY E 121 15.00 10.79 -80.11
CA GLY E 121 15.91 9.75 -80.55
C GLY E 121 17.32 10.30 -80.66
N GLU E 122 18.06 10.22 -79.56
CA GLU E 122 19.36 10.87 -79.48
C GLU E 122 20.23 10.23 -78.40
N GLU E 123 21.34 10.89 -78.06
CA GLU E 123 22.27 10.35 -77.09
C GLU E 123 22.99 11.47 -76.33
N ILE E 124 22.84 11.49 -75.00
CA ILE E 124 23.41 12.57 -74.20
C ILE E 124 24.05 12.08 -72.89
N PHE E 125 25.18 12.70 -72.52
CA PHE E 125 26.05 12.21 -71.46
C PHE E 125 25.76 12.89 -70.12
N ILE E 126 25.68 12.10 -69.05
CA ILE E 126 25.48 12.61 -67.70
C ILE E 126 26.51 12.10 -66.71
N CYS E 127 27.02 12.99 -65.87
CA CYS E 127 27.86 12.60 -64.74
C CYS E 127 27.47 13.38 -63.49
N GLY E 128 27.92 12.90 -62.33
CA GLY E 128 27.62 13.58 -61.08
C GLY E 128 28.31 12.94 -59.88
N THR E 129 28.28 13.61 -58.74
CA THR E 129 28.84 13.07 -57.51
C THR E 129 28.19 13.65 -56.25
N TYR E 130 28.30 12.93 -55.15
CA TYR E 130 27.70 13.31 -53.87
C TYR E 130 28.34 14.56 -53.29
N TYR E 131 27.78 15.05 -52.18
CA TYR E 131 28.30 16.26 -51.57
C TYR E 131 29.66 16.06 -50.89
N HIS E 132 30.67 16.80 -51.33
CA HIS E 132 31.97 16.78 -50.68
C HIS E 132 32.21 18.07 -49.90
N LYS E 133 32.94 18.01 -48.80
CA LYS E 133 33.34 19.21 -48.08
C LYS E 133 34.58 19.84 -48.74
N LYS E 134 34.92 21.06 -48.35
CA LYS E 134 36.16 21.71 -48.81
C LYS E 134 37.31 20.76 -48.65
N SER E 135 37.35 20.11 -47.49
CA SER E 135 38.41 19.16 -47.13
C SER E 135 38.82 18.27 -48.29
N LYS E 136 37.84 17.74 -49.01
CA LYS E 136 38.14 16.90 -50.18
C LYS E 136 37.85 17.60 -51.51
N ARG E 137 38.34 18.83 -51.66
CA ARG E 137 38.26 19.54 -52.93
C ARG E 137 39.25 18.92 -53.92
N GLU E 138 40.44 18.63 -53.41
CA GLU E 138 41.47 17.99 -54.19
C GLU E 138 40.91 16.70 -54.78
N GLU E 139 40.28 15.92 -53.90
CA GLU E 139 39.56 14.72 -54.28
C GLU E 139 38.66 15.04 -55.47
N MET E 140 37.88 16.11 -55.30
CA MET E 140 36.87 16.50 -56.26
C MET E 140 37.47 16.88 -57.62
N LEU E 141 38.62 17.54 -57.61
CA LEU E 141 39.22 18.02 -58.85
C LEU E 141 39.57 16.90 -59.82
N ASP E 142 40.18 15.83 -59.32
CA ASP E 142 40.49 14.67 -60.14
C ASP E 142 39.23 14.03 -60.73
N LYS E 143 38.20 13.92 -59.90
CA LYS E 143 36.89 13.40 -60.32
C LYS E 143 36.39 14.19 -61.53
N LEU E 144 36.49 15.50 -61.42
CA LEU E 144 36.02 16.41 -62.45
C LEU E 144 36.88 16.36 -63.70
N LYS E 145 38.21 16.30 -63.53
CA LYS E 145 39.12 16.14 -64.66
C LYS E 145 38.80 14.85 -65.40
N ASN E 146 38.29 13.87 -64.67
CA ASN E 146 37.91 12.58 -65.24
C ASN E 146 36.57 12.63 -65.97
N PHE E 147 35.65 13.45 -65.47
CA PHE E 147 34.34 13.61 -66.10
C PHE E 147 34.42 14.34 -67.43
N GLU E 148 35.21 15.41 -67.45
CA GLU E 148 35.48 16.19 -68.65
C GLU E 148 36.06 15.30 -69.72
N SER E 149 36.96 14.41 -69.31
CA SER E 149 37.66 13.51 -70.22
C SER E 149 36.71 12.56 -70.94
N GLU E 150 35.75 12.00 -70.20
CA GLU E 150 34.83 11.03 -70.78
C GLU E 150 33.76 11.74 -71.60
N ALA E 151 33.72 13.07 -71.53
CA ALA E 151 32.69 13.83 -72.19
C ALA E 151 33.17 14.64 -73.40
N LYS E 152 34.48 14.56 -73.70
CA LYS E 152 35.06 15.29 -74.82
C LYS E 152 34.35 15.00 -76.13
N ASN E 153 34.14 13.71 -76.39
CA ASN E 153 33.53 13.28 -77.63
C ASN E 153 32.00 13.30 -77.58
N TYR E 154 31.46 14.10 -76.67
CA TYR E 154 30.02 14.28 -76.55
C TYR E 154 29.58 15.71 -76.82
N LYS E 155 28.51 15.86 -77.59
CA LYS E 155 27.94 17.18 -77.86
C LYS E 155 27.26 17.69 -76.60
N LYS E 156 26.31 16.91 -76.12
CA LYS E 156 25.48 17.30 -74.99
C LYS E 156 25.91 16.56 -73.72
N LYS E 157 26.41 17.31 -72.75
CA LYS E 157 26.93 16.74 -71.52
C LYS E 157 26.38 17.51 -70.32
N ILE E 158 25.83 16.80 -69.34
CA ILE E 158 25.25 17.44 -68.16
C ILE E 158 25.97 17.07 -66.88
N LEU E 159 26.22 18.09 -66.06
CA LEU E 159 26.89 17.89 -64.78
C LEU E 159 25.90 18.07 -63.63
N MET E 160 25.90 17.11 -62.73
CA MET E 160 25.05 17.19 -61.54
C MET E 160 25.94 17.30 -60.31
N LEU E 161 25.67 18.29 -59.48
CA LEU E 161 26.48 18.52 -58.28
C LEU E 161 25.67 19.09 -57.13
N HIS E 162 26.10 18.81 -55.92
CA HIS E 162 25.52 19.45 -54.75
C HIS E 162 26.61 20.09 -53.91
N GLN E 163 27.09 21.25 -54.34
CA GLN E 163 28.15 21.97 -53.62
C GLN E 163 27.85 23.46 -53.64
N GLY E 164 28.59 24.23 -52.87
CA GLY E 164 28.53 25.67 -52.96
C GLY E 164 29.66 26.16 -53.86
N ILE E 165 29.31 26.94 -54.88
CA ILE E 165 30.31 27.45 -55.82
C ILE E 165 30.64 28.92 -55.53
N ASN E 166 31.91 29.28 -55.67
CA ASN E 166 32.50 30.50 -55.08
C ASN E 166 31.83 31.87 -55.25
N PRO E 167 31.57 32.31 -56.49
CA PRO E 167 30.92 33.63 -56.59
C PRO E 167 29.47 33.59 -56.09
N TYR E 168 28.84 32.43 -56.25
CA TYR E 168 27.40 32.29 -56.06
C TYR E 168 27.04 32.18 -54.59
N ILE E 169 27.99 31.76 -53.77
CA ILE E 169 27.81 31.71 -52.32
C ILE E 169 29.16 31.88 -51.57
N PRO E 170 29.53 33.15 -51.32
CA PRO E 170 30.82 33.64 -50.78
C PRO E 170 31.48 32.80 -49.68
N LEU E 171 30.82 32.64 -48.54
CA LEU E 171 31.39 31.78 -47.49
C LEU E 171 30.27 31.00 -46.79
N ASP E 172 30.34 29.67 -46.81
CA ASP E 172 31.46 28.94 -47.39
C ASP E 172 31.09 28.11 -48.62
N TYR E 173 32.07 27.92 -49.49
CA TYR E 173 31.92 27.15 -50.71
C TYR E 173 32.92 26.02 -50.71
N GLU E 174 32.67 24.97 -51.49
CA GLU E 174 33.64 23.88 -51.63
C GLU E 174 34.36 23.92 -52.96
N LEU E 175 33.71 24.52 -53.96
CA LEU E 175 34.30 24.63 -55.28
C LEU E 175 34.32 26.05 -55.80
N GLU E 176 35.34 26.36 -56.59
CA GLU E 176 35.45 27.65 -57.26
C GLU E 176 34.87 27.55 -58.66
N HIS E 177 34.17 28.60 -59.08
CA HIS E 177 33.53 28.61 -60.40
C HIS E 177 34.47 28.32 -61.57
N PHE E 178 35.77 28.40 -61.32
CA PHE E 178 36.74 28.07 -62.36
C PHE E 178 37.18 26.62 -62.23
N ASP E 179 36.55 25.88 -61.32
CA ASP E 179 36.92 24.48 -61.13
C ASP E 179 36.17 23.55 -62.08
N LEU E 180 34.93 23.90 -62.39
CA LEU E 180 34.10 22.99 -63.18
C LEU E 180 34.31 23.15 -64.69
N PRO E 181 34.59 22.03 -65.36
CA PRO E 181 34.82 21.93 -66.81
C PRO E 181 33.61 22.35 -67.64
N LYS E 182 33.81 22.38 -68.96
CA LYS E 182 32.79 22.84 -69.88
C LYS E 182 31.74 21.77 -70.11
N PHE E 183 30.52 22.08 -69.70
CA PHE E 183 29.38 21.20 -69.89
C PHE E 183 28.21 21.99 -70.47
N SER E 184 27.27 21.28 -71.07
CA SER E 184 26.10 21.93 -71.65
C SER E 184 25.25 22.56 -70.55
N TYR E 185 24.86 21.74 -69.57
CA TYR E 185 23.99 22.19 -68.48
C TYR E 185 24.62 21.83 -67.14
N TYR E 186 24.62 22.79 -66.22
CA TYR E 186 25.15 22.55 -64.88
C TYR E 186 24.00 22.40 -63.86
N ALA E 187 23.57 21.16 -63.64
CA ALA E 187 22.49 20.88 -62.69
C ALA E 187 23.01 20.89 -61.26
N LEU E 188 22.92 22.02 -60.58
CA LEU E 188 23.55 22.21 -59.26
C LEU E 188 22.51 22.20 -58.15
N GLY E 189 22.98 22.07 -56.90
CA GLY E 189 22.06 21.82 -55.79
C GLY E 189 22.10 22.68 -54.54
N HIS E 190 23.24 22.70 -53.85
CA HIS E 190 23.34 23.17 -52.46
C HIS E 190 22.67 24.53 -52.11
N ILE E 191 22.37 25.33 -53.12
CA ILE E 191 21.86 26.69 -52.91
C ILE E 191 20.33 26.77 -52.94
N HIS E 192 19.76 27.57 -52.03
CA HIS E 192 18.31 27.65 -51.87
C HIS E 192 17.65 28.66 -52.79
N LYS E 193 18.44 29.60 -53.30
CA LYS E 193 17.94 30.60 -54.24
C LYS E 193 18.10 30.14 -55.68
N ARG E 194 17.26 30.67 -56.56
CA ARG E 194 17.34 30.38 -57.97
C ARG E 194 18.62 30.99 -58.54
N ILE E 195 19.38 30.20 -59.30
CA ILE E 195 20.54 30.72 -60.01
C ILE E 195 20.57 30.15 -61.41
N LEU E 196 20.27 30.99 -62.39
CA LEU E 196 20.30 30.61 -63.80
C LEU E 196 21.00 31.70 -64.58
N GLU E 197 22.06 31.33 -65.29
CA GLU E 197 22.79 32.27 -66.13
C GLU E 197 23.69 31.53 -67.10
N ARG E 198 23.99 32.15 -68.23
CA ARG E 198 24.91 31.57 -69.18
C ARG E 198 26.25 31.43 -68.47
N PHE E 199 27.01 30.40 -68.82
CA PHE E 199 28.24 30.09 -68.10
C PHE E 199 29.10 29.12 -68.90
N ASN E 200 30.38 29.47 -69.03
CA ASN E 200 31.40 28.64 -69.67
C ASN E 200 30.93 27.88 -70.93
N ASP E 201 30.44 28.64 -71.92
CA ASP E 201 29.93 28.09 -73.18
C ASP E 201 28.80 27.10 -72.93
N GLY E 202 27.85 27.50 -72.10
CA GLY E 202 26.75 26.66 -71.71
C GLY E 202 25.87 27.38 -70.70
N ILE E 203 25.19 26.64 -69.84
CA ILE E 203 24.27 27.27 -68.90
C ILE E 203 24.22 26.58 -67.54
N LEU E 204 24.39 27.37 -66.49
CA LEU E 204 24.51 26.87 -65.12
C LEU E 204 23.23 27.10 -64.33
N ALA E 205 22.83 26.13 -63.53
CA ALA E 205 21.61 26.28 -62.75
C ALA E 205 21.63 25.66 -61.35
N TYR E 206 21.10 26.42 -60.40
CA TYR E 206 20.72 25.90 -59.09
C TYR E 206 19.21 25.98 -59.07
N SER E 207 18.54 24.83 -58.96
CA SER E 207 17.09 24.81 -59.01
C SER E 207 16.49 25.60 -57.85
N GLY E 208 17.20 25.59 -56.73
CA GLY E 208 16.77 26.33 -55.56
C GLY E 208 15.72 25.56 -54.77
N SER E 209 15.58 25.92 -53.51
CA SER E 209 14.66 25.24 -52.59
C SER E 209 13.21 25.29 -53.06
N THR E 210 12.48 24.21 -52.80
CA THR E 210 11.09 24.10 -53.24
C THR E 210 10.16 24.64 -52.18
N GLU E 211 10.76 25.15 -51.10
CA GLU E 211 10.02 25.88 -50.09
C GLU E 211 10.98 26.73 -49.27
N ILE E 212 10.41 27.59 -48.44
CA ILE E 212 11.19 28.48 -47.60
C ILE E 212 11.83 27.71 -46.45
N ILE E 213 13.15 27.52 -46.54
CA ILE E 213 13.87 26.75 -45.56
C ILE E 213 14.33 27.64 -44.41
N TYR E 214 14.57 28.91 -44.71
CA TYR E 214 14.99 29.87 -43.68
C TYR E 214 14.18 31.17 -43.73
N ARG E 215 14.17 31.92 -42.62
CA ARG E 215 13.50 33.22 -42.52
C ARG E 215 14.07 34.15 -43.57
N ASN E 216 15.10 33.66 -44.24
CA ASN E 216 15.95 34.40 -45.15
C ASN E 216 15.33 34.54 -46.54
N GLU E 217 14.92 33.42 -47.11
CA GLU E 217 14.55 33.38 -48.51
C GLU E 217 13.14 33.88 -48.77
N TYR E 218 12.56 34.60 -47.81
CA TYR E 218 11.14 34.95 -47.92
C TYR E 218 10.87 35.81 -49.14
N GLU E 219 11.86 36.63 -49.52
CA GLU E 219 11.65 37.59 -50.61
C GLU E 219 12.41 37.22 -51.88
N ASP E 220 13.37 36.31 -51.78
CA ASP E 220 13.96 35.80 -53.00
C ASP E 220 12.86 35.06 -53.74
N TYR E 221 11.93 34.51 -52.97
CA TYR E 221 10.72 33.90 -53.48
C TYR E 221 9.74 34.93 -54.06
N LYS E 222 9.69 36.10 -53.45
CA LYS E 222 8.78 37.15 -53.92
C LYS E 222 9.15 37.59 -55.34
N LYS E 223 10.42 37.87 -55.55
CA LYS E 223 10.88 38.43 -56.82
C LYS E 223 11.36 37.41 -57.86
N GLU E 224 11.97 36.32 -57.42
CA GLU E 224 12.43 35.29 -58.35
C GLU E 224 11.48 34.11 -58.42
N GLY E 225 10.82 33.81 -57.30
CA GLY E 225 9.89 32.70 -57.26
C GLY E 225 10.58 31.36 -57.07
N LYS E 226 10.07 30.57 -56.13
CA LYS E 226 10.65 29.26 -55.84
C LYS E 226 9.91 28.17 -56.60
N GLY E 227 10.60 27.08 -56.90
CA GLY E 227 10.02 26.00 -57.67
C GLY E 227 11.06 25.13 -58.34
N PHE E 228 10.92 24.93 -59.65
CA PHE E 228 11.88 24.13 -60.41
C PHE E 228 12.00 24.58 -61.85
N TYR E 229 13.09 24.19 -62.50
CA TYR E 229 13.34 24.53 -63.91
C TYR E 229 12.89 23.44 -64.88
N LEU E 230 12.56 23.86 -66.10
CA LEU E 230 12.19 22.95 -67.17
C LEU E 230 13.09 23.18 -68.38
N VAL E 231 14.03 22.27 -68.58
CA VAL E 231 14.97 22.38 -69.69
C VAL E 231 14.46 21.58 -70.88
N ASP E 232 14.54 22.15 -72.07
CA ASP E 232 14.06 21.44 -73.25
C ASP E 232 15.18 20.64 -73.93
N PHE E 233 16.30 21.30 -74.20
CA PHE E 233 17.48 20.68 -74.79
C PHE E 233 17.14 19.92 -76.06
N SER E 234 16.15 20.42 -76.79
CA SER E 234 15.73 19.80 -78.04
C SER E 234 16.80 20.01 -79.10
N GLY E 235 17.20 21.26 -79.30
CA GLY E 235 18.20 21.61 -80.28
C GLY E 235 19.61 21.28 -79.80
N ASN E 236 20.60 21.52 -80.65
CA ASN E 236 21.99 21.29 -80.29
C ASN E 236 22.47 22.24 -79.20
N ASP E 237 22.04 23.48 -79.28
CA ASP E 237 22.41 24.49 -78.28
C ASP E 237 21.38 24.62 -77.18
N LEU E 238 21.82 25.15 -76.04
CA LEU E 238 20.90 25.52 -74.96
C LEU E 238 21.17 26.94 -74.47
N ASP E 239 20.09 27.72 -74.40
CA ASP E 239 20.17 29.09 -73.95
C ASP E 239 19.11 29.29 -72.87
N ILE E 240 19.02 30.51 -72.37
CA ILE E 240 18.01 30.86 -71.39
C ILE E 240 16.60 30.75 -71.97
N SER E 241 16.47 31.08 -73.26
CA SER E 241 15.16 31.10 -73.93
C SER E 241 14.43 29.76 -73.92
N ASP E 242 15.18 28.68 -73.73
CA ASP E 242 14.57 27.37 -73.70
C ASP E 242 14.50 26.79 -72.28
N ILE E 243 14.39 27.66 -71.28
CA ILE E 243 14.22 27.22 -69.90
C ILE E 243 13.09 27.99 -69.23
N GLU E 244 12.02 27.26 -68.92
CA GLU E 244 10.88 27.83 -68.21
C GLU E 244 11.04 27.58 -66.73
N LYS E 245 10.80 28.60 -65.93
CA LYS E 245 10.81 28.40 -64.50
C LYS E 245 9.37 28.26 -64.00
N ILE E 246 9.04 27.04 -63.57
CA ILE E 246 7.71 26.78 -63.04
C ILE E 246 7.72 27.14 -61.59
N ASP E 247 6.89 28.09 -61.22
CA ASP E 247 6.90 28.58 -59.86
C ASP E 247 5.99 27.72 -58.98
N ILE E 248 6.20 27.83 -57.68
CA ILE E 248 5.43 27.05 -56.72
C ILE E 248 4.98 27.99 -55.63
N GLU E 249 3.66 28.09 -55.49
CA GLU E 249 3.07 28.95 -54.46
C GLU E 249 3.38 28.32 -53.11
N CYS E 250 3.92 29.10 -52.18
CA CYS E 250 4.24 28.56 -50.86
C CYS E 250 4.13 29.54 -49.69
N ARG E 251 4.22 28.99 -48.47
CA ARG E 251 3.89 29.65 -47.20
C ARG E 251 4.54 31.00 -47.02
N GLU E 252 3.75 32.01 -46.67
CA GLU E 252 4.25 33.37 -46.63
C GLU E 252 4.86 33.81 -45.30
N PHE E 253 5.92 34.62 -45.41
CA PHE E 253 6.62 35.21 -44.27
C PHE E 253 6.56 36.72 -44.35
N VAL E 254 6.11 37.38 -43.28
CA VAL E 254 6.13 38.83 -43.28
C VAL E 254 7.14 39.37 -42.27
N GLU E 255 8.00 40.29 -42.70
CA GLU E 255 8.93 40.91 -41.77
C GLU E 255 8.28 42.15 -41.20
N VAL E 256 8.48 42.40 -39.91
CA VAL E 256 7.91 43.57 -39.29
C VAL E 256 8.97 44.36 -38.55
N ASN E 257 8.71 45.64 -38.35
CA ASN E 257 9.58 46.48 -37.55
C ASN E 257 8.75 47.57 -36.89
N ILE E 258 7.92 47.16 -35.94
CA ILE E 258 6.98 48.07 -35.33
C ILE E 258 7.62 48.95 -34.26
N LYS E 259 7.85 50.22 -34.61
CA LYS E 259 8.44 51.16 -33.68
C LYS E 259 7.59 52.42 -33.55
N ASP E 260 6.65 52.59 -34.47
CA ASP E 260 5.72 53.72 -34.47
C ASP E 260 4.39 53.34 -35.13
N LYS E 261 3.44 54.27 -35.14
CA LYS E 261 2.11 53.95 -35.65
C LYS E 261 2.13 53.60 -37.13
N LYS E 262 3.02 54.26 -37.88
CA LYS E 262 3.18 53.95 -39.30
C LYS E 262 3.58 52.51 -39.48
N SER E 263 4.66 52.12 -38.81
CA SER E 263 5.21 50.77 -38.92
C SER E 263 4.23 49.73 -38.39
N PHE E 264 3.45 50.11 -37.39
CA PHE E 264 2.45 49.20 -36.85
C PHE E 264 1.41 48.92 -37.93
N ASN E 265 0.85 50.00 -38.47
CA ASN E 265 -0.17 49.90 -39.49
C ASN E 265 0.36 49.22 -40.74
N GLU E 266 1.62 49.49 -41.06
CA GLU E 266 2.27 48.89 -42.23
C GLU E 266 2.39 47.38 -42.05
N ALA E 267 2.66 46.95 -40.82
CA ALA E 267 2.76 45.53 -40.51
C ALA E 267 1.40 44.84 -40.58
N VAL E 268 0.39 45.48 -39.99
CA VAL E 268 -0.94 44.90 -39.98
C VAL E 268 -1.44 44.67 -41.40
N ASN E 269 -1.29 45.67 -42.27
CA ASN E 269 -1.73 45.55 -43.66
C ASN E 269 -1.00 44.44 -44.41
N LYS E 270 0.30 44.32 -44.14
CA LYS E 270 1.11 43.26 -44.73
C LYS E 270 0.55 41.89 -44.38
N ILE E 271 0.07 41.76 -43.15
CA ILE E 271 -0.57 40.53 -42.67
C ILE E 271 -1.97 40.31 -43.24
N GLU E 272 -2.69 41.40 -43.43
CA GLU E 272 -4.05 41.33 -43.97
C GLU E 272 -4.05 40.87 -45.42
N ARG E 273 -3.04 41.29 -46.17
CA ARG E 273 -2.94 41.02 -47.60
C ARG E 273 -2.46 39.59 -47.86
N CYS E 274 -2.34 38.82 -46.79
CA CYS E 274 -1.89 37.43 -46.87
C CYS E 274 -3.02 36.48 -47.21
N LYS E 275 -2.77 35.57 -48.14
CA LYS E 275 -3.75 34.56 -48.49
C LYS E 275 -3.89 33.58 -47.34
N ASN E 276 -2.74 33.18 -46.80
CA ASN E 276 -2.70 32.24 -45.70
C ASN E 276 -1.92 32.79 -44.52
N LYS E 277 -2.34 32.43 -43.31
CA LYS E 277 -1.68 32.88 -42.07
C LYS E 277 -0.17 32.79 -42.18
N PRO E 278 0.51 33.94 -42.08
CA PRO E 278 1.93 34.03 -42.41
C PRO E 278 2.82 33.79 -41.21
N VAL E 279 4.09 33.48 -41.47
CA VAL E 279 5.09 33.52 -40.42
C VAL E 279 5.60 34.95 -40.27
N VAL E 280 5.35 35.54 -39.11
CA VAL E 280 5.75 36.92 -38.88
C VAL E 280 7.05 36.94 -38.11
N PHE E 281 7.97 37.78 -38.54
CA PHE E 281 9.27 37.88 -37.89
C PHE E 281 9.87 39.27 -37.98
N GLY E 282 10.88 39.51 -37.18
CA GLY E 282 11.51 40.81 -37.14
C GLY E 282 11.56 41.37 -35.73
N LYS E 283 11.20 42.64 -35.59
CA LYS E 283 11.26 43.34 -34.32
C LYS E 283 9.94 44.03 -34.01
N ILE E 284 9.54 44.02 -32.74
CA ILE E 284 8.39 44.79 -32.28
C ILE E 284 8.72 45.46 -30.95
N LYS E 285 8.48 46.76 -30.84
CA LYS E 285 8.74 47.45 -29.59
C LYS E 285 7.78 46.99 -28.49
N ARG E 286 8.32 46.83 -27.28
CA ARG E 286 7.57 46.40 -26.11
C ARG E 286 6.27 47.17 -26.06
N GLU E 287 6.35 48.45 -26.39
CA GLU E 287 5.24 49.38 -26.29
C GLU E 287 4.06 48.98 -27.15
N PHE E 288 4.34 48.23 -28.21
CA PHE E 288 3.33 47.90 -29.22
C PHE E 288 2.82 46.50 -29.12
N LYS E 289 3.50 45.66 -28.37
CA LYS E 289 3.19 44.24 -28.42
C LYS E 289 1.76 43.86 -28.04
N PRO E 290 1.20 44.45 -26.98
CA PRO E 290 -0.17 44.00 -26.71
C PRO E 290 -1.14 44.31 -27.85
N TRP E 291 -0.90 45.40 -28.57
CA TRP E 291 -1.73 45.74 -29.72
C TRP E 291 -1.51 44.68 -30.81
N PHE E 292 -0.25 44.24 -30.94
CA PHE E 292 0.08 43.28 -31.97
C PHE E 292 -0.45 41.87 -31.65
N ASP E 293 -0.76 41.63 -30.38
CA ASP E 293 -1.30 40.33 -29.97
C ASP E 293 -2.72 40.12 -30.49
N THR E 294 -3.25 41.13 -31.18
CA THR E 294 -4.60 41.06 -31.71
C THR E 294 -4.67 40.23 -33.00
N LEU E 295 -3.54 40.08 -33.65
CA LEU E 295 -3.51 39.34 -34.91
C LEU E 295 -3.05 37.91 -34.73
N LYS E 296 -3.05 37.39 -33.50
CA LYS E 296 -2.51 36.06 -33.28
C LYS E 296 -3.33 35.02 -34.02
N ASP E 297 -4.58 35.38 -34.32
CA ASP E 297 -5.49 34.49 -35.03
C ASP E 297 -5.11 34.49 -36.49
N LYS E 298 -4.66 35.66 -36.95
CA LYS E 298 -4.30 35.85 -38.34
C LYS E 298 -2.90 35.37 -38.62
N ILE E 299 -2.24 34.85 -37.60
CA ILE E 299 -0.81 34.55 -37.71
C ILE E 299 -0.51 33.09 -37.45
N LEU E 300 0.44 32.54 -38.20
CA LEU E 300 0.82 31.15 -38.00
C LEU E 300 1.63 31.04 -36.72
N ILE E 301 2.71 31.81 -36.68
CA ILE E 301 3.56 31.88 -35.49
C ILE E 301 4.26 33.24 -35.44
N ASN E 302 4.31 33.83 -34.26
CA ASN E 302 5.04 35.08 -34.09
C ASN E 302 6.47 34.84 -33.66
N LYS E 303 7.41 35.10 -34.55
CA LYS E 303 8.81 34.88 -34.22
C LYS E 303 9.54 36.19 -34.36
N ALA E 304 9.15 37.15 -33.53
CA ALA E 304 9.69 38.48 -33.61
C ALA E 304 10.28 38.84 -32.26
N ILE E 305 11.36 39.60 -32.29
CA ILE E 305 12.03 39.97 -31.07
C ILE E 305 11.29 41.13 -30.45
N ILE E 306 11.08 41.09 -29.14
CA ILE E 306 10.41 42.19 -28.47
C ILE E 306 11.46 43.10 -27.87
N VAL E 307 11.58 44.30 -28.43
CA VAL E 307 12.61 45.25 -28.01
C VAL E 307 12.02 46.25 -27.03
N ASP E 308 12.59 46.32 -25.83
CA ASP E 308 12.10 47.26 -24.82
C ASP E 308 13.03 48.44 -24.73
N ASP E 309 13.97 48.54 -25.67
CA ASP E 309 14.88 49.68 -25.69
C ASP E 309 14.26 50.86 -26.43
N GLU E 310 14.54 52.06 -25.93
CA GLU E 310 14.11 53.26 -26.63
C GLU E 310 15.22 53.77 -27.53
N PHE E 311 15.04 53.57 -28.84
CA PHE E 311 16.05 53.95 -29.79
C PHE E 311 15.82 55.35 -30.37
N ILE E 312 16.91 56.08 -30.52
CA ILE E 312 16.93 57.39 -31.13
C ILE E 312 17.25 57.22 -32.61
N ASP E 313 17.05 55.99 -33.09
CA ASP E 313 17.30 55.66 -34.48
C ASP E 313 16.50 56.56 -35.41
N MET E 314 17.06 57.74 -35.69
CA MET E 314 16.45 58.69 -36.61
C MET E 314 17.35 58.92 -37.83
N PRO E 315 17.29 58.01 -38.81
CA PRO E 315 18.07 58.18 -40.04
C PRO E 315 17.25 58.92 -41.11
N SER F 3 0.22 -30.29 -46.52
CA SER F 3 -1.19 -30.24 -46.13
C SER F 3 -2.02 -29.57 -47.21
N HIS F 4 -3.25 -29.19 -46.86
CA HIS F 4 -4.08 -28.35 -47.73
C HIS F 4 -4.01 -26.87 -47.37
N MET F 5 -3.69 -26.57 -46.11
CA MET F 5 -3.67 -25.18 -45.62
C MET F 5 -2.74 -25.04 -44.42
N MET F 6 -2.01 -23.94 -44.35
CA MET F 6 -1.11 -23.65 -43.22
C MET F 6 -0.90 -22.14 -43.03
N PHE F 7 -0.45 -21.72 -41.85
CA PHE F 7 -0.03 -20.34 -41.63
C PHE F 7 1.08 -20.16 -40.58
N VAL F 8 1.61 -18.95 -40.47
CA VAL F 8 2.78 -18.67 -39.63
C VAL F 8 2.53 -17.61 -38.55
N HIS F 9 2.96 -17.89 -37.32
CA HIS F 9 2.91 -16.91 -36.23
C HIS F 9 4.32 -16.46 -35.85
N ILE F 10 4.59 -15.16 -36.03
CA ILE F 10 5.91 -14.60 -35.74
C ILE F 10 5.80 -13.21 -35.09
N ALA F 11 6.80 -12.83 -34.29
CA ALA F 11 6.79 -11.51 -33.64
C ALA F 11 8.11 -11.12 -32.98
N ASP F 12 8.18 -9.85 -32.58
CA ASP F 12 9.29 -9.25 -31.85
C ASP F 12 10.67 -9.51 -32.43
N ASN F 13 10.90 -9.04 -33.65
CA ASN F 13 12.23 -9.12 -34.24
C ASN F 13 13.11 -7.95 -33.78
N HIS F 14 12.47 -6.83 -33.45
CA HIS F 14 13.16 -5.64 -32.94
C HIS F 14 14.25 -5.18 -33.90
N LEU F 15 13.90 -5.04 -35.18
CA LEU F 15 14.85 -4.70 -36.23
C LEU F 15 15.57 -3.40 -35.96
N GLY F 16 16.89 -3.48 -35.91
CA GLY F 16 17.70 -2.30 -35.70
C GLY F 16 18.13 -2.16 -34.25
N TYR F 17 18.00 -3.23 -33.49
CA TYR F 17 18.52 -3.20 -32.13
C TYR F 17 20.03 -3.26 -32.34
N ARG F 18 20.74 -2.29 -31.80
CA ARG F 18 22.16 -2.18 -32.06
C ARG F 18 22.92 -2.20 -30.75
N GLN F 19 23.01 -3.38 -30.15
CA GLN F 19 23.61 -3.52 -28.83
C GLN F 19 25.04 -2.99 -28.79
N TYR F 20 25.29 -2.08 -27.85
CA TYR F 20 26.60 -1.42 -27.71
C TYR F 20 27.12 -0.74 -28.98
N ASN F 21 26.20 -0.32 -29.83
CA ASN F 21 26.53 0.36 -31.09
C ASN F 21 27.48 -0.44 -31.98
N LEU F 22 27.23 -1.75 -32.07
CA LEU F 22 28.03 -2.65 -32.89
C LEU F 22 27.37 -2.99 -34.23
N ASP F 23 28.17 -2.93 -35.30
CA ASP F 23 27.72 -3.40 -36.61
C ASP F 23 27.33 -4.87 -36.50
N ASP F 24 28.18 -5.63 -35.82
CA ASP F 24 28.03 -7.08 -35.74
C ASP F 24 26.74 -7.54 -35.06
N ARG F 25 26.27 -6.77 -34.07
CA ARG F 25 25.07 -7.16 -33.34
C ARG F 25 23.79 -6.95 -34.14
N GLU F 26 23.72 -5.81 -34.81
CA GLU F 26 22.60 -5.50 -35.70
C GLU F 26 22.57 -6.46 -36.89
N LYS F 27 23.75 -6.91 -37.32
CA LYS F 27 23.87 -7.90 -38.41
C LYS F 27 23.23 -9.21 -38.01
N ASP F 28 23.55 -9.66 -36.80
CA ASP F 28 22.99 -10.89 -36.26
C ASP F 28 21.47 -10.80 -36.39
N ILE F 29 20.93 -9.66 -35.98
CA ILE F 29 19.51 -9.39 -36.08
C ILE F 29 19.00 -9.43 -37.53
N TYR F 30 19.72 -8.78 -38.43
CA TYR F 30 19.30 -8.73 -39.83
C TYR F 30 19.33 -10.08 -40.54
N ASP F 31 20.43 -10.81 -40.40
CA ASP F 31 20.59 -12.09 -41.09
C ASP F 31 19.61 -13.13 -40.55
N SER F 32 19.52 -13.21 -39.23
CA SER F 32 18.59 -14.14 -38.57
C SER F 32 17.16 -13.86 -38.99
N PHE F 33 16.81 -12.58 -39.13
CA PHE F 33 15.49 -12.19 -39.63
C PHE F 33 15.24 -12.76 -41.01
N LYS F 34 16.19 -12.56 -41.92
CA LYS F 34 16.09 -13.06 -43.28
C LYS F 34 16.03 -14.58 -43.28
N LEU F 35 16.72 -15.16 -42.31
CA LEU F 35 16.84 -16.61 -42.19
C LEU F 35 15.46 -17.19 -41.93
N CYS F 36 14.70 -16.51 -41.07
CA CYS F 36 13.31 -16.83 -40.84
C CYS F 36 12.54 -16.72 -42.16
N ILE F 37 12.81 -15.64 -42.89
CA ILE F 37 12.12 -15.40 -44.16
C ILE F 37 12.45 -16.50 -45.17
N LYS F 38 13.71 -16.93 -45.22
CA LYS F 38 14.09 -18.02 -46.11
C LYS F 38 13.34 -19.30 -45.79
N LYS F 39 13.28 -19.60 -44.51
CA LYS F 39 12.59 -20.80 -44.03
C LYS F 39 11.10 -20.64 -44.31
N ILE F 40 10.58 -19.43 -44.12
CA ILE F 40 9.21 -19.12 -44.45
C ILE F 40 8.99 -19.30 -45.97
N LEU F 41 10.04 -19.07 -46.76
CA LEU F 41 9.94 -19.31 -48.19
C LEU F 41 9.98 -20.82 -48.50
N GLU F 42 10.67 -21.60 -47.67
CA GLU F 42 10.61 -23.06 -47.81
C GLU F 42 9.21 -23.58 -47.48
N ILE F 43 8.58 -22.96 -46.49
CA ILE F 43 7.30 -23.43 -45.97
C ILE F 43 6.13 -23.11 -46.91
N LYS F 44 6.14 -21.91 -47.47
CA LYS F 44 5.09 -21.44 -48.37
C LYS F 44 3.68 -21.46 -47.73
N PRO F 45 3.53 -20.87 -46.53
CA PRO F 45 2.19 -20.88 -45.91
C PRO F 45 1.21 -19.95 -46.61
N ASP F 46 -0.08 -20.16 -46.38
CA ASP F 46 -1.10 -19.34 -47.03
C ASP F 46 -1.18 -17.95 -46.40
N VAL F 47 -0.84 -17.86 -45.11
CA VAL F 47 -0.89 -16.60 -44.37
C VAL F 47 0.35 -16.51 -43.46
N VAL F 48 0.80 -15.28 -43.19
CA VAL F 48 1.84 -15.06 -42.18
C VAL F 48 1.33 -14.00 -41.19
N LEU F 49 1.34 -14.34 -39.90
CA LEU F 49 0.91 -13.41 -38.86
C LEU F 49 2.07 -12.77 -38.10
N HIS F 50 2.19 -11.45 -38.18
CA HIS F 50 3.25 -10.76 -37.45
C HIS F 50 2.70 -9.88 -36.33
N SER F 51 3.07 -10.21 -35.10
CA SER F 51 2.44 -9.60 -33.92
C SER F 51 3.13 -8.37 -33.35
N GLY F 52 3.98 -7.72 -34.13
CA GLY F 52 4.52 -6.44 -33.71
C GLY F 52 5.96 -6.42 -33.23
N ASP F 53 6.43 -5.23 -32.89
CA ASP F 53 7.84 -4.96 -32.60
C ASP F 53 8.75 -5.54 -33.68
N LEU F 54 8.33 -5.38 -34.94
CA LEU F 54 9.15 -5.76 -36.08
C LEU F 54 10.41 -4.90 -36.06
N PHE F 55 10.22 -3.59 -35.91
CA PHE F 55 11.33 -2.66 -35.75
C PHE F 55 11.43 -2.27 -34.30
N ASN F 56 12.66 -2.04 -33.82
CA ASN F 56 12.88 -1.75 -32.42
C ASN F 56 12.52 -0.30 -32.07
N ASP F 57 12.33 0.54 -33.08
CA ASP F 57 12.02 1.94 -32.83
C ASP F 57 11.02 2.54 -33.83
N LEU F 58 10.47 3.70 -33.49
CA LEU F 58 9.50 4.40 -34.33
C LEU F 58 10.18 5.04 -35.54
N ARG F 59 11.40 5.52 -35.33
CA ARG F 59 12.22 6.03 -36.43
C ARG F 59 13.44 5.15 -36.56
N PRO F 60 13.30 4.03 -37.28
CA PRO F 60 14.37 3.04 -37.36
C PRO F 60 15.43 3.46 -38.37
N PRO F 61 16.65 2.94 -38.22
CA PRO F 61 17.71 3.02 -39.23
C PRO F 61 17.14 2.70 -40.61
N VAL F 62 17.74 3.27 -41.64
CA VAL F 62 17.25 3.09 -43.00
C VAL F 62 17.45 1.65 -43.47
N LYS F 63 18.59 1.07 -43.10
CA LYS F 63 18.94 -0.31 -43.47
C LYS F 63 17.82 -1.26 -43.09
N ALA F 64 17.24 -1.04 -41.92
CA ALA F 64 16.16 -1.89 -41.44
C ALA F 64 14.97 -1.85 -42.39
N LEU F 65 14.56 -0.63 -42.76
CA LEU F 65 13.43 -0.41 -43.66
C LEU F 65 13.73 -1.00 -45.04
N ARG F 66 15.00 -1.02 -45.41
CA ARG F 66 15.42 -1.62 -46.68
C ARG F 66 15.15 -3.13 -46.65
N ILE F 67 15.65 -3.78 -45.61
CA ILE F 67 15.48 -5.23 -45.48
C ILE F 67 14.01 -5.59 -45.36
N ALA F 68 13.27 -4.81 -44.58
CA ALA F 68 11.86 -5.09 -44.32
C ALA F 68 11.03 -5.13 -45.59
N MET F 69 11.12 -4.09 -46.40
CA MET F 69 10.36 -4.05 -47.64
C MET F 69 10.86 -5.13 -48.61
N GLN F 70 12.17 -5.35 -48.62
CA GLN F 70 12.77 -6.34 -49.50
C GLN F 70 12.27 -7.73 -49.12
N ALA F 71 12.13 -7.95 -47.82
CA ALA F 71 11.62 -9.22 -47.31
C ALA F 71 10.16 -9.45 -47.73
N PHE F 72 9.31 -8.50 -47.35
CA PHE F 72 7.87 -8.58 -47.61
C PHE F 72 7.51 -8.46 -49.08
N LYS F 73 8.41 -7.90 -49.89
CA LYS F 73 8.20 -7.86 -51.33
C LYS F 73 8.09 -9.27 -51.88
N LYS F 74 9.12 -10.07 -51.62
CA LYS F 74 9.18 -11.43 -52.14
C LYS F 74 8.08 -12.30 -51.54
N LEU F 75 7.74 -12.02 -50.28
CA LEU F 75 6.67 -12.75 -49.62
C LEU F 75 5.35 -12.45 -50.30
N HIS F 76 5.08 -11.16 -50.52
CA HIS F 76 3.84 -10.74 -51.15
C HIS F 76 3.72 -11.11 -52.64
N GLU F 77 4.86 -11.25 -53.29
CA GLU F 77 4.90 -11.56 -54.72
C GLU F 77 4.59 -13.03 -54.97
N ASN F 78 4.64 -13.84 -53.92
CA ASN F 78 4.33 -15.26 -54.02
C ASN F 78 2.92 -15.57 -53.54
N ASN F 79 2.03 -14.60 -53.70
CA ASN F 79 0.62 -14.71 -53.28
C ASN F 79 0.44 -15.20 -51.85
N ILE F 80 1.41 -14.88 -51.00
CA ILE F 80 1.31 -15.17 -49.57
C ILE F 80 0.62 -14.01 -48.86
N LYS F 81 -0.54 -14.28 -48.29
CA LYS F 81 -1.26 -13.25 -47.55
C LYS F 81 -0.51 -12.98 -46.24
N VAL F 82 -0.35 -11.71 -45.87
CA VAL F 82 0.40 -11.36 -44.66
C VAL F 82 -0.34 -10.33 -43.81
N TYR F 83 -0.39 -10.58 -42.50
CA TYR F 83 -1.04 -9.67 -41.55
C TYR F 83 -0.06 -9.16 -40.47
N ILE F 84 -0.22 -7.91 -40.05
CA ILE F 84 0.63 -7.35 -39.01
C ILE F 84 -0.11 -6.37 -38.08
N VAL F 85 0.31 -6.35 -36.81
CA VAL F 85 -0.18 -5.36 -35.85
C VAL F 85 0.96 -4.54 -35.27
N ALA F 86 0.66 -3.33 -34.82
CA ALA F 86 1.67 -2.44 -34.28
C ALA F 86 2.10 -2.79 -32.87
N GLY F 87 3.41 -2.95 -32.67
CA GLY F 87 3.96 -3.16 -31.34
C GLY F 87 4.08 -1.86 -30.56
N ASN F 88 4.59 -1.93 -29.33
CA ASN F 88 4.80 -0.73 -28.53
C ASN F 88 5.83 0.19 -29.18
N HIS F 89 6.82 -0.41 -29.82
CA HIS F 89 7.90 0.33 -30.45
C HIS F 89 7.52 0.91 -31.80
N GLU F 90 6.39 0.47 -32.34
CA GLU F 90 5.95 0.96 -33.64
C GLU F 90 4.74 1.90 -33.55
N MET F 91 4.40 2.30 -32.33
CA MET F 91 3.26 3.18 -32.10
C MET F 91 3.61 4.66 -31.98
N PRO F 92 2.99 5.50 -32.82
CA PRO F 92 3.23 6.95 -32.85
C PRO F 92 2.93 7.64 -31.53
N ARG F 93 3.65 8.72 -31.25
CA ARG F 93 3.42 9.50 -30.04
C ARG F 93 2.89 10.86 -30.41
N ARG F 94 3.47 11.45 -31.46
CA ARG F 94 3.00 12.72 -31.96
C ARG F 94 1.88 12.45 -32.94
N LEU F 95 0.85 13.28 -32.91
CA LEU F 95 -0.26 13.14 -33.84
C LEU F 95 0.18 13.63 -35.22
N GLY F 96 0.19 12.72 -36.20
CA GLY F 96 0.59 13.05 -37.55
C GLY F 96 1.94 12.43 -37.91
N GLU F 97 2.62 11.90 -36.89
CA GLU F 97 3.78 11.06 -37.08
C GLU F 97 3.29 9.72 -37.61
N GLU F 98 3.94 9.18 -38.63
CA GLU F 98 3.48 7.92 -39.21
C GLU F 98 4.27 6.74 -38.67
N SER F 99 3.64 5.57 -38.63
CA SER F 99 4.33 4.38 -38.15
C SER F 99 5.15 3.79 -39.26
N PRO F 100 6.35 3.27 -38.93
CA PRO F 100 7.21 2.64 -39.95
C PRO F 100 6.52 1.51 -40.71
N LEU F 101 5.51 0.89 -40.11
CA LEU F 101 4.78 -0.17 -40.81
C LEU F 101 4.03 0.35 -42.03
N ALA F 102 3.79 1.66 -42.06
CA ALA F 102 3.07 2.28 -43.17
C ALA F 102 3.82 2.12 -44.48
N LEU F 103 5.13 1.94 -44.37
CA LEU F 103 5.97 1.72 -45.54
C LEU F 103 5.78 0.32 -46.15
N LEU F 104 4.84 -0.45 -45.61
CA LEU F 104 4.65 -1.84 -46.03
C LEU F 104 3.26 -2.08 -46.60
N LYS F 105 2.46 -1.01 -46.66
CA LYS F 105 1.06 -1.06 -47.06
C LYS F 105 0.77 -1.71 -48.43
N ASP F 106 1.82 -1.91 -49.24
CA ASP F 106 1.64 -2.52 -50.56
C ASP F 106 1.81 -4.03 -50.53
N TYR F 107 2.32 -4.55 -49.41
CA TYR F 107 2.54 -5.98 -49.25
C TYR F 107 1.67 -6.59 -48.16
N VAL F 108 1.27 -5.76 -47.20
CA VAL F 108 0.72 -6.25 -45.94
C VAL F 108 -0.55 -5.53 -45.52
N LYS F 109 -1.48 -6.27 -44.93
CA LYS F 109 -2.66 -5.65 -44.34
C LYS F 109 -2.43 -5.35 -42.84
N ILE F 110 -2.40 -4.06 -42.51
CA ILE F 110 -2.31 -3.63 -41.12
C ILE F 110 -3.67 -3.70 -40.46
N LEU F 111 -3.76 -4.44 -39.37
CA LEU F 111 -5.05 -4.78 -38.77
C LEU F 111 -5.45 -3.91 -37.58
N ASP F 112 -6.63 -3.32 -37.67
CA ASP F 112 -7.25 -2.61 -36.55
C ASP F 112 -8.73 -2.93 -36.64
N GLY F 113 -9.02 -4.20 -36.89
CA GLY F 113 -10.39 -4.65 -37.02
C GLY F 113 -10.44 -6.05 -37.60
N LYS F 114 -11.51 -6.36 -38.30
CA LYS F 114 -11.72 -7.69 -38.84
C LYS F 114 -11.37 -7.72 -40.32
N ASP F 115 -11.00 -8.91 -40.81
CA ASP F 115 -10.81 -9.17 -42.23
C ASP F 115 -10.88 -10.68 -42.42
N VAL F 116 -11.41 -11.13 -43.54
CA VAL F 116 -11.63 -12.57 -43.74
C VAL F 116 -10.77 -13.16 -44.86
N ILE F 117 -9.96 -14.15 -44.49
CA ILE F 117 -9.02 -14.78 -45.42
C ILE F 117 -9.60 -16.01 -46.12
N ASN F 118 -9.50 -16.03 -47.45
CA ASN F 118 -9.98 -17.15 -48.23
C ASN F 118 -8.85 -18.13 -48.52
N VAL F 119 -8.82 -19.26 -47.80
CA VAL F 119 -7.78 -20.26 -48.00
C VAL F 119 -8.36 -21.42 -48.79
N ASN F 120 -7.49 -22.30 -49.28
CA ASN F 120 -7.94 -23.47 -50.03
C ASN F 120 -8.22 -24.68 -49.16
N GLY F 121 -9.49 -25.08 -49.08
CA GLY F 121 -10.58 -24.37 -49.72
C GLY F 121 -11.64 -24.09 -48.66
N GLU F 122 -11.53 -22.95 -47.99
CA GLU F 122 -12.33 -22.72 -46.80
C GLU F 122 -12.52 -21.23 -46.46
N GLU F 123 -12.93 -20.97 -45.23
CA GLU F 123 -13.24 -19.63 -44.75
C GLU F 123 -12.82 -19.47 -43.30
N ILE F 124 -11.90 -18.52 -43.06
CA ILE F 124 -11.36 -18.30 -41.72
C ILE F 124 -11.22 -16.80 -41.36
N PHE F 125 -11.53 -16.47 -40.12
CA PHE F 125 -11.71 -15.09 -39.67
C PHE F 125 -10.42 -14.60 -38.99
N ILE F 126 -10.01 -13.37 -39.31
CA ILE F 126 -8.87 -12.74 -38.65
C ILE F 126 -9.26 -11.39 -38.08
N CYS F 127 -8.87 -11.14 -36.84
CA CYS F 127 -8.97 -9.80 -36.29
C CYS F 127 -7.73 -9.49 -35.47
N GLY F 128 -7.50 -8.20 -35.20
CA GLY F 128 -6.36 -7.79 -34.40
C GLY F 128 -6.37 -6.30 -34.14
N THR F 129 -5.49 -5.87 -33.25
CA THR F 129 -5.34 -4.45 -32.98
C THR F 129 -3.95 -4.11 -32.45
N TYR F 130 -3.57 -2.86 -32.62
CA TYR F 130 -2.23 -2.37 -32.26
C TYR F 130 -1.98 -2.45 -30.75
N TYR F 131 -0.76 -2.12 -30.33
CA TYR F 131 -0.44 -2.14 -28.92
C TYR F 131 -1.13 -0.98 -28.25
N HIS F 132 -1.99 -1.29 -27.29
CA HIS F 132 -2.65 -0.25 -26.50
C HIS F 132 -1.88 -0.16 -25.21
N LYS F 133 -1.86 1.01 -24.59
CA LYS F 133 -1.24 1.07 -23.28
C LYS F 133 -2.20 0.55 -22.22
N LYS F 134 -1.60 0.21 -21.10
CA LYS F 134 -2.29 -0.18 -19.89
C LYS F 134 -3.35 0.86 -19.58
N SER F 135 -2.96 2.13 -19.65
CA SER F 135 -3.83 3.29 -19.39
C SER F 135 -5.19 3.13 -20.04
N LYS F 136 -5.19 2.66 -21.28
CA LYS F 136 -6.43 2.45 -22.04
C LYS F 136 -6.81 0.99 -22.21
N ARG F 137 -6.91 0.26 -21.11
CA ARG F 137 -7.39 -1.12 -21.13
C ARG F 137 -8.90 -1.20 -21.44
N GLU F 138 -9.69 -0.35 -20.80
CA GLU F 138 -11.14 -0.36 -20.98
C GLU F 138 -11.47 -0.26 -22.46
N GLU F 139 -10.86 0.72 -23.10
CA GLU F 139 -10.96 0.89 -24.54
C GLU F 139 -10.76 -0.45 -25.24
N MET F 140 -9.70 -1.16 -24.84
CA MET F 140 -9.34 -2.44 -25.46
C MET F 140 -10.40 -3.52 -25.30
N LEU F 141 -11.02 -3.57 -24.13
CA LEU F 141 -11.99 -4.61 -23.85
C LEU F 141 -13.17 -4.53 -24.81
N ASP F 142 -13.71 -3.32 -24.96
CA ASP F 142 -14.83 -3.07 -25.86
C ASP F 142 -14.44 -3.43 -27.29
N LYS F 143 -13.21 -3.10 -27.66
CA LYS F 143 -12.67 -3.46 -28.96
C LYS F 143 -12.75 -5.00 -29.08
N LEU F 144 -12.33 -5.69 -28.02
CA LEU F 144 -12.32 -7.15 -27.94
C LEU F 144 -13.71 -7.78 -27.82
N LYS F 145 -14.58 -7.19 -26.99
CA LYS F 145 -15.96 -7.64 -26.86
C LYS F 145 -16.66 -7.60 -28.21
N ASN F 146 -16.23 -6.66 -29.06
CA ASN F 146 -16.78 -6.51 -30.40
C ASN F 146 -16.22 -7.54 -31.40
N PHE F 147 -14.97 -7.95 -31.20
CA PHE F 147 -14.37 -8.98 -32.05
C PHE F 147 -15.06 -10.31 -31.80
N GLU F 148 -15.36 -10.59 -30.53
CA GLU F 148 -16.12 -11.75 -30.15
C GLU F 148 -17.46 -11.79 -30.88
N SER F 149 -18.12 -10.64 -30.93
CA SER F 149 -19.44 -10.52 -31.54
C SER F 149 -19.43 -10.81 -33.04
N GLU F 150 -18.44 -10.27 -33.74
CA GLU F 150 -18.38 -10.41 -35.19
C GLU F 150 -17.84 -11.78 -35.59
N ALA F 151 -17.33 -12.52 -34.62
CA ALA F 151 -16.70 -13.80 -34.91
C ALA F 151 -17.52 -15.00 -34.43
N LYS F 152 -18.67 -14.73 -33.81
CA LYS F 152 -19.51 -15.79 -33.27
C LYS F 152 -19.90 -16.81 -34.34
N ASN F 153 -20.38 -16.34 -35.48
CA ASN F 153 -20.85 -17.22 -36.55
C ASN F 153 -19.76 -17.71 -37.51
N TYR F 154 -18.51 -17.69 -37.04
CA TYR F 154 -17.38 -18.17 -37.83
C TYR F 154 -16.77 -19.42 -37.21
N LYS F 155 -16.44 -20.39 -38.05
CA LYS F 155 -15.93 -21.68 -37.59
C LYS F 155 -14.53 -21.55 -36.98
N LYS F 156 -13.57 -21.14 -37.80
CA LYS F 156 -12.18 -21.01 -37.39
C LYS F 156 -11.81 -19.53 -37.26
N LYS F 157 -11.44 -19.10 -36.05
CA LYS F 157 -11.21 -17.68 -35.79
C LYS F 157 -9.85 -17.39 -35.13
N ILE F 158 -9.10 -16.44 -35.68
CA ILE F 158 -7.81 -16.08 -35.10
C ILE F 158 -7.77 -14.62 -34.63
N LEU F 159 -7.25 -14.41 -33.43
CA LEU F 159 -7.09 -13.07 -32.86
C LEU F 159 -5.61 -12.71 -32.78
N MET F 160 -5.27 -11.49 -33.21
CA MET F 160 -3.89 -10.99 -33.16
C MET F 160 -3.74 -9.83 -32.16
N LEU F 161 -2.77 -9.94 -31.26
CA LEU F 161 -2.56 -8.90 -30.24
C LEU F 161 -1.08 -8.73 -29.91
N HIS F 162 -0.72 -7.53 -29.45
CA HIS F 162 0.63 -7.29 -28.92
C HIS F 162 0.50 -6.76 -27.51
N GLN F 163 0.27 -7.66 -26.55
CA GLN F 163 0.13 -7.22 -25.17
C GLN F 163 0.81 -8.19 -24.21
N GLY F 164 0.96 -7.75 -22.97
CA GLY F 164 1.38 -8.63 -21.90
C GLY F 164 0.15 -9.06 -21.11
N ILE F 165 -0.04 -10.36 -20.96
CA ILE F 165 -1.21 -10.87 -20.27
C ILE F 165 -0.85 -11.33 -18.83
N ASN F 166 -1.72 -11.01 -17.88
CA ASN F 166 -1.41 -11.05 -16.44
C ASN F 166 -0.73 -12.29 -15.84
N PRO F 167 -1.27 -13.49 -16.07
CA PRO F 167 -0.59 -14.63 -15.47
C PRO F 167 0.76 -14.84 -16.15
N TYR F 168 0.83 -14.47 -17.42
CA TYR F 168 1.96 -14.80 -18.27
C TYR F 168 3.10 -13.81 -18.06
N ILE F 169 2.78 -12.62 -17.57
CA ILE F 169 3.82 -11.63 -17.25
C ILE F 169 3.41 -10.59 -16.19
N PRO F 170 3.70 -10.89 -14.91
CA PRO F 170 3.37 -10.16 -13.68
C PRO F 170 3.49 -8.63 -13.74
N LEU F 171 4.65 -8.09 -14.08
CA LEU F 171 4.79 -6.64 -14.21
C LEU F 171 5.58 -6.21 -15.44
N ASP F 172 4.93 -5.49 -16.34
CA ASP F 172 3.52 -5.13 -16.17
C ASP F 172 2.72 -5.77 -17.28
N TYR F 173 1.43 -5.99 -17.04
CA TYR F 173 0.58 -6.58 -18.04
C TYR F 173 -0.50 -5.56 -18.33
N GLU F 174 -1.11 -5.65 -19.51
CA GLU F 174 -2.21 -4.74 -19.81
C GLU F 174 -3.55 -5.48 -19.75
N LEU F 175 -3.49 -6.78 -19.99
CA LEU F 175 -4.70 -7.58 -20.01
C LEU F 175 -4.62 -8.75 -19.03
N GLU F 176 -5.75 -9.08 -18.43
CA GLU F 176 -5.86 -10.22 -17.55
C GLU F 176 -6.27 -11.37 -18.46
N HIS F 177 -5.76 -12.58 -18.24
CA HIS F 177 -6.06 -13.65 -19.20
C HIS F 177 -7.56 -13.91 -19.40
N PHE F 178 -8.39 -13.36 -18.51
CA PHE F 178 -9.82 -13.55 -18.65
C PHE F 178 -10.44 -12.41 -19.45
N ASP F 179 -9.60 -11.56 -20.03
CA ASP F 179 -10.11 -10.45 -20.82
C ASP F 179 -10.37 -10.87 -22.25
N LEU F 180 -9.54 -11.78 -22.78
CA LEU F 180 -9.67 -12.13 -24.18
C LEU F 180 -10.68 -13.24 -24.41
N PRO F 181 -11.65 -13.00 -25.31
CA PRO F 181 -12.72 -13.91 -25.70
C PRO F 181 -12.19 -15.18 -26.30
N LYS F 182 -13.09 -16.11 -26.61
CA LYS F 182 -12.70 -17.40 -27.18
C LYS F 182 -12.39 -17.28 -28.66
N PHE F 183 -11.15 -17.58 -29.01
CA PHE F 183 -10.71 -17.65 -30.39
C PHE F 183 -9.90 -18.93 -30.53
N SER F 184 -9.75 -19.41 -31.77
CA SER F 184 -9.01 -20.66 -32.02
C SER F 184 -7.54 -20.52 -31.65
N TYR F 185 -6.89 -19.50 -32.21
CA TYR F 185 -5.47 -19.28 -32.00
C TYR F 185 -5.24 -17.85 -31.48
N TYR F 186 -4.45 -17.73 -30.42
CA TYR F 186 -4.14 -16.41 -29.88
C TYR F 186 -2.75 -15.98 -30.31
N ALA F 187 -2.68 -15.27 -31.42
CA ALA F 187 -1.41 -14.80 -31.95
C ALA F 187 -0.93 -13.59 -31.16
N LEU F 188 -0.08 -13.83 -30.17
CA LEU F 188 0.32 -12.76 -29.26
C LEU F 188 1.76 -12.30 -29.48
N GLY F 189 2.11 -11.15 -28.91
CA GLY F 189 3.38 -10.50 -29.25
C GLY F 189 4.32 -10.02 -28.17
N HIS F 190 3.87 -9.09 -27.33
CA HIS F 190 4.75 -8.28 -26.47
C HIS F 190 5.86 -9.01 -25.69
N ILE F 191 5.70 -10.32 -25.53
CA ILE F 191 6.62 -11.13 -24.73
C ILE F 191 7.69 -11.77 -25.62
N HIS F 192 8.92 -11.79 -25.13
CA HIS F 192 10.07 -12.24 -25.92
C HIS F 192 10.35 -13.75 -25.88
N LYS F 193 9.88 -14.43 -24.83
CA LYS F 193 10.10 -15.88 -24.73
C LYS F 193 8.97 -16.68 -25.38
N ARG F 194 9.29 -17.88 -25.85
CA ARG F 194 8.30 -18.73 -26.47
C ARG F 194 7.28 -19.13 -25.43
N ILE F 195 6.00 -18.94 -25.77
CA ILE F 195 4.92 -19.36 -24.89
C ILE F 195 3.81 -20.01 -25.71
N LEU F 196 3.65 -21.31 -25.56
CA LEU F 196 2.59 -22.01 -26.27
C LEU F 196 1.87 -22.94 -25.31
N GLU F 197 0.56 -22.75 -25.18
CA GLU F 197 -0.24 -23.62 -24.33
C GLU F 197 -1.73 -23.50 -24.60
N ARG F 198 -2.45 -24.58 -24.32
CA ARG F 198 -3.90 -24.60 -24.50
C ARG F 198 -4.50 -23.57 -23.56
N PHE F 199 -5.61 -22.96 -23.98
CA PHE F 199 -6.18 -21.85 -23.27
C PHE F 199 -7.58 -21.58 -23.79
N ASN F 200 -8.52 -21.38 -22.88
CA ASN F 200 -9.91 -21.03 -23.21
C ASN F 200 -10.49 -21.74 -24.43
N ASP F 201 -10.47 -23.08 -24.39
CA ASP F 201 -11.01 -23.92 -25.47
C ASP F 201 -10.38 -23.60 -26.82
N GLY F 202 -9.05 -23.55 -26.84
CA GLY F 202 -8.30 -23.20 -28.03
C GLY F 202 -6.83 -23.20 -27.69
N ILE F 203 -6.05 -22.39 -28.39
CA ILE F 203 -4.61 -22.39 -28.16
C ILE F 203 -3.94 -21.00 -28.30
N LEU F 204 -3.21 -20.61 -27.26
CA LEU F 204 -2.61 -19.28 -27.19
C LEU F 204 -1.10 -19.35 -27.40
N ALA F 205 -0.54 -18.37 -28.12
CA ALA F 205 0.88 -18.38 -28.40
C ALA F 205 1.54 -17.00 -28.41
N TYR F 206 2.72 -16.92 -27.81
CA TYR F 206 3.61 -15.78 -28.01
C TYR F 206 4.75 -16.36 -28.84
N SER F 207 4.91 -15.85 -30.06
CA SER F 207 5.90 -16.40 -30.97
C SER F 207 7.30 -16.20 -30.44
N GLY F 208 7.49 -15.15 -29.66
CA GLY F 208 8.76 -14.88 -29.02
C GLY F 208 9.76 -14.25 -29.97
N SER F 209 10.73 -13.54 -29.39
CA SER F 209 11.73 -12.82 -30.16
C SER F 209 12.58 -13.76 -31.02
N THR F 210 12.94 -13.28 -32.20
CA THR F 210 13.70 -14.09 -33.16
C THR F 210 15.20 -13.90 -32.96
N GLU F 211 15.56 -13.15 -31.93
CA GLU F 211 16.97 -13.03 -31.53
C GLU F 211 16.98 -12.59 -30.08
N ILE F 212 18.14 -12.67 -29.43
CA ILE F 212 18.24 -12.31 -28.02
C ILE F 212 18.29 -10.80 -27.80
N ILE F 213 17.19 -10.23 -27.30
CA ILE F 213 17.07 -8.78 -27.12
C ILE F 213 17.55 -8.34 -25.74
N TYR F 214 17.50 -9.24 -24.77
CA TYR F 214 17.94 -8.93 -23.42
C TYR F 214 18.91 -9.97 -22.87
N ARG F 215 19.68 -9.56 -21.87
CA ARG F 215 20.67 -10.39 -21.18
C ARG F 215 20.05 -11.63 -20.53
N ASN F 216 18.72 -11.71 -20.58
CA ASN F 216 17.95 -12.73 -19.90
C ASN F 216 17.87 -14.02 -20.72
N GLU F 217 17.52 -13.89 -22.00
CA GLU F 217 17.13 -15.04 -22.81
C GLU F 217 18.28 -15.92 -23.29
N TYR F 218 19.45 -15.80 -22.69
CA TYR F 218 20.62 -16.56 -23.11
C TYR F 218 20.40 -18.07 -22.98
N GLU F 219 19.63 -18.48 -21.97
CA GLU F 219 19.38 -19.89 -21.70
C GLU F 219 17.94 -20.33 -21.97
N ASP F 220 17.02 -19.36 -22.03
CA ASP F 220 15.64 -19.65 -22.43
C ASP F 220 15.62 -20.07 -23.90
N TYR F 221 16.56 -19.54 -24.67
CA TYR F 221 16.77 -19.93 -26.05
C TYR F 221 17.33 -21.35 -26.11
N LYS F 222 18.09 -21.72 -25.09
CA LYS F 222 18.66 -23.07 -24.99
C LYS F 222 17.59 -24.15 -24.87
N LYS F 223 16.59 -23.92 -24.02
CA LYS F 223 15.62 -24.97 -23.71
C LYS F 223 14.38 -24.98 -24.63
N GLU F 224 13.90 -23.81 -25.02
CA GLU F 224 12.72 -23.73 -25.86
C GLU F 224 13.05 -23.50 -27.35
N GLY F 225 14.14 -22.78 -27.59
CA GLY F 225 14.56 -22.45 -28.95
C GLY F 225 13.81 -21.27 -29.51
N LYS F 226 14.52 -20.32 -30.12
CA LYS F 226 13.89 -19.13 -30.66
C LYS F 226 13.63 -19.27 -32.16
N GLY F 227 12.61 -18.57 -32.63
CA GLY F 227 12.20 -18.65 -34.02
C GLY F 227 10.74 -18.25 -34.19
N PHE F 228 9.96 -19.11 -34.84
CA PHE F 228 8.54 -18.88 -35.03
C PHE F 228 7.76 -20.18 -35.10
N TYR F 229 6.45 -20.09 -34.90
CA TYR F 229 5.59 -21.26 -34.92
C TYR F 229 5.03 -21.49 -36.33
N LEU F 230 4.71 -22.75 -36.63
CA LEU F 230 4.06 -23.07 -37.90
C LEU F 230 2.78 -23.86 -37.69
N VAL F 231 1.64 -23.19 -37.80
CA VAL F 231 0.35 -23.81 -37.57
C VAL F 231 -0.30 -24.24 -38.89
N ASP F 232 -0.91 -25.42 -38.92
CA ASP F 232 -1.58 -25.89 -40.13
C ASP F 232 -3.07 -25.56 -40.20
N PHE F 233 -3.80 -25.89 -39.13
CA PHE F 233 -5.23 -25.60 -39.02
C PHE F 233 -6.09 -26.19 -40.14
N SER F 234 -5.71 -27.36 -40.65
CA SER F 234 -6.50 -28.04 -41.69
C SER F 234 -7.79 -28.61 -41.09
N GLY F 235 -7.65 -29.35 -40.01
CA GLY F 235 -8.77 -30.02 -39.38
C GLY F 235 -9.70 -29.09 -38.60
N ASN F 236 -10.76 -29.67 -38.06
CA ASN F 236 -11.76 -28.90 -37.31
C ASN F 236 -11.22 -28.32 -36.01
N ASP F 237 -10.48 -29.14 -35.26
CA ASP F 237 -9.88 -28.70 -34.01
C ASP F 237 -8.42 -28.33 -34.19
N LEU F 238 -7.91 -27.56 -33.23
CA LEU F 238 -6.48 -27.27 -33.17
C LEU F 238 -5.91 -27.53 -31.79
N ASP F 239 -4.81 -28.28 -31.75
CA ASP F 239 -4.15 -28.62 -30.51
C ASP F 239 -2.68 -28.26 -30.64
N ILE F 240 -1.90 -28.50 -29.59
CA ILE F 240 -0.47 -28.26 -29.66
C ILE F 240 0.11 -29.20 -30.72
N SER F 241 -0.52 -30.36 -30.87
CA SER F 241 -0.07 -31.39 -31.81
C SER F 241 -0.05 -30.94 -33.28
N ASP F 242 -0.77 -29.87 -33.61
CA ASP F 242 -0.76 -29.33 -34.97
C ASP F 242 0.03 -28.02 -35.13
N ILE F 243 1.11 -27.88 -34.36
CA ILE F 243 1.99 -26.71 -34.45
C ILE F 243 3.47 -27.12 -34.48
N GLU F 244 4.14 -26.88 -35.60
CA GLU F 244 5.58 -27.15 -35.69
C GLU F 244 6.34 -25.86 -35.38
N LYS F 245 7.32 -25.95 -34.50
CA LYS F 245 8.15 -24.78 -34.19
C LYS F 245 9.53 -24.83 -34.83
N ILE F 246 9.77 -23.90 -35.77
CA ILE F 246 11.05 -23.79 -36.45
C ILE F 246 12.03 -22.91 -35.70
N ASP F 247 13.17 -23.48 -35.34
CA ASP F 247 14.17 -22.75 -34.56
C ASP F 247 15.12 -21.97 -35.46
N ILE F 248 15.83 -21.01 -34.88
CA ILE F 248 16.72 -20.14 -35.64
C ILE F 248 18.06 -19.96 -34.92
N GLU F 249 19.14 -20.23 -35.65
CA GLU F 249 20.50 -20.11 -35.15
C GLU F 249 20.84 -18.66 -34.83
N CYS F 250 21.31 -18.40 -33.61
CA CYS F 250 21.71 -17.04 -33.24
C CYS F 250 22.85 -16.96 -32.22
N ARG F 251 23.39 -15.76 -32.05
CA ARG F 251 24.61 -15.49 -31.29
C ARG F 251 24.58 -16.02 -29.84
N GLU F 252 25.63 -16.74 -29.45
CA GLU F 252 25.70 -17.39 -28.13
C GLU F 252 26.33 -16.52 -27.03
N PHE F 253 25.82 -16.68 -25.80
CA PHE F 253 26.33 -15.92 -24.65
C PHE F 253 26.89 -16.88 -23.60
N VAL F 254 28.14 -16.66 -23.17
CA VAL F 254 28.75 -17.51 -22.14
C VAL F 254 29.01 -16.81 -20.79
N GLU F 255 28.57 -17.44 -19.71
CA GLU F 255 28.80 -16.95 -18.34
C GLU F 255 30.01 -17.61 -17.66
N VAL F 256 30.78 -16.82 -16.91
CA VAL F 256 31.95 -17.34 -16.19
C VAL F 256 31.94 -16.95 -14.71
N ASN F 257 32.65 -17.72 -13.88
CA ASN F 257 32.77 -17.41 -12.44
C ASN F 257 34.10 -17.82 -11.84
N ILE F 258 35.17 -17.12 -12.20
CA ILE F 258 36.51 -17.51 -11.77
C ILE F 258 36.79 -17.09 -10.32
N LYS F 259 36.79 -18.07 -9.43
CA LYS F 259 37.06 -17.84 -8.02
C LYS F 259 38.22 -18.73 -7.58
N ASP F 260 38.52 -19.69 -8.45
CA ASP F 260 39.64 -20.60 -8.28
C ASP F 260 40.01 -21.11 -9.66
N LYS F 261 40.96 -22.03 -9.74
CA LYS F 261 41.34 -22.61 -11.02
C LYS F 261 40.23 -23.51 -11.60
N LYS F 262 39.41 -24.08 -10.71
CA LYS F 262 38.32 -24.97 -11.13
C LYS F 262 37.35 -24.33 -12.13
N SER F 263 36.69 -23.25 -11.72
CA SER F 263 35.75 -22.56 -12.57
C SER F 263 36.49 -21.86 -13.72
N PHE F 264 37.74 -21.52 -13.47
CA PHE F 264 38.60 -20.80 -14.41
C PHE F 264 38.85 -21.54 -15.73
N ASN F 265 39.40 -22.74 -15.65
CA ASN F 265 39.65 -23.54 -16.87
C ASN F 265 38.38 -24.05 -17.55
N GLU F 266 37.38 -24.39 -16.75
CA GLU F 266 36.10 -24.86 -17.28
C GLU F 266 35.40 -23.77 -18.07
N ALA F 267 35.59 -22.52 -17.64
CA ALA F 267 35.04 -21.37 -18.33
C ALA F 267 35.72 -21.17 -19.69
N VAL F 268 37.05 -21.29 -19.70
CA VAL F 268 37.82 -21.15 -20.93
C VAL F 268 37.40 -22.20 -21.96
N ASN F 269 37.30 -23.45 -21.51
CA ASN F 269 36.93 -24.57 -22.38
C ASN F 269 35.52 -24.49 -22.96
N LYS F 270 34.56 -24.11 -22.12
CA LYS F 270 33.16 -23.95 -22.55
C LYS F 270 33.01 -22.89 -23.65
N ILE F 271 33.85 -21.87 -23.60
CA ILE F 271 33.85 -20.82 -24.63
C ILE F 271 34.33 -21.39 -25.95
N GLU F 272 35.22 -22.36 -25.88
CA GLU F 272 35.84 -22.96 -27.07
C GLU F 272 34.86 -23.70 -27.98
N ARG F 273 33.86 -24.33 -27.39
CA ARG F 273 32.89 -25.13 -28.15
C ARG F 273 31.81 -24.26 -28.83
N CYS F 274 32.03 -22.96 -28.88
CA CYS F 274 31.07 -22.04 -29.49
C CYS F 274 31.11 -22.09 -31.02
N LYS F 275 29.92 -22.15 -31.63
CA LYS F 275 29.78 -22.16 -33.08
C LYS F 275 30.12 -20.80 -33.70
N ASN F 276 29.67 -19.73 -33.04
CA ASN F 276 29.94 -18.38 -33.51
C ASN F 276 30.63 -17.56 -32.42
N LYS F 277 31.53 -16.67 -32.83
CA LYS F 277 32.30 -15.84 -31.91
C LYS F 277 31.43 -15.30 -30.80
N PRO F 278 31.68 -15.73 -29.56
CA PRO F 278 30.73 -15.45 -28.49
C PRO F 278 31.02 -14.17 -27.72
N VAL F 279 29.96 -13.64 -27.12
CA VAL F 279 30.08 -12.56 -26.15
C VAL F 279 30.28 -13.18 -24.78
N VAL F 280 31.42 -12.87 -24.14
CA VAL F 280 31.71 -13.44 -22.84
C VAL F 280 31.36 -12.46 -21.71
N PHE F 281 30.72 -12.99 -20.67
CA PHE F 281 30.30 -12.20 -19.52
C PHE F 281 30.29 -13.06 -18.26
N GLY F 282 30.09 -12.43 -17.10
CA GLY F 282 30.04 -13.12 -15.82
C GLY F 282 30.97 -12.51 -14.81
N LYS F 283 31.67 -13.33 -14.04
CA LYS F 283 32.56 -12.83 -13.00
C LYS F 283 33.97 -13.36 -13.15
N ILE F 284 34.94 -12.50 -12.88
CA ILE F 284 36.34 -12.90 -12.83
C ILE F 284 36.97 -12.23 -11.62
N LYS F 285 37.66 -13.00 -10.80
CA LYS F 285 38.35 -12.46 -9.64
C LYS F 285 39.50 -11.56 -10.11
N ARG F 286 39.65 -10.42 -9.45
CA ARG F 286 40.69 -9.43 -9.76
C ARG F 286 42.06 -10.09 -9.96
N GLU F 287 42.33 -11.13 -9.17
CA GLU F 287 43.58 -11.88 -9.22
C GLU F 287 43.77 -12.53 -10.59
N PHE F 288 42.66 -12.74 -11.29
CA PHE F 288 42.64 -13.51 -12.54
C PHE F 288 42.49 -12.65 -13.81
N LYS F 289 42.21 -11.36 -13.64
CA LYS F 289 41.83 -10.50 -14.78
C LYS F 289 42.80 -10.37 -15.98
N PRO F 290 44.12 -10.34 -15.76
CA PRO F 290 44.99 -10.28 -16.93
C PRO F 290 44.95 -11.52 -17.83
N TRP F 291 44.46 -12.66 -17.32
CA TRP F 291 44.52 -13.92 -18.06
C TRP F 291 43.83 -13.98 -19.41
N PHE F 292 42.53 -13.68 -19.47
CA PHE F 292 41.84 -13.77 -20.76
C PHE F 292 42.15 -12.59 -21.66
N ASP F 293 42.60 -11.49 -21.08
CA ASP F 293 42.92 -10.33 -21.90
C ASP F 293 44.18 -10.60 -22.72
N THR F 294 44.85 -11.71 -22.40
CA THR F 294 45.96 -12.21 -23.20
C THR F 294 45.38 -13.15 -24.26
N LEU F 295 44.22 -13.73 -23.95
CA LEU F 295 43.56 -14.71 -24.81
C LEU F 295 42.39 -14.07 -25.56
N LYS F 296 42.29 -12.75 -25.48
CA LYS F 296 41.18 -11.97 -26.04
C LYS F 296 41.06 -11.94 -27.57
N ASP F 297 42.08 -12.44 -28.28
CA ASP F 297 42.12 -12.34 -29.74
C ASP F 297 41.12 -13.24 -30.49
N LYS F 298 40.78 -14.39 -29.93
CA LYS F 298 39.87 -15.32 -30.61
C LYS F 298 38.39 -14.96 -30.42
N ILE F 299 38.13 -13.86 -29.70
CA ILE F 299 36.77 -13.47 -29.36
C ILE F 299 36.40 -12.07 -29.88
N LEU F 300 35.13 -11.89 -30.23
CA LEU F 300 34.63 -10.63 -30.76
C LEU F 300 34.53 -9.53 -29.71
N ILE F 301 33.85 -9.81 -28.59
CA ILE F 301 33.72 -8.79 -27.54
C ILE F 301 33.79 -9.37 -26.12
N ASN F 302 34.72 -8.79 -25.36
CA ASN F 302 34.98 -9.16 -23.98
C ASN F 302 34.39 -8.16 -22.98
N LYS F 303 33.34 -8.55 -22.26
CA LYS F 303 32.71 -7.67 -21.28
C LYS F 303 31.99 -8.45 -20.17
N ALA F 304 32.49 -8.32 -18.94
CA ALA F 304 31.99 -9.10 -17.80
C ALA F 304 31.49 -8.22 -16.64
N ILE F 305 30.51 -8.75 -15.90
CA ILE F 305 29.93 -8.04 -14.76
C ILE F 305 30.82 -8.15 -13.53
N ILE F 306 31.11 -7.03 -12.89
CA ILE F 306 31.98 -7.05 -11.71
C ILE F 306 31.17 -7.03 -10.42
N VAL F 307 31.01 -8.21 -9.81
CA VAL F 307 30.27 -8.34 -8.56
C VAL F 307 31.21 -8.63 -7.39
#